data_1Z2B
#
_entry.id   1Z2B
#
_cell.length_a   324.852
_cell.length_b   324.852
_cell.length_c   54.208
_cell.angle_alpha   90.00
_cell.angle_beta   90.00
_cell.angle_gamma   120.00
#
_symmetry.space_group_name_H-M   'P 65'
#
loop_
_entity.id
_entity.type
_entity.pdbx_description
1 polymer 'Tubulin alpha chain'
2 polymer 'Tubulin beta chain'
3 polymer 'RB3 STATHMIN-LIKE DOMAIN 4'
4 non-polymer 'MAGNESIUM ION'
5 non-polymer "GUANOSINE-5'-TRIPHOSPHATE"
6 non-polymer "GUANOSINE-5'-DIPHOSPHATE"
7 non-polymer 2-MERCAPTO-N-[1,2,3,10-TETRAMETHOXY-9-OXO-5,6,7,9-TETRAHYDRO-BENZO[A]HEPTALEN-7-YL]ACETAMIDE
8 non-polymer "(2ALPHA,2'BETA,3BETA,4ALPHA,5BETA)-VINCALEUKOBLASTINE"
#
loop_
_entity_poly.entity_id
_entity_poly.type
_entity_poly.pdbx_seq_one_letter_code
_entity_poly.pdbx_strand_id
1 'polypeptide(L)'
;MRECISIHVGQAGVQIGNACWELYCLEHGIQPDGQMPSDKTIGGGDDSFNTFFSETGAGKHVPRAVFVDLEPTVIDEVRT
GTYRQLFHPEQLITGKEDAANNYARGHYTIGKEIIDLVLDRIRKLADQCTGLQGFLVFHSFGGGTGSGFTSLLMERLSVD
YGKKSKLEFSIYPAPQVSTAVVEPYNSILTTHTTLEHSDCAFMVDNEAIYDICRRNLDIERPTYTNLNRLIGQIVSSITA
SLRFDGALNVDLTEFQTNLVPYPRIHFPLATYAPVISAEKAYHEQLSVAEITNACFEPANQMVKCDPRHGKYMACCLLYR
GDVVPKDVNAAIATIKTKRSIQFVDWCPTGFKVGINYQPPTVVPGGDLAKVQRAVCMLSNTTAIAEAWARLDHKFDLMYA
KRAFVHWYVGEGMEEGEFSEAREDMAALEKDYEEVGIDSYEDEDEGEE
;
A,C
2 'polypeptide(L)'
;MREIVHIQAGQCGNQIGAKFWEVISDEHGIDPTGSYHGDSDLQLERINVYYNEATGNKYVPRAILVDLEPGTMDSVRSGP
FGQIFRPDNFVFGQSGAGNNWAKGHYTEGAELVDSVLDVVRKESESCDCLQGFQLTHSLGGGTGSGMGTLLISKIREEYP
DRIMNTFSVVPSPKVSDTVVEPYNATLSVHQLVENTDETYSIDNEALYDICFRTLKLTTPTYGDLNHLVSATMSGVTTCL
RFPGQLNADLRKLAVNMVPFPRLHFFMPGFAPLTSRGSQQYRALTVPELTQQMFDSKNMMAACDPRHGRYLTVAAVFRGR
MSMKEVDEQMLNVQNKNSSYFVEWIPNNVKTAVCDIPPRGLKMSATFIGNSTAIQELFKRISEQFTAMFRRKAFLHWYTG
EGMDEMEFTEAESNMNDLVSEYQQYQDATADEQGEFEEEEGEDEA
;
B,D
3 'polypeptide(L)'
;ADMEVIELNKCTSGQSFEVILKPPSFDGVPEFNASLPRRRDPSLEEIQKKLEAAEERRKYQEAELLKHLAEKREHEREVI
QKAIEENNNFIKMAKEKLAQKMESNKENREAHLAAMLERLQEKDKHAEEVRKNKELKEEASR
;
E
#
# COMPACT_ATOMS: atom_id res chain seq x y z
N ARG A 2 14.34 -46.43 60.06
CA ARG A 2 15.42 -45.65 60.76
C ARG A 2 15.49 -44.16 60.34
N GLU A 3 15.80 -43.89 59.07
CA GLU A 3 15.88 -42.53 58.50
C GLU A 3 14.83 -42.27 57.41
N CYS A 4 14.50 -40.99 57.18
CA CYS A 4 13.28 -40.71 56.42
C CYS A 4 13.28 -39.44 55.56
N ILE A 5 13.78 -39.58 54.33
CA ILE A 5 13.99 -38.45 53.44
C ILE A 5 12.70 -37.81 52.92
N SER A 6 12.72 -36.50 52.85
CA SER A 6 11.64 -35.75 52.26
C SER A 6 12.03 -35.22 50.87
N ILE A 7 11.22 -35.49 49.86
CA ILE A 7 11.37 -34.89 48.55
C ILE A 7 10.12 -34.08 48.27
N HIS A 8 10.27 -32.79 48.04
CA HIS A 8 9.12 -31.95 47.69
C HIS A 8 9.30 -31.43 46.29
N VAL A 9 8.58 -31.99 45.34
CA VAL A 9 8.74 -31.52 43.98
C VAL A 9 7.61 -30.57 43.66
N GLY A 10 7.93 -29.46 43.03
CA GLY A 10 6.90 -28.66 42.38
C GLY A 10 6.12 -27.71 43.24
N GLN A 11 5.91 -26.49 42.73
CA GLN A 11 5.47 -25.35 43.51
C GLN A 11 4.66 -25.75 44.75
N ALA A 12 3.54 -26.43 44.52
CA ALA A 12 2.62 -26.84 45.57
C ALA A 12 3.34 -27.66 46.60
N GLY A 13 3.94 -28.76 46.14
CA GLY A 13 4.74 -29.66 46.98
C GLY A 13 5.73 -28.93 47.89
N VAL A 14 6.51 -28.02 47.29
CA VAL A 14 7.43 -27.18 48.03
C VAL A 14 6.75 -26.29 49.06
N GLN A 15 5.80 -25.47 48.62
CA GLN A 15 5.11 -24.59 49.55
C GLN A 15 4.49 -25.35 50.73
N ILE A 16 3.88 -26.51 50.45
CA ILE A 16 3.35 -27.39 51.49
C ILE A 16 4.49 -27.81 52.39
N GLY A 17 5.56 -28.24 51.74
CA GLY A 17 6.73 -28.74 52.43
C GLY A 17 7.29 -27.67 53.31
N ASN A 18 7.35 -26.46 52.78
CA ASN A 18 7.93 -25.36 53.51
C ASN A 18 7.25 -25.10 54.83
N ALA A 19 5.92 -25.19 54.84
CA ALA A 19 5.14 -24.87 56.03
C ALA A 19 4.78 -26.08 56.90
N CYS A 20 5.33 -27.23 56.53
CA CYS A 20 5.30 -28.31 57.46
C CYS A 20 6.68 -28.72 57.94
N TRP A 21 7.73 -28.18 57.35
CA TRP A 21 9.01 -28.34 58.00
C TRP A 21 9.01 -27.33 59.13
N GLU A 22 8.40 -26.18 58.87
CA GLU A 22 8.25 -25.15 59.87
C GLU A 22 7.53 -25.70 61.08
N LEU A 23 6.52 -26.51 60.85
CA LEU A 23 5.78 -27.10 61.95
C LEU A 23 6.55 -28.19 62.66
N TYR A 24 7.36 -28.95 61.92
CA TYR A 24 8.24 -29.96 62.51
C TYR A 24 9.20 -29.27 63.43
N CYS A 25 9.72 -28.12 62.98
CA CYS A 25 10.67 -27.33 63.77
C CYS A 25 10.08 -26.76 65.06
N LEU A 26 8.83 -26.33 64.98
CA LEU A 26 8.19 -25.78 66.15
C LEU A 26 7.94 -26.90 67.15
N GLU A 27 7.65 -28.11 66.64
CA GLU A 27 7.32 -29.32 67.45
C GLU A 27 8.52 -29.89 68.16
N HIS A 28 9.66 -29.87 67.49
CA HIS A 28 10.89 -30.43 68.03
C HIS A 28 11.81 -29.37 68.66
N GLY A 29 11.44 -28.10 68.49
CA GLY A 29 12.15 -26.99 69.11
C GLY A 29 13.49 -26.72 68.46
N ILE A 30 13.46 -26.42 67.17
CA ILE A 30 14.64 -26.01 66.44
C ILE A 30 14.44 -24.59 66.00
N GLN A 31 15.09 -23.64 66.68
CA GLN A 31 15.12 -22.27 66.20
C GLN A 31 15.77 -22.25 64.81
N PRO A 32 15.10 -21.62 63.85
CA PRO A 32 15.56 -21.51 62.46
C PRO A 32 17.05 -21.72 62.19
N ASP A 33 17.94 -20.95 62.80
CA ASP A 33 19.37 -21.10 62.49
C ASP A 33 19.71 -22.59 62.34
N GLY A 34 19.26 -23.40 63.29
CA GLY A 34 19.51 -24.81 63.18
C GLY A 34 19.56 -25.52 64.50
N GLN A 35 20.20 -24.91 65.52
CA GLN A 35 20.48 -25.54 66.83
C GLN A 35 19.26 -25.65 67.78
N MET A 36 19.15 -26.78 68.49
CA MET A 36 18.11 -27.02 69.52
C MET A 36 18.71 -26.98 70.96
N PRO A 37 18.14 -26.21 71.90
CA PRO A 37 18.57 -26.29 73.33
C PRO A 37 18.23 -27.60 74.05
N ASP A 47 18.95 -40.55 69.51
CA ASP A 47 18.14 -40.56 68.30
C ASP A 47 16.75 -39.81 68.49
N SER A 48 15.62 -40.50 68.78
CA SER A 48 14.31 -39.86 69.15
C SER A 48 13.56 -39.14 67.99
N PHE A 49 14.13 -38.02 67.56
CA PHE A 49 13.67 -37.19 66.45
C PHE A 49 14.75 -37.11 65.36
N ASN A 50 15.75 -37.97 65.50
CA ASN A 50 16.68 -38.25 64.43
C ASN A 50 15.94 -38.74 63.19
N THR A 51 14.76 -39.34 63.38
CA THR A 51 13.97 -39.84 62.25
C THR A 51 14.06 -38.94 61.02
N PHE A 52 13.96 -37.62 61.23
CA PHE A 52 13.79 -36.66 60.12
C PHE A 52 14.93 -35.69 59.97
N PHE A 53 15.77 -35.58 60.99
CA PHE A 53 16.84 -34.61 60.93
C PHE A 53 18.24 -35.30 60.97
N SER A 54 19.23 -34.73 60.25
CA SER A 54 20.61 -35.22 60.26
C SER A 54 21.51 -34.24 61.01
N GLU A 55 21.83 -34.57 62.26
CA GLU A 55 22.58 -33.67 63.13
C GLU A 55 23.94 -33.25 62.52
N THR A 56 23.88 -32.30 61.58
CA THR A 56 25.07 -31.86 60.83
C THR A 56 25.99 -30.92 61.63
N GLY A 57 27.30 -31.05 61.45
CA GLY A 57 28.26 -30.19 62.12
C GLY A 57 28.02 -30.24 63.62
N ALA A 58 28.62 -29.33 64.36
CA ALA A 58 28.45 -29.34 65.82
C ALA A 58 27.64 -28.16 66.35
N GLY A 59 26.48 -27.94 65.76
CA GLY A 59 25.58 -26.91 66.22
C GLY A 59 24.21 -27.15 65.61
N LYS A 60 24.18 -27.38 64.30
CA LYS A 60 22.99 -27.36 63.41
C LYS A 60 22.18 -28.67 63.33
N HIS A 61 21.03 -28.62 62.66
CA HIS A 61 20.14 -29.78 62.64
C HIS A 61 19.65 -30.25 61.25
N VAL A 62 19.88 -29.46 60.19
CA VAL A 62 19.46 -29.78 58.79
C VAL A 62 18.47 -30.95 58.50
N PRO A 63 17.31 -30.64 57.92
CA PRO A 63 16.34 -31.66 57.48
C PRO A 63 16.95 -32.69 56.56
N ARG A 64 16.25 -33.79 56.36
CA ARG A 64 16.63 -34.75 55.36
C ARG A 64 15.65 -34.50 54.26
N ALA A 65 15.86 -33.36 53.63
CA ALA A 65 14.94 -32.87 52.64
C ALA A 65 15.67 -32.58 51.34
N VAL A 66 14.94 -32.65 50.22
CA VAL A 66 15.39 -32.07 48.96
C VAL A 66 14.19 -31.45 48.28
N PHE A 67 14.41 -30.29 47.69
CA PHE A 67 13.35 -29.53 47.06
C PHE A 67 13.71 -29.30 45.62
N VAL A 68 12.85 -29.74 44.72
CA VAL A 68 13.05 -29.46 43.31
C VAL A 68 11.86 -28.75 42.76
N ASP A 69 12.14 -27.77 41.93
CA ASP A 69 11.12 -27.12 41.17
C ASP A 69 11.80 -26.66 39.89
N LEU A 70 11.03 -26.43 38.83
CA LEU A 70 11.62 -26.13 37.52
C LEU A 70 11.71 -24.63 37.19
N GLU A 71 11.04 -23.80 37.98
CA GLU A 71 11.32 -22.37 38.04
C GLU A 71 12.00 -22.18 39.36
N PRO A 72 12.80 -21.16 39.47
CA PRO A 72 13.31 -20.74 40.77
C PRO A 72 12.12 -20.21 41.55
N THR A 73 12.01 -18.88 41.65
CA THR A 73 10.87 -18.20 42.26
C THR A 73 10.49 -18.69 43.65
N VAL A 74 10.00 -19.92 43.72
CA VAL A 74 9.43 -20.45 44.94
C VAL A 74 10.48 -21.01 45.84
N ILE A 75 11.32 -21.84 45.28
CA ILE A 75 12.46 -22.35 45.99
C ILE A 75 13.34 -21.16 46.43
N ASP A 76 13.21 -20.05 45.72
CA ASP A 76 13.94 -18.82 46.03
C ASP A 76 13.55 -18.12 47.32
N GLU A 77 12.24 -18.06 47.55
CA GLU A 77 11.67 -17.60 48.81
C GLU A 77 12.20 -18.38 50.05
N VAL A 78 12.68 -19.62 49.90
CA VAL A 78 13.24 -20.40 51.02
C VAL A 78 14.63 -19.90 51.37
N ARG A 79 15.47 -19.69 50.37
CA ARG A 79 16.80 -19.19 50.60
C ARG A 79 16.80 -17.67 50.78
N THR A 80 15.63 -17.13 51.06
CA THR A 80 15.46 -15.70 51.36
C THR A 80 14.84 -15.45 52.75
N GLY A 81 13.70 -16.10 53.03
CA GLY A 81 13.03 -16.04 54.33
C GLY A 81 13.67 -16.97 55.33
N THR A 82 13.63 -16.59 56.60
CA THR A 82 14.26 -17.38 57.67
C THR A 82 13.84 -18.86 57.58
N TYR A 83 14.69 -19.72 58.13
CA TYR A 83 14.83 -21.10 57.67
C TYR A 83 15.86 -21.07 56.53
N ARG A 84 16.27 -19.86 56.14
CA ARG A 84 17.32 -19.65 55.16
C ARG A 84 18.61 -20.32 55.63
N GLN A 85 18.73 -20.43 56.95
CA GLN A 85 19.85 -21.14 57.57
C GLN A 85 19.53 -22.60 57.95
N LEU A 86 18.29 -23.03 57.67
CA LEU A 86 17.84 -24.40 58.02
C LEU A 86 18.39 -25.48 57.08
N PHE A 87 18.32 -25.25 55.78
CA PHE A 87 18.73 -26.25 54.82
C PHE A 87 20.17 -26.09 54.41
N HIS A 88 20.74 -27.14 53.81
CA HIS A 88 22.00 -27.03 53.08
C HIS A 88 21.72 -26.39 51.71
N PRO A 89 22.59 -25.49 51.30
CA PRO A 89 22.43 -24.84 50.02
C PRO A 89 22.15 -25.86 48.93
N GLU A 90 22.73 -27.05 49.00
CA GLU A 90 22.57 -27.96 47.88
C GLU A 90 21.31 -28.78 47.91
N GLN A 91 20.67 -28.92 49.05
CA GLN A 91 19.38 -29.61 49.04
C GLN A 91 18.22 -28.81 48.38
N LEU A 92 18.51 -27.61 47.89
CA LEU A 92 17.53 -26.80 47.17
C LEU A 92 17.86 -26.68 45.68
N ILE A 93 17.20 -27.47 44.83
CA ILE A 93 17.47 -27.46 43.40
C ILE A 93 16.37 -26.76 42.62
N THR A 94 16.80 -26.00 41.64
CA THR A 94 15.93 -25.07 40.95
C THR A 94 16.32 -25.09 39.46
N GLY A 95 15.33 -24.93 38.58
CA GLY A 95 15.52 -25.28 37.17
C GLY A 95 15.55 -24.26 36.05
N LYS A 96 15.42 -22.98 36.39
CA LYS A 96 15.42 -21.87 35.41
C LYS A 96 14.21 -21.79 34.42
N GLU A 97 13.98 -22.83 33.63
CA GLU A 97 12.88 -22.79 32.67
C GLU A 97 11.70 -23.54 33.22
N ASP A 98 10.56 -22.89 33.19
CA ASP A 98 9.40 -23.49 33.78
C ASP A 98 8.85 -24.77 33.14
N ALA A 99 7.93 -25.37 33.86
CA ALA A 99 7.26 -26.61 33.53
C ALA A 99 6.13 -26.42 32.54
N ALA A 100 5.65 -25.19 32.48
CA ALA A 100 4.57 -24.79 31.60
C ALA A 100 3.24 -25.55 31.75
N ASN A 101 3.01 -26.16 32.90
CA ASN A 101 1.68 -26.68 33.23
C ASN A 101 1.23 -27.86 32.40
N ASN A 102 2.18 -28.72 32.01
CA ASN A 102 1.85 -29.99 31.37
C ASN A 102 2.81 -31.17 31.59
N TYR A 103 2.23 -32.27 32.05
CA TYR A 103 2.97 -33.49 32.34
C TYR A 103 4.04 -33.72 31.28
N ALA A 104 3.67 -33.52 30.03
CA ALA A 104 4.58 -33.82 28.95
C ALA A 104 5.92 -33.16 29.15
N ARG A 105 5.91 -31.92 29.59
CA ARG A 105 7.15 -31.19 29.72
C ARG A 105 8.02 -31.83 30.74
N GLY A 106 7.51 -31.90 31.97
CA GLY A 106 8.26 -32.34 33.13
C GLY A 106 8.77 -33.75 33.03
N HIS A 107 7.95 -34.64 32.49
CA HIS A 107 8.33 -36.03 32.42
C HIS A 107 9.40 -36.31 31.36
N TYR A 108 9.42 -35.51 30.30
CA TYR A 108 10.35 -35.78 29.20
C TYR A 108 11.25 -34.60 28.83
N THR A 109 10.65 -33.52 28.37
CA THR A 109 11.36 -32.42 27.75
C THR A 109 12.26 -31.73 28.69
N ILE A 110 11.65 -31.07 29.66
CA ILE A 110 12.35 -30.18 30.53
C ILE A 110 12.88 -30.91 31.78
N GLY A 111 12.38 -32.13 31.99
CA GLY A 111 12.70 -32.92 33.16
C GLY A 111 14.01 -33.64 33.01
N LYS A 112 14.09 -34.49 31.99
CA LYS A 112 15.35 -35.08 31.52
C LYS A 112 16.56 -34.31 32.04
N GLU A 113 16.49 -32.99 31.92
CA GLU A 113 17.64 -32.13 32.04
C GLU A 113 18.13 -32.13 33.47
N ILE A 114 17.23 -31.84 34.38
CA ILE A 114 17.58 -31.70 35.79
C ILE A 114 17.59 -33.03 36.55
N ILE A 115 16.79 -33.99 36.09
CA ILE A 115 16.56 -35.30 36.77
C ILE A 115 17.82 -36.02 37.35
N ASP A 116 18.95 -35.88 36.68
CA ASP A 116 20.13 -36.58 37.11
C ASP A 116 20.82 -35.89 38.27
N LEU A 117 20.58 -34.59 38.38
CA LEU A 117 21.08 -33.79 39.49
C LEU A 117 20.41 -34.16 40.80
N VAL A 118 19.08 -34.04 40.82
CA VAL A 118 18.27 -34.41 41.97
C VAL A 118 18.70 -35.77 42.45
N LEU A 119 18.42 -36.77 41.63
CA LEU A 119 18.70 -38.17 41.92
C LEU A 119 20.05 -38.39 42.58
N ASP A 120 21.03 -37.61 42.13
CA ASP A 120 22.36 -37.61 42.74
C ASP A 120 22.21 -37.08 44.15
N ARG A 121 21.67 -35.87 44.30
CA ARG A 121 21.66 -35.20 45.60
C ARG A 121 20.91 -35.92 46.69
N ILE A 122 19.86 -36.67 46.31
CA ILE A 122 19.03 -37.38 47.29
C ILE A 122 19.84 -38.54 47.79
N ARG A 123 20.68 -39.08 46.92
CA ARG A 123 21.62 -40.13 47.30
C ARG A 123 22.74 -39.64 48.23
N LYS A 124 23.15 -38.38 48.06
CA LYS A 124 24.13 -37.72 48.95
C LYS A 124 23.57 -37.73 50.35
N LEU A 125 22.26 -37.51 50.41
CA LEU A 125 21.50 -37.39 51.65
C LEU A 125 21.21 -38.73 52.31
N ALA A 126 20.92 -39.74 51.49
CA ALA A 126 20.68 -41.09 51.99
C ALA A 126 21.99 -41.81 52.17
N ASP A 127 23.09 -41.15 51.83
CA ASP A 127 24.42 -41.72 52.00
C ASP A 127 24.88 -41.63 53.45
N GLN A 128 24.51 -40.55 54.13
CA GLN A 128 24.72 -40.46 55.56
C GLN A 128 23.44 -40.92 56.29
N CYS A 129 23.19 -42.24 56.24
CA CYS A 129 21.97 -42.88 56.78
C CYS A 129 22.14 -44.39 56.94
N THR A 130 22.47 -44.87 58.12
CA THR A 130 22.63 -46.30 58.30
C THR A 130 21.30 -47.00 58.42
N GLY A 131 20.76 -47.43 57.28
CA GLY A 131 19.48 -48.13 57.23
C GLY A 131 18.28 -47.25 56.91
N LEU A 132 18.42 -46.40 55.89
CA LEU A 132 17.33 -45.55 55.48
C LEU A 132 16.06 -46.36 55.22
N GLN A 133 14.92 -45.77 55.56
CA GLN A 133 13.62 -46.42 55.56
C GLN A 133 12.86 -46.24 54.25
N GLY A 134 12.55 -45.00 53.90
CA GLY A 134 11.74 -44.74 52.72
C GLY A 134 11.77 -43.28 52.34
N PHE A 135 10.82 -42.86 51.51
CA PHE A 135 10.76 -41.47 51.10
C PHE A 135 9.39 -40.93 51.24
N LEU A 136 9.33 -39.72 51.75
CA LEU A 136 8.13 -38.94 51.67
C LEU A 136 8.27 -38.02 50.50
N VAL A 137 7.26 -38.02 49.65
CA VAL A 137 7.31 -37.27 48.42
C VAL A 137 6.10 -36.40 48.43
N PHE A 138 6.26 -35.07 48.39
CA PHE A 138 5.10 -34.18 48.40
C PHE A 138 4.98 -33.53 47.04
N HIS A 139 3.83 -33.67 46.40
CA HIS A 139 3.67 -33.15 45.04
C HIS A 139 2.26 -32.79 44.69
N SER A 140 2.13 -32.03 43.60
CA SER A 140 0.82 -31.57 43.07
C SER A 140 0.25 -32.58 42.10
N PHE A 141 -1.06 -32.79 42.12
CA PHE A 141 -1.66 -33.78 41.23
C PHE A 141 -1.66 -33.21 39.84
N GLY A 142 -2.46 -32.17 39.64
CA GLY A 142 -2.33 -31.41 38.41
C GLY A 142 -1.23 -30.41 38.64
N GLY A 143 -0.75 -29.84 37.56
CA GLY A 143 0.35 -28.90 37.65
C GLY A 143 1.54 -29.49 36.94
N GLY A 144 2.43 -28.63 36.43
CA GLY A 144 3.45 -28.99 35.44
C GLY A 144 4.49 -30.00 35.87
N THR A 145 5.46 -29.53 36.61
CA THR A 145 6.48 -30.44 37.08
C THR A 145 5.85 -31.43 38.06
N GLY A 146 4.99 -30.91 38.95
CA GLY A 146 4.28 -31.67 39.98
C GLY A 146 3.79 -33.07 39.59
N SER A 147 3.18 -33.19 38.43
CA SER A 147 2.79 -34.49 37.90
C SER A 147 3.95 -35.04 37.15
N GLY A 148 4.47 -34.24 36.23
CA GLY A 148 5.47 -34.70 35.29
C GLY A 148 6.74 -35.21 35.93
N PHE A 149 7.48 -34.30 36.54
CA PHE A 149 8.73 -34.63 37.17
C PHE A 149 8.57 -35.70 38.21
N THR A 150 7.67 -35.46 39.18
CA THR A 150 7.33 -36.42 40.23
C THR A 150 7.30 -37.85 39.71
N SER A 151 6.40 -38.09 38.75
CA SER A 151 6.29 -39.37 38.08
C SER A 151 7.67 -39.90 37.73
N LEU A 152 8.45 -39.14 36.93
CA LEU A 152 9.80 -39.51 36.52
C LEU A 152 10.73 -39.80 37.69
N LEU A 153 10.83 -38.84 38.61
CA LEU A 153 11.57 -39.06 39.83
C LEU A 153 11.25 -40.44 40.31
N MET A 154 9.96 -40.66 40.62
CA MET A 154 9.48 -41.89 41.24
C MET A 154 9.83 -43.19 40.53
N GLU A 155 9.78 -43.18 39.18
CA GLU A 155 10.22 -44.35 38.38
C GLU A 155 11.64 -44.65 38.75
N ARG A 156 12.50 -43.66 38.58
CA ARG A 156 13.92 -43.87 38.78
C ARG A 156 14.27 -44.19 40.23
N LEU A 157 13.53 -43.61 41.18
CA LEU A 157 13.65 -43.99 42.57
C LEU A 157 13.47 -45.49 42.68
N SER A 158 12.36 -45.99 42.14
CA SER A 158 12.08 -47.41 42.17
C SER A 158 13.25 -48.26 41.72
N VAL A 159 14.09 -47.72 40.84
CA VAL A 159 15.23 -48.49 40.35
C VAL A 159 16.40 -48.38 41.30
N ASP A 160 16.75 -47.14 41.65
CA ASP A 160 17.91 -46.86 42.50
C ASP A 160 17.73 -47.44 43.95
N TYR A 161 16.47 -47.50 44.41
CA TYR A 161 16.14 -47.99 45.77
C TYR A 161 15.04 -49.05 45.76
N GLY A 162 15.49 -50.31 45.80
CA GLY A 162 14.66 -51.46 45.49
C GLY A 162 13.46 -51.63 46.38
N LYS A 163 13.72 -51.98 47.63
CA LYS A 163 12.67 -52.20 48.59
C LYS A 163 12.05 -50.87 49.04
N LYS A 164 12.78 -50.15 49.90
CA LYS A 164 12.43 -48.82 50.40
C LYS A 164 11.14 -48.19 49.89
N SER A 165 10.19 -48.08 50.79
CA SER A 165 8.86 -47.60 50.49
C SER A 165 8.86 -46.15 50.08
N LYS A 166 7.90 -45.81 49.24
CA LYS A 166 7.71 -44.46 48.82
C LYS A 166 6.32 -44.07 49.30
N LEU A 167 6.22 -42.89 49.91
CA LEU A 167 4.94 -42.41 50.41
C LEU A 167 4.57 -41.08 49.82
N GLU A 168 3.57 -41.08 48.96
CA GLU A 168 3.20 -39.84 48.27
C GLU A 168 2.05 -39.10 48.96
N PHE A 169 2.10 -37.78 48.90
CA PHE A 169 1.12 -36.91 49.51
C PHE A 169 0.71 -36.06 48.36
N SER A 170 -0.31 -36.48 47.64
CA SER A 170 -0.75 -35.77 46.43
C SER A 170 -1.71 -34.60 46.72
N ILE A 171 -1.53 -33.47 46.04
CA ILE A 171 -2.54 -32.41 46.15
C ILE A 171 -3.48 -32.43 44.98
N TYR A 172 -4.50 -33.27 45.11
CA TYR A 172 -5.64 -33.35 44.21
C TYR A 172 -6.36 -31.97 44.11
N PRO A 173 -6.62 -31.55 42.88
CA PRO A 173 -6.93 -30.16 42.58
C PRO A 173 -8.41 -29.92 42.42
N ALA A 174 -8.85 -28.70 42.73
CA ALA A 174 -10.27 -28.33 42.68
C ALA A 174 -10.54 -26.95 42.05
N PRO A 175 -11.66 -26.90 41.28
CA PRO A 175 -12.07 -25.75 40.41
C PRO A 175 -11.72 -24.30 40.85
N GLN A 176 -12.05 -24.00 42.10
CA GLN A 176 -11.91 -22.67 42.71
C GLN A 176 -10.48 -22.31 43.05
N VAL A 177 -9.83 -23.06 43.96
CA VAL A 177 -8.42 -22.74 44.32
C VAL A 177 -7.44 -23.10 43.21
N SER A 178 -7.11 -22.01 42.51
CA SER A 178 -7.22 -22.00 41.05
C SER A 178 -6.44 -23.12 40.37
N THR A 179 -7.20 -23.86 39.55
CA THR A 179 -6.69 -24.97 38.76
C THR A 179 -6.02 -24.42 37.49
N ALA A 180 -6.11 -25.21 36.42
CA ALA A 180 -5.86 -24.79 35.04
C ALA A 180 -6.70 -25.73 34.21
N VAL A 181 -7.32 -25.19 33.19
CA VAL A 181 -7.99 -26.04 32.24
C VAL A 181 -7.41 -27.46 32.16
N VAL A 182 -6.09 -27.53 31.96
CA VAL A 182 -5.41 -28.76 31.56
C VAL A 182 -5.07 -29.67 32.76
N GLU A 183 -5.38 -29.22 33.96
CA GLU A 183 -5.18 -30.01 35.15
C GLU A 183 -5.60 -31.47 34.98
N PRO A 184 -6.89 -31.73 34.72
CA PRO A 184 -7.40 -33.08 34.53
C PRO A 184 -6.46 -34.04 33.80
N TYR A 185 -5.91 -33.61 32.67
CA TYR A 185 -4.96 -34.44 31.93
C TYR A 185 -3.84 -34.87 32.83
N ASN A 186 -3.13 -33.87 33.36
CA ASN A 186 -1.94 -34.05 34.16
C ASN A 186 -2.07 -35.09 35.23
N SER A 187 -3.16 -34.97 35.98
CA SER A 187 -3.40 -35.86 37.09
C SER A 187 -3.59 -37.30 36.64
N ILE A 188 -4.46 -37.52 35.65
CA ILE A 188 -4.75 -38.87 35.12
C ILE A 188 -3.47 -39.49 34.62
N LEU A 189 -2.64 -38.62 34.07
CA LEU A 189 -1.40 -38.97 33.43
C LEU A 189 -0.44 -39.54 34.41
N THR A 190 -0.07 -38.72 35.38
CA THR A 190 0.89 -39.16 36.39
C THR A 190 0.40 -40.42 37.09
N THR A 191 -0.72 -40.27 37.77
CA THR A 191 -1.29 -41.27 38.66
C THR A 191 -1.34 -42.70 38.03
N HIS A 192 -1.41 -42.73 36.70
CA HIS A 192 -1.18 -43.93 35.95
C HIS A 192 0.24 -44.42 36.25
N THR A 193 1.24 -43.75 35.65
CA THR A 193 2.65 -44.19 35.62
C THR A 193 3.18 -44.40 37.05
N THR A 194 2.77 -43.49 37.92
CA THR A 194 3.24 -43.33 39.28
C THR A 194 2.65 -44.36 40.26
N LEU A 195 1.43 -44.82 39.99
CA LEU A 195 0.75 -45.83 40.81
C LEU A 195 1.53 -47.15 41.08
N GLU A 196 2.11 -47.78 40.05
CA GLU A 196 2.84 -49.05 40.26
C GLU A 196 4.20 -48.86 40.96
N HIS A 197 4.58 -47.60 41.24
CA HIS A 197 5.91 -47.28 41.73
C HIS A 197 5.87 -46.72 43.17
N SER A 198 4.66 -46.42 43.64
CA SER A 198 4.39 -45.79 44.95
C SER A 198 3.57 -46.67 45.93
N ASP A 199 3.79 -46.56 47.24
CA ASP A 199 3.33 -47.64 48.13
C ASP A 199 2.03 -47.40 48.88
N CYS A 200 1.85 -46.12 49.18
CA CYS A 200 0.69 -45.58 49.89
C CYS A 200 0.64 -44.09 49.52
N ALA A 201 -0.57 -43.55 49.36
CA ALA A 201 -0.69 -42.18 48.91
C ALA A 201 -1.80 -41.44 49.59
N PHE A 202 -1.38 -40.44 50.33
CA PHE A 202 -2.33 -39.61 51.03
C PHE A 202 -2.72 -38.56 50.05
N MET A 203 -3.94 -38.69 49.55
CA MET A 203 -4.48 -37.64 48.73
C MET A 203 -4.95 -36.49 49.60
N VAL A 204 -4.83 -35.26 49.09
CA VAL A 204 -5.34 -34.05 49.78
C VAL A 204 -6.16 -33.24 48.83
N ASP A 205 -7.46 -33.24 49.00
CA ASP A 205 -8.33 -32.43 48.15
C ASP A 205 -8.27 -30.98 48.58
N ASN A 206 -7.74 -30.15 47.69
CA ASN A 206 -7.67 -28.72 47.90
C ASN A 206 -9.03 -28.12 48.20
N GLU A 207 -10.04 -28.63 47.52
CA GLU A 207 -11.39 -28.25 47.81
C GLU A 207 -11.64 -28.44 49.28
N ALA A 208 -11.37 -29.64 49.78
CA ALA A 208 -11.68 -29.94 51.16
C ALA A 208 -11.06 -28.90 52.09
N ILE A 209 -9.76 -28.67 51.95
CA ILE A 209 -9.05 -27.79 52.85
C ILE A 209 -9.63 -26.40 52.86
N TYR A 210 -9.72 -25.80 51.68
CA TYR A 210 -10.33 -24.48 51.48
C TYR A 210 -11.69 -24.47 52.14
N ASP A 211 -12.47 -25.51 51.92
CA ASP A 211 -13.78 -25.64 52.53
C ASP A 211 -13.75 -25.58 54.06
N ILE A 212 -12.74 -26.21 54.65
CA ILE A 212 -12.56 -26.21 56.11
C ILE A 212 -12.16 -24.83 56.63
N CYS A 213 -11.38 -24.11 55.82
CA CYS A 213 -10.99 -22.75 56.14
C CYS A 213 -12.12 -21.74 56.04
N ARG A 214 -13.23 -22.17 55.47
CA ARG A 214 -14.34 -21.28 55.34
C ARG A 214 -15.36 -21.61 56.39
N ARG A 215 -15.61 -22.90 56.59
CA ARG A 215 -16.58 -23.31 57.60
C ARG A 215 -16.03 -22.96 58.96
N ASN A 216 -14.79 -23.38 59.20
CA ASN A 216 -14.23 -23.39 60.53
C ASN A 216 -13.43 -22.16 60.86
N LEU A 217 -12.45 -21.85 60.03
CA LEU A 217 -11.60 -20.71 60.31
C LEU A 217 -12.27 -19.38 60.07
N ASP A 218 -13.29 -19.37 59.22
CA ASP A 218 -14.04 -18.15 58.89
C ASP A 218 -13.22 -17.17 58.03
N ILE A 219 -12.30 -17.71 57.25
CA ILE A 219 -11.58 -16.87 56.33
C ILE A 219 -12.31 -16.84 55.01
N GLU A 220 -12.76 -15.65 54.65
CA GLU A 220 -13.51 -15.48 53.43
C GLU A 220 -12.73 -15.87 52.17
N ARG A 221 -11.42 -15.57 52.13
CA ARG A 221 -10.63 -15.72 50.91
C ARG A 221 -9.35 -16.52 51.09
N PRO A 222 -9.45 -17.79 51.49
CA PRO A 222 -8.31 -18.53 52.04
C PRO A 222 -7.09 -18.63 51.13
N THR A 223 -5.91 -18.21 51.59
CA THR A 223 -4.65 -18.28 50.81
C THR A 223 -4.08 -19.69 50.69
N TYR A 224 -3.09 -19.85 49.83
CA TYR A 224 -2.24 -21.06 49.85
C TYR A 224 -1.62 -21.17 51.25
N THR A 225 -0.88 -20.13 51.60
CA THR A 225 -0.29 -19.98 52.92
C THR A 225 -1.34 -20.24 54.02
N ASN A 226 -2.61 -20.00 53.72
CA ASN A 226 -3.71 -20.32 54.61
C ASN A 226 -4.01 -21.81 54.63
N LEU A 227 -4.03 -22.37 53.43
CA LEU A 227 -4.31 -23.77 53.20
C LEU A 227 -3.16 -24.52 53.79
N ASN A 228 -2.01 -24.38 53.16
CA ASN A 228 -0.80 -25.04 53.61
C ASN A 228 -0.68 -25.28 55.12
N ARG A 229 -0.88 -24.21 55.91
CA ARG A 229 -0.88 -24.32 57.38
C ARG A 229 -1.73 -25.49 57.87
N LEU A 230 -2.96 -25.60 57.39
CA LEU A 230 -3.85 -26.70 57.75
C LEU A 230 -3.35 -28.04 57.20
N ILE A 231 -2.76 -28.05 56.02
CA ILE A 231 -2.20 -29.29 55.51
C ILE A 231 -0.96 -29.59 56.33
N GLY A 232 -0.24 -28.56 56.72
CA GLY A 232 0.96 -28.70 57.54
C GLY A 232 0.71 -29.58 58.73
N GLN A 233 -0.44 -29.38 59.33
CA GLN A 233 -0.80 -30.15 60.49
C GLN A 233 -1.16 -31.61 60.18
N ILE A 234 -1.99 -31.83 59.16
CA ILE A 234 -2.37 -33.20 58.84
C ILE A 234 -1.11 -34.08 58.67
N VAL A 235 -0.15 -33.57 57.88
CA VAL A 235 1.16 -34.17 57.64
C VAL A 235 1.94 -34.46 58.91
N SER A 236 2.16 -33.44 59.74
CA SER A 236 2.82 -33.64 61.04
C SER A 236 2.18 -34.78 61.79
N SER A 237 0.85 -34.86 61.76
CA SER A 237 0.13 -35.86 62.52
C SER A 237 0.21 -37.26 61.94
N ILE A 238 0.46 -37.36 60.64
CA ILE A 238 0.64 -38.66 60.02
C ILE A 238 2.06 -39.18 60.21
N THR A 239 3.05 -38.28 60.07
CA THR A 239 4.44 -38.62 60.33
C THR A 239 4.63 -38.83 61.80
N ALA A 240 4.22 -37.83 62.59
CA ALA A 240 4.41 -37.78 64.04
C ALA A 240 4.99 -39.07 64.60
N SER A 241 4.12 -40.08 64.66
CA SER A 241 4.42 -41.42 65.15
C SER A 241 5.87 -41.94 64.96
N LEU A 242 6.55 -41.53 63.88
CA LEU A 242 7.89 -42.05 63.58
C LEU A 242 9.09 -41.15 63.87
N ARG A 243 8.85 -39.85 64.06
CA ARG A 243 9.90 -38.91 64.46
C ARG A 243 9.98 -38.74 66.00
N PHE A 244 8.99 -39.34 66.68
CA PHE A 244 8.86 -39.39 68.16
C PHE A 244 9.07 -40.82 68.63
N ASP A 245 8.58 -41.73 67.77
CA ASP A 245 8.45 -43.15 68.07
C ASP A 245 7.45 -43.30 69.23
N GLY A 246 6.21 -43.61 68.84
CA GLY A 246 5.11 -43.80 69.79
C GLY A 246 4.12 -44.79 69.24
N ALA A 247 4.49 -46.08 69.27
CA ALA A 247 3.76 -47.22 68.66
C ALA A 247 2.95 -46.86 67.40
N LEU A 248 2.41 -47.87 66.70
CA LEU A 248 1.67 -47.65 65.42
C LEU A 248 2.45 -46.77 64.40
N ASN A 249 2.50 -47.21 63.14
CA ASN A 249 3.17 -46.44 62.08
C ASN A 249 4.51 -45.85 62.52
N VAL A 250 5.29 -46.74 63.15
CA VAL A 250 6.59 -46.46 63.75
C VAL A 250 7.70 -46.71 62.69
N ASP A 251 7.24 -47.09 61.50
CA ASP A 251 8.07 -47.46 60.37
C ASP A 251 7.23 -47.54 59.08
N LEU A 252 7.90 -47.46 57.94
CA LEU A 252 7.20 -47.30 56.68
C LEU A 252 6.42 -48.51 56.22
N THR A 253 7.01 -49.71 56.36
CA THR A 253 6.25 -50.95 56.12
C THR A 253 4.89 -50.83 56.78
N GLU A 254 4.93 -50.53 58.09
CA GLU A 254 3.77 -50.56 58.99
C GLU A 254 2.66 -49.63 58.51
N PHE A 255 2.97 -48.86 57.48
CA PHE A 255 2.01 -47.95 56.90
C PHE A 255 0.96 -48.59 56.03
N GLN A 256 1.34 -48.98 54.82
CA GLN A 256 0.43 -49.74 53.98
C GLN A 256 0.07 -51.10 54.65
N THR A 257 0.93 -51.60 55.57
CA THR A 257 0.65 -52.78 56.41
C THR A 257 -0.71 -52.65 57.13
N ASN A 258 -1.06 -51.42 57.47
CA ASN A 258 -2.30 -51.11 58.19
C ASN A 258 -3.46 -50.45 57.42
N LEU A 259 -3.16 -49.64 56.39
CA LEU A 259 -4.19 -48.86 55.69
C LEU A 259 -4.64 -49.44 54.34
N VAL A 260 -3.69 -49.94 53.55
CA VAL A 260 -4.04 -50.64 52.32
C VAL A 260 -3.82 -52.13 52.49
N PRO A 261 -4.85 -52.95 52.28
CA PRO A 261 -4.65 -54.40 52.16
C PRO A 261 -4.40 -54.80 50.71
N TYR A 262 -4.59 -53.86 49.78
CA TYR A 262 -4.48 -54.12 48.35
C TYR A 262 -3.34 -53.37 47.68
N PRO A 263 -2.32 -54.11 47.24
CA PRO A 263 -1.18 -53.56 46.52
C PRO A 263 -1.52 -52.31 45.74
N ARG A 264 -2.74 -52.17 45.20
CA ARG A 264 -3.12 -51.04 44.33
C ARG A 264 -3.05 -49.64 44.98
N ILE A 265 -1.86 -49.39 45.60
CA ILE A 265 -1.31 -48.12 46.19
C ILE A 265 -2.23 -47.34 47.10
N HIS A 266 -3.23 -48.05 47.58
CA HIS A 266 -4.48 -47.45 47.98
C HIS A 266 -4.32 -46.08 48.65
N PHE A 267 -5.36 -45.28 48.49
CA PHE A 267 -5.31 -43.89 48.77
C PHE A 267 -6.23 -43.71 49.95
N PRO A 268 -5.62 -43.71 51.13
CA PRO A 268 -6.32 -43.53 52.38
C PRO A 268 -6.85 -42.11 52.48
N LEU A 269 -7.96 -41.98 53.20
CA LEU A 269 -8.62 -40.71 53.45
C LEU A 269 -8.04 -40.04 54.66
N ALA A 270 -7.75 -38.76 54.51
CA ALA A 270 -7.24 -37.99 55.63
C ALA A 270 -8.39 -37.22 56.34
N THR A 271 -8.47 -37.27 57.66
CA THR A 271 -9.42 -36.45 58.43
C THR A 271 -8.72 -35.77 59.64
N TYR A 272 -8.76 -34.46 59.80
CA TYR A 272 -8.17 -33.90 61.01
C TYR A 272 -9.19 -33.55 62.01
N ALA A 273 -8.76 -33.48 63.26
CA ALA A 273 -9.66 -33.44 64.41
C ALA A 273 -10.34 -32.11 64.79
N PRO A 274 -9.69 -31.31 65.61
CA PRO A 274 -10.21 -30.00 65.99
C PRO A 274 -9.44 -28.85 65.34
N VAL A 275 -10.03 -28.31 64.31
CA VAL A 275 -9.48 -27.13 63.70
C VAL A 275 -10.33 -26.07 64.28
N ILE A 276 -9.81 -25.36 65.28
CA ILE A 276 -10.57 -24.22 65.78
C ILE A 276 -9.77 -22.93 65.83
N SER A 277 -10.42 -21.83 65.42
CA SER A 277 -9.77 -20.56 65.13
C SER A 277 -9.40 -19.83 66.38
N ALA A 278 -8.14 -19.43 66.51
CA ALA A 278 -7.69 -18.71 67.70
C ALA A 278 -8.48 -17.44 67.83
N GLU A 279 -8.52 -16.90 69.02
CA GLU A 279 -9.53 -15.90 69.29
C GLU A 279 -10.76 -16.63 69.76
N LYS A 280 -10.89 -17.90 69.38
CA LYS A 280 -11.83 -18.82 70.02
C LYS A 280 -10.95 -19.72 70.86
N ALA A 281 -9.70 -19.30 71.01
CA ALA A 281 -8.70 -20.03 71.75
C ALA A 281 -9.20 -20.40 73.14
N TYR A 282 -9.18 -19.45 74.06
CA TYR A 282 -9.51 -19.73 75.43
C TYR A 282 -10.95 -20.18 75.60
N HIS A 283 -11.58 -20.73 74.57
CA HIS A 283 -12.90 -21.36 74.76
C HIS A 283 -12.73 -22.65 75.59
N GLU A 284 -13.62 -23.62 75.45
CA GLU A 284 -13.40 -24.91 76.13
C GLU A 284 -12.53 -25.88 75.32
N GLN A 285 -11.72 -26.67 76.04
CA GLN A 285 -10.97 -27.78 75.42
C GLN A 285 -12.01 -28.88 75.06
N LEU A 286 -11.99 -29.39 73.82
CA LEU A 286 -13.03 -30.35 73.40
C LEU A 286 -12.81 -31.74 74.00
N SER A 287 -13.87 -32.52 74.08
CA SER A 287 -13.76 -33.82 74.76
C SER A 287 -13.19 -34.89 73.87
N VAL A 288 -12.43 -35.79 74.51
CA VAL A 288 -11.85 -36.97 73.88
C VAL A 288 -12.83 -37.67 72.94
N ALA A 289 -14.09 -37.69 73.36
CA ALA A 289 -15.17 -38.26 72.58
C ALA A 289 -15.43 -37.42 71.34
N GLU A 290 -15.60 -36.12 71.55
CA GLU A 290 -16.11 -35.20 70.52
C GLU A 290 -15.23 -35.00 69.33
N ILE A 291 -13.93 -34.87 69.58
CA ILE A 291 -12.96 -34.74 68.50
C ILE A 291 -13.03 -35.94 67.56
N THR A 292 -13.14 -37.12 68.15
CA THR A 292 -13.40 -38.32 67.39
C THR A 292 -14.66 -38.17 66.52
N ASN A 293 -15.75 -37.76 67.17
CA ASN A 293 -17.03 -37.56 66.50
C ASN A 293 -17.05 -36.60 65.32
N ALA A 294 -16.03 -35.75 65.23
CA ALA A 294 -15.90 -34.83 64.11
C ALA A 294 -15.35 -35.60 62.96
N CYS A 295 -14.52 -36.58 63.30
CA CYS A 295 -13.76 -37.36 62.32
C CYS A 295 -14.65 -38.04 61.35
N PHE A 296 -15.75 -38.50 61.90
CA PHE A 296 -16.76 -39.16 61.15
C PHE A 296 -17.80 -38.11 60.79
N GLU A 297 -17.36 -37.25 59.89
CA GLU A 297 -18.13 -36.13 59.45
C GLU A 297 -17.60 -35.85 58.06
N PRO A 298 -18.47 -35.76 57.07
CA PRO A 298 -18.07 -35.28 55.76
C PRO A 298 -17.35 -33.92 55.90
N ALA A 299 -18.01 -33.02 56.64
CA ALA A 299 -17.60 -31.61 56.76
C ALA A 299 -16.15 -31.41 57.18
N ASN A 300 -15.54 -32.48 57.68
CA ASN A 300 -14.22 -32.38 58.22
C ASN A 300 -13.24 -33.29 57.52
N GLN A 301 -13.56 -33.68 56.28
CA GLN A 301 -12.73 -34.68 55.60
C GLN A 301 -11.51 -34.08 54.96
N MET A 302 -10.99 -34.68 53.90
CA MET A 302 -9.78 -34.16 53.26
C MET A 302 -9.66 -34.58 51.83
N VAL A 303 -10.65 -35.35 51.36
CA VAL A 303 -10.99 -35.50 49.95
C VAL A 303 -12.52 -35.36 49.83
N LYS A 304 -12.96 -34.32 49.12
CA LYS A 304 -14.38 -34.05 49.01
C LYS A 304 -15.05 -35.31 48.47
N CYS A 305 -15.75 -36.00 49.37
CA CYS A 305 -16.55 -37.21 49.04
C CYS A 305 -17.60 -37.50 50.13
N ASP A 306 -17.98 -38.78 50.28
CA ASP A 306 -18.66 -39.29 51.49
C ASP A 306 -18.62 -40.84 51.64
N PRO A 307 -18.25 -41.34 52.82
CA PRO A 307 -18.14 -42.78 53.08
C PRO A 307 -19.32 -43.40 53.87
N ARG A 308 -20.43 -42.65 53.96
CA ARG A 308 -21.72 -43.18 54.38
C ARG A 308 -22.47 -43.69 53.14
N HIS A 309 -21.79 -43.59 52.00
CA HIS A 309 -22.24 -44.13 50.71
C HIS A 309 -21.34 -45.30 50.25
N GLY A 310 -20.03 -45.17 50.44
CA GLY A 310 -19.12 -46.29 50.25
C GLY A 310 -18.97 -47.19 51.48
N LYS A 311 -17.93 -48.03 51.45
CA LYS A 311 -17.64 -48.93 52.56
C LYS A 311 -16.22 -48.75 53.06
N TYR A 312 -15.98 -49.07 54.34
CA TYR A 312 -14.65 -48.98 54.93
C TYR A 312 -13.87 -50.27 54.73
N MET A 313 -12.56 -50.18 54.50
CA MET A 313 -11.70 -51.36 54.46
C MET A 313 -10.48 -51.33 55.37
N ALA A 314 -10.23 -50.19 56.00
CA ALA A 314 -9.36 -50.11 57.20
C ALA A 314 -9.35 -48.69 57.79
N CYS A 315 -9.68 -48.61 59.07
CA CYS A 315 -9.75 -47.34 59.81
C CYS A 315 -8.59 -47.29 60.81
N CYS A 316 -8.00 -46.11 60.92
CA CYS A 316 -6.85 -45.84 61.79
C CYS A 316 -7.05 -44.49 62.51
N LEU A 317 -7.11 -44.52 63.85
CA LEU A 317 -7.28 -43.27 64.57
C LEU A 317 -5.96 -42.85 65.18
N LEU A 318 -5.50 -41.64 64.81
CA LEU A 318 -4.26 -41.03 65.35
C LEU A 318 -4.49 -39.83 66.29
N TYR A 319 -4.60 -40.14 67.59
CA TYR A 319 -4.79 -39.16 68.67
C TYR A 319 -3.46 -38.58 69.13
N ARG A 320 -3.44 -37.29 69.42
CA ARG A 320 -2.23 -36.62 69.88
C ARG A 320 -2.58 -35.79 71.08
N GLY A 321 -1.89 -36.08 72.17
CA GLY A 321 -1.86 -35.22 73.35
C GLY A 321 -2.00 -35.85 74.73
N ASP A 322 -2.85 -35.20 75.51
CA ASP A 322 -3.28 -35.76 76.75
C ASP A 322 -4.55 -36.53 76.45
N VAL A 323 -4.40 -37.86 76.36
CA VAL A 323 -5.50 -38.79 76.11
C VAL A 323 -5.19 -40.17 76.64
N VAL A 324 -6.15 -40.72 77.38
CA VAL A 324 -6.05 -42.04 77.99
C VAL A 324 -6.90 -43.00 77.14
N PRO A 325 -6.43 -44.24 76.87
CA PRO A 325 -7.18 -45.21 76.05
C PRO A 325 -8.60 -45.47 76.51
N LYS A 326 -8.77 -45.68 77.82
CA LYS A 326 -10.08 -45.87 78.43
C LYS A 326 -11.17 -45.07 77.72
N ASP A 327 -10.88 -43.81 77.40
CA ASP A 327 -11.84 -42.90 76.74
C ASP A 327 -11.98 -43.26 75.29
N VAL A 328 -10.86 -43.30 74.59
CA VAL A 328 -10.88 -43.59 73.19
C VAL A 328 -11.80 -44.77 73.03
N ASN A 329 -11.50 -45.86 73.71
CA ASN A 329 -12.38 -46.99 73.66
C ASN A 329 -13.82 -46.55 73.85
N ALA A 330 -14.17 -46.16 75.07
CA ALA A 330 -15.57 -45.89 75.44
C ALA A 330 -16.22 -44.71 74.68
N ALA A 331 -15.48 -44.04 73.82
CA ALA A 331 -16.08 -43.07 72.92
C ALA A 331 -16.34 -43.71 71.56
N ILE A 332 -15.42 -44.57 71.10
CA ILE A 332 -15.64 -45.36 69.90
C ILE A 332 -16.91 -46.15 70.08
N ALA A 333 -17.03 -46.81 71.22
CA ALA A 333 -18.21 -47.57 71.57
C ALA A 333 -19.41 -46.86 70.98
N THR A 334 -19.66 -45.65 71.47
CA THR A 334 -20.85 -44.88 71.11
C THR A 334 -20.80 -44.26 69.68
N ILE A 335 -19.60 -44.17 69.10
CA ILE A 335 -19.50 -43.90 67.66
C ILE A 335 -20.13 -45.07 66.87
N LYS A 336 -19.94 -46.31 67.36
CA LYS A 336 -20.51 -47.49 66.71
C LYS A 336 -21.98 -47.57 66.99
N THR A 337 -22.35 -47.29 68.24
CA THR A 337 -23.76 -47.30 68.67
C THR A 337 -24.55 -46.16 68.02
N LYS A 338 -23.93 -45.00 67.82
CA LYS A 338 -24.69 -43.89 67.25
C LYS A 338 -24.42 -43.57 65.77
N ARG A 339 -23.88 -44.49 64.96
CA ARG A 339 -23.56 -44.15 63.53
C ARG A 339 -23.67 -45.24 62.41
N SER A 340 -23.05 -44.88 61.26
CA SER A 340 -22.93 -45.71 60.05
C SER A 340 -21.56 -46.41 59.99
N ILE A 341 -21.48 -47.49 60.76
CA ILE A 341 -20.37 -48.44 60.80
C ILE A 341 -19.83 -48.75 59.39
N GLN A 342 -20.55 -49.59 58.65
CA GLN A 342 -20.29 -49.93 57.23
C GLN A 342 -18.84 -50.34 56.89
N PHE A 343 -18.33 -51.36 57.60
CA PHE A 343 -17.06 -52.02 57.29
C PHE A 343 -17.34 -53.19 56.33
N VAL A 344 -16.53 -53.30 55.30
CA VAL A 344 -16.86 -54.16 54.17
C VAL A 344 -16.59 -55.63 54.42
N ASP A 345 -17.64 -56.42 54.23
CA ASP A 345 -17.58 -57.86 53.97
C ASP A 345 -16.52 -58.73 54.69
N TRP A 346 -15.24 -58.42 54.44
CA TRP A 346 -14.12 -59.29 54.79
C TRP A 346 -12.94 -58.52 55.43
N CYS A 347 -13.20 -57.91 56.58
CA CYS A 347 -12.23 -57.08 57.27
C CYS A 347 -12.77 -56.74 58.66
N PRO A 348 -12.00 -57.01 59.71
CA PRO A 348 -12.53 -56.98 61.08
C PRO A 348 -13.63 -55.92 61.27
N THR A 349 -13.21 -54.79 61.80
CA THR A 349 -13.92 -53.54 61.78
C THR A 349 -12.78 -52.71 62.33
N GLY A 350 -11.67 -52.81 61.59
CA GLY A 350 -10.38 -52.16 61.86
C GLY A 350 -10.09 -51.56 63.23
N PHE A 351 -9.67 -50.30 63.20
CA PHE A 351 -9.31 -49.56 64.40
C PHE A 351 -7.99 -49.98 65.06
N LYS A 352 -6.90 -49.55 64.41
CA LYS A 352 -5.57 -49.49 64.99
C LYS A 352 -5.40 -48.05 65.51
N VAL A 353 -5.36 -47.95 66.84
CA VAL A 353 -5.34 -46.68 67.59
C VAL A 353 -3.99 -46.40 68.22
N GLY A 354 -3.41 -45.29 67.81
CA GLY A 354 -2.17 -44.80 68.37
C GLY A 354 -2.36 -43.48 69.06
N ILE A 355 -1.86 -43.39 70.30
CA ILE A 355 -1.81 -42.15 71.05
C ILE A 355 -0.37 -41.69 71.18
N ASN A 356 -0.12 -40.46 70.78
CA ASN A 356 1.20 -39.88 70.89
C ASN A 356 1.16 -38.75 71.87
N TYR A 357 1.77 -38.98 73.02
CA TYR A 357 1.54 -38.16 74.18
C TYR A 357 1.96 -36.72 73.98
N GLN A 358 2.65 -36.45 72.87
CA GLN A 358 3.12 -35.10 72.56
C GLN A 358 2.00 -34.07 72.17
N PRO A 359 1.75 -33.05 73.01
CA PRO A 359 0.77 -31.99 72.75
C PRO A 359 0.98 -31.25 71.43
N PRO A 360 -0.10 -30.99 70.70
CA PRO A 360 -0.02 -30.64 69.28
C PRO A 360 0.25 -29.17 69.01
N THR A 361 1.51 -28.85 68.70
CA THR A 361 1.97 -27.48 68.58
C THR A 361 1.50 -26.91 67.27
N VAL A 362 1.06 -25.65 67.31
CA VAL A 362 0.60 -24.90 66.14
C VAL A 362 1.37 -23.59 65.96
N VAL A 363 1.56 -23.21 64.69
CA VAL A 363 2.27 -22.01 64.30
C VAL A 363 1.76 -20.79 65.06
N PRO A 364 2.65 -19.88 65.44
CA PRO A 364 2.36 -18.89 66.48
C PRO A 364 1.47 -17.75 65.98
N GLY A 365 1.79 -17.18 64.82
CA GLY A 365 0.92 -16.21 64.16
C GLY A 365 -0.16 -16.88 63.33
N GLY A 366 -0.26 -18.22 63.43
CA GLY A 366 -1.20 -19.08 62.69
C GLY A 366 -2.65 -18.74 62.94
N ASP A 367 -3.59 -19.49 62.35
CA ASP A 367 -5.02 -19.12 62.50
C ASP A 367 -5.76 -20.02 63.49
N LEU A 368 -5.24 -21.23 63.63
CA LEU A 368 -5.75 -22.24 64.54
C LEU A 368 -5.13 -21.98 65.89
N ALA A 369 -5.68 -22.59 66.93
CA ALA A 369 -5.15 -22.36 68.28
C ALA A 369 -4.53 -23.60 68.86
N LYS A 370 -3.66 -23.36 69.84
CA LYS A 370 -3.07 -24.41 70.63
C LYS A 370 -4.24 -25.23 71.07
N VAL A 371 -4.15 -26.55 70.93
CA VAL A 371 -5.22 -27.38 71.46
C VAL A 371 -4.71 -28.30 72.54
N GLN A 372 -5.64 -29.06 73.10
CA GLN A 372 -5.32 -30.04 74.12
C GLN A 372 -4.98 -31.42 73.53
N ARG A 373 -5.74 -31.79 72.50
CA ARG A 373 -5.77 -33.14 71.98
C ARG A 373 -6.43 -33.11 70.60
N ALA A 374 -5.87 -33.84 69.65
CA ALA A 374 -6.39 -33.84 68.30
C ALA A 374 -6.40 -35.24 67.77
N VAL A 375 -7.40 -35.55 66.99
CA VAL A 375 -7.49 -36.85 66.36
C VAL A 375 -6.99 -36.76 64.91
N CYS A 376 -6.78 -37.92 64.27
CA CYS A 376 -6.30 -37.90 62.91
C CYS A 376 -6.96 -38.81 61.88
N MET A 377 -7.38 -40.01 62.22
CA MET A 377 -8.24 -40.77 61.31
C MET A 377 -7.70 -41.03 59.88
N LEU A 378 -7.00 -42.15 59.71
CA LEU A 378 -6.54 -42.55 58.38
C LEU A 378 -7.30 -43.78 57.87
N SER A 379 -8.22 -43.55 56.95
CA SER A 379 -9.17 -44.58 56.56
C SER A 379 -9.15 -44.92 55.06
N ASN A 380 -9.06 -46.22 54.73
CA ASN A 380 -9.15 -46.60 53.33
C ASN A 380 -10.54 -47.00 52.97
N THR A 381 -11.23 -46.10 52.26
CA THR A 381 -12.61 -46.30 51.88
C THR A 381 -12.70 -46.45 50.38
N THR A 382 -13.70 -47.19 49.93
CA THR A 382 -13.95 -47.39 48.50
C THR A 382 -14.56 -46.15 47.87
N ALA A 383 -15.07 -45.24 48.71
CA ALA A 383 -15.67 -43.98 48.27
C ALA A 383 -14.62 -42.90 47.91
N ILE A 384 -13.39 -43.14 48.33
CA ILE A 384 -12.29 -42.28 47.95
C ILE A 384 -12.17 -42.29 46.41
N ALA A 385 -12.81 -43.26 45.77
CA ALA A 385 -12.87 -43.34 44.32
C ALA A 385 -14.02 -42.51 43.69
N GLU A 386 -14.74 -41.74 44.51
CA GLU A 386 -15.71 -40.77 44.00
C GLU A 386 -14.96 -39.54 43.52
N ALA A 387 -13.73 -39.39 44.03
CA ALA A 387 -12.77 -38.40 43.55
C ALA A 387 -12.12 -38.91 42.27
N TRP A 388 -11.64 -40.14 42.29
CA TRP A 388 -11.19 -40.83 41.10
C TRP A 388 -12.06 -40.61 39.88
N ALA A 389 -13.38 -40.63 40.05
CA ALA A 389 -14.31 -40.52 38.93
C ALA A 389 -14.50 -39.09 38.46
N ARG A 390 -14.57 -38.17 39.41
CA ARG A 390 -14.83 -36.77 39.10
C ARG A 390 -13.70 -36.17 38.26
N LEU A 391 -12.46 -36.60 38.49
CA LEU A 391 -11.34 -36.30 37.60
C LEU A 391 -11.67 -36.83 36.23
N ASP A 392 -11.85 -38.14 36.18
CA ASP A 392 -12.09 -38.89 34.94
C ASP A 392 -13.13 -38.29 34.02
N HIS A 393 -14.28 -37.87 34.55
CA HIS A 393 -15.27 -37.24 33.68
C HIS A 393 -14.68 -36.00 33.00
N LYS A 394 -14.19 -35.07 33.80
CA LYS A 394 -13.62 -33.87 33.25
C LYS A 394 -12.75 -34.32 32.09
N PHE A 395 -11.79 -35.21 32.37
CA PHE A 395 -10.89 -35.74 31.35
C PHE A 395 -11.68 -36.30 30.15
N ASP A 396 -12.47 -37.35 30.37
CA ASP A 396 -13.17 -38.04 29.28
C ASP A 396 -13.67 -37.06 28.24
N LEU A 397 -14.23 -35.97 28.74
CA LEU A 397 -15.06 -35.07 27.97
C LEU A 397 -14.26 -34.00 27.22
N MET A 398 -13.05 -33.73 27.70
CA MET A 398 -12.06 -32.95 26.98
C MET A 398 -11.43 -33.83 25.89
N TYR A 399 -10.82 -34.94 26.30
CA TYR A 399 -10.15 -35.88 25.39
C TYR A 399 -11.06 -36.39 24.26
N ALA A 400 -12.36 -36.29 24.46
CA ALA A 400 -13.33 -36.61 23.42
C ALA A 400 -13.01 -35.82 22.16
N LYS A 401 -12.37 -34.66 22.33
CA LYS A 401 -12.14 -33.73 21.24
C LYS A 401 -10.67 -33.38 21.05
N ARG A 402 -9.80 -34.17 21.66
CA ARG A 402 -8.35 -33.93 21.68
C ARG A 402 -8.02 -32.59 22.29
N ALA A 403 -9.05 -31.94 22.82
CA ALA A 403 -8.94 -30.69 23.55
C ALA A 403 -7.57 -30.05 23.49
N PHE A 404 -6.67 -30.42 24.37
CA PHE A 404 -5.41 -29.72 24.40
C PHE A 404 -4.32 -30.68 24.01
N VAL A 405 -4.73 -31.91 23.72
CA VAL A 405 -3.79 -32.99 23.50
C VAL A 405 -2.49 -32.50 22.90
N HIS A 406 -2.60 -31.71 21.85
CA HIS A 406 -1.47 -31.43 20.99
C HIS A 406 -0.24 -30.89 21.73
N TRP A 407 -0.42 -30.01 22.71
CA TRP A 407 0.73 -29.42 23.43
C TRP A 407 1.68 -30.47 24.03
N TYR A 408 1.16 -31.69 24.18
CA TYR A 408 1.87 -32.81 24.77
C TYR A 408 2.51 -33.64 23.68
N VAL A 409 1.75 -33.89 22.61
CA VAL A 409 2.29 -34.55 21.41
C VAL A 409 3.41 -33.66 20.90
N GLY A 410 3.32 -32.41 21.35
CA GLY A 410 4.21 -31.34 20.97
C GLY A 410 5.52 -31.44 21.69
N GLU A 411 5.48 -31.82 22.96
CA GLU A 411 6.74 -32.09 23.66
C GLU A 411 7.29 -33.42 23.19
N GLY A 412 6.39 -34.32 22.79
CA GLY A 412 6.77 -35.52 22.10
C GLY A 412 6.16 -36.83 22.61
N MET A 413 5.01 -36.72 23.26
CA MET A 413 4.33 -37.89 23.85
C MET A 413 3.57 -38.68 22.81
N GLU A 414 3.02 -39.83 23.20
CA GLU A 414 2.09 -40.54 22.34
C GLU A 414 0.62 -40.17 22.61
N GLU A 415 -0.15 -40.09 21.53
CA GLU A 415 -1.60 -39.89 21.60
C GLU A 415 -2.23 -40.99 22.45
N GLY A 416 -1.68 -42.20 22.32
CA GLY A 416 -2.14 -43.38 23.03
C GLY A 416 -1.63 -43.56 24.45
N GLU A 417 -0.75 -42.66 24.92
CA GLU A 417 -0.32 -42.69 26.32
C GLU A 417 -1.39 -42.02 27.13
N PHE A 418 -2.19 -41.22 26.44
CA PHE A 418 -3.43 -40.66 27.00
C PHE A 418 -4.51 -41.74 27.14
N SER A 419 -4.66 -42.57 26.11
CA SER A 419 -5.59 -43.71 26.06
C SER A 419 -5.20 -44.76 27.10
N GLU A 420 -3.95 -45.21 27.03
CA GLU A 420 -3.36 -46.25 27.90
C GLU A 420 -3.21 -45.80 29.39
N ALA A 421 -3.50 -44.54 29.66
CA ALA A 421 -3.58 -44.04 31.04
C ALA A 421 -5.04 -43.91 31.56
N ARG A 422 -5.92 -43.35 30.74
CA ARG A 422 -7.33 -43.40 31.05
C ARG A 422 -7.68 -44.85 31.31
N GLU A 423 -7.34 -45.72 30.36
CA GLU A 423 -7.57 -47.16 30.44
C GLU A 423 -7.21 -47.73 31.81
N ASP A 424 -6.27 -47.11 32.49
CA ASP A 424 -5.87 -47.55 33.82
C ASP A 424 -6.82 -47.03 34.88
N MET A 425 -7.15 -45.74 34.81
CA MET A 425 -8.09 -45.17 35.74
C MET A 425 -9.39 -45.94 35.68
N ALA A 426 -9.86 -46.24 34.47
CA ALA A 426 -11.08 -47.04 34.29
C ALA A 426 -10.95 -48.35 35.07
N ALA A 427 -9.75 -48.96 35.02
CA ALA A 427 -9.47 -50.22 35.72
C ALA A 427 -9.51 -50.04 37.22
N LEU A 428 -8.84 -49.00 37.72
CA LEU A 428 -8.77 -48.72 39.14
C LEU A 428 -10.11 -48.29 39.73
N GLU A 429 -10.79 -47.38 39.04
CA GLU A 429 -12.19 -47.01 39.29
C GLU A 429 -13.12 -48.23 39.40
N LYS A 430 -12.76 -49.31 38.70
CA LYS A 430 -13.49 -50.58 38.71
C LYS A 430 -13.05 -51.51 39.85
N ASP A 431 -11.74 -51.56 40.12
CA ASP A 431 -11.16 -52.33 41.23
C ASP A 431 -11.73 -51.91 42.56
N TYR A 432 -11.64 -50.61 42.83
CA TYR A 432 -12.22 -50.00 44.00
C TYR A 432 -13.68 -50.37 44.18
N GLU A 433 -14.48 -50.18 43.13
CA GLU A 433 -15.90 -50.51 43.18
C GLU A 433 -16.14 -52.02 43.34
N GLU A 434 -15.20 -52.81 42.83
CA GLU A 434 -15.26 -54.28 42.90
C GLU A 434 -14.92 -54.84 44.28
N VAL A 435 -14.55 -53.97 45.21
CA VAL A 435 -14.26 -54.38 46.58
C VAL A 435 -15.54 -54.40 47.40
N GLY A 436 -16.62 -53.90 46.81
CA GLY A 436 -17.94 -53.92 47.43
C GLY A 436 -18.51 -55.29 47.76
N ILE A 437 -18.96 -55.45 49.01
CA ILE A 437 -19.49 -56.70 49.55
C ILE A 437 -19.17 -57.96 48.73
N ARG B 2 9.33 -15.22 32.15
CA ARG B 2 10.66 -15.00 32.75
C ARG B 2 11.41 -13.80 32.14
N GLU B 3 10.92 -13.22 31.02
CA GLU B 3 11.62 -12.15 30.24
C GLU B 3 11.23 -12.07 28.77
N ILE B 4 10.66 -10.97 28.30
CA ILE B 4 10.15 -10.88 26.89
C ILE B 4 10.61 -9.64 26.08
N VAL B 5 10.98 -9.80 24.81
CA VAL B 5 11.37 -8.63 23.98
C VAL B 5 10.25 -8.16 23.10
N HIS B 6 10.25 -6.87 22.85
CA HIS B 6 9.13 -6.29 22.16
C HIS B 6 9.51 -5.73 20.79
N ILE B 7 8.94 -6.34 19.75
CA ILE B 7 9.06 -5.84 18.38
C ILE B 7 7.83 -5.01 18.06
N GLN B 8 8.05 -3.85 17.48
CA GLN B 8 6.97 -2.92 17.27
C GLN B 8 7.23 -2.27 15.91
N ALA B 9 6.46 -2.69 14.90
CA ALA B 9 6.84 -2.39 13.52
C ALA B 9 5.70 -1.82 12.75
N GLY B 10 6.00 -0.89 11.85
CA GLY B 10 5.00 -0.33 10.95
C GLY B 10 4.14 0.76 11.57
N GLN B 11 3.91 1.86 10.84
CA GLN B 11 3.14 3.06 11.29
C GLN B 11 2.08 2.84 12.37
N CYS B 12 1.15 1.90 12.12
CA CYS B 12 0.15 1.55 13.10
C CYS B 12 0.81 0.84 14.24
N GLY B 13 1.47 -0.28 13.96
CA GLY B 13 2.23 -0.94 15.00
C GLY B 13 2.89 0.04 15.97
N ASN B 14 3.71 0.95 15.42
CA ASN B 14 4.51 1.92 16.19
C ASN B 14 3.72 2.90 17.01
N GLN B 15 2.63 3.37 16.45
CA GLN B 15 1.70 4.21 17.19
C GLN B 15 1.19 3.50 18.44
N ILE B 16 0.60 2.33 18.24
CA ILE B 16 0.01 1.51 19.30
C ILE B 16 1.02 1.25 20.42
N GLY B 17 2.20 0.79 20.02
CA GLY B 17 3.26 0.44 20.95
C GLY B 17 3.79 1.62 21.73
N ALA B 18 3.82 2.79 21.12
CA ALA B 18 4.29 3.98 21.81
C ALA B 18 3.27 4.42 22.85
N LYS B 19 2.00 4.05 22.65
CA LYS B 19 0.99 4.34 23.68
C LYS B 19 1.08 3.24 24.72
N PHE B 20 1.16 1.98 24.27
CA PHE B 20 1.38 0.88 25.21
C PHE B 20 2.46 1.31 26.22
N TRP B 21 3.65 1.62 25.67
CA TRP B 21 4.84 1.89 26.47
C TRP B 21 4.60 2.97 27.50
N GLU B 22 4.09 4.12 27.09
CA GLU B 22 3.92 5.24 28.02
C GLU B 22 2.76 5.08 29.01
N VAL B 23 1.96 4.04 28.80
CA VAL B 23 0.96 3.71 29.77
C VAL B 23 1.61 2.89 30.85
N ILE B 24 2.24 1.78 30.45
CA ILE B 24 2.85 0.85 31.39
C ILE B 24 4.02 1.50 32.10
N SER B 25 4.78 2.31 31.38
CA SER B 25 5.95 2.97 31.94
C SER B 25 5.53 3.83 33.11
N ASP B 26 4.38 4.48 32.96
CA ASP B 26 3.86 5.40 33.97
C ASP B 26 3.10 4.63 35.08
N GLU B 27 2.79 3.35 34.81
CA GLU B 27 2.21 2.44 35.81
C GLU B 27 3.28 1.96 36.77
N HIS B 28 4.43 1.58 36.21
CA HIS B 28 5.58 1.14 36.98
C HIS B 28 6.28 2.33 37.57
N GLY B 29 5.97 3.52 37.05
CA GLY B 29 6.55 4.77 37.51
C GLY B 29 7.91 5.07 36.93
N ILE B 30 7.94 5.41 35.65
CA ILE B 30 9.20 5.65 34.94
C ILE B 30 9.18 7.03 34.24
N ASP B 31 10.29 7.73 34.34
CA ASP B 31 10.43 9.05 33.73
C ASP B 31 10.53 8.90 32.23
N PRO B 32 10.48 10.01 31.48
CA PRO B 32 10.91 9.97 30.08
C PRO B 32 12.16 9.09 29.88
N THR B 33 13.23 9.35 30.64
CA THR B 33 14.35 8.42 30.71
C THR B 33 14.37 7.88 32.12
N GLY B 34 14.63 8.79 33.06
CA GLY B 34 14.74 8.46 34.47
C GLY B 34 14.04 7.18 34.92
N SER B 35 14.39 6.77 36.13
CA SER B 35 13.89 5.51 36.68
C SER B 35 12.62 5.73 37.52
N TYR B 36 12.61 5.12 38.70
CA TYR B 36 11.45 5.05 39.54
C TYR B 36 11.09 6.39 40.20
N HIS B 37 9.81 6.74 40.15
CA HIS B 37 9.21 7.83 40.95
C HIS B 37 7.73 7.49 41.17
N GLY B 38 7.44 6.93 42.35
CA GLY B 38 6.11 6.46 42.71
C GLY B 38 6.14 5.76 44.06
N ASP B 39 5.27 6.20 44.98
CA ASP B 39 5.28 5.70 46.36
C ASP B 39 4.74 4.26 46.53
N SER B 40 4.46 3.61 45.41
CA SER B 40 4.24 2.17 45.38
C SER B 40 5.60 1.46 45.49
N ASP B 41 5.60 0.13 45.57
CA ASP B 41 6.85 -0.63 45.60
C ASP B 41 6.80 -1.77 44.60
N LEU B 42 5.68 -2.49 44.60
CA LEU B 42 5.52 -3.68 43.78
C LEU B 42 6.21 -3.49 42.44
N GLN B 43 5.53 -2.78 41.54
CA GLN B 43 6.05 -2.37 40.22
C GLN B 43 7.34 -3.08 39.79
N LEU B 44 8.41 -2.82 40.54
CA LEU B 44 9.73 -3.27 40.18
C LEU B 44 9.91 -4.78 40.22
N GLU B 45 9.04 -5.50 40.93
CA GLU B 45 9.08 -6.97 40.95
C GLU B 45 9.29 -7.58 39.57
N ARG B 46 8.35 -7.31 38.69
CA ARG B 46 8.38 -7.93 37.38
C ARG B 46 8.69 -6.93 36.24
N ILE B 47 9.18 -5.75 36.66
CA ILE B 47 9.71 -4.72 35.75
C ILE B 47 10.71 -5.35 34.81
N ASN B 48 11.40 -6.33 35.35
CA ASN B 48 12.26 -7.19 34.59
C ASN B 48 11.70 -7.58 33.23
N VAL B 49 10.42 -7.93 33.19
CA VAL B 49 9.87 -8.61 32.02
C VAL B 49 9.75 -7.71 30.81
N TYR B 50 9.54 -6.42 31.01
CA TYR B 50 9.52 -5.52 29.87
C TYR B 50 10.69 -4.57 29.74
N TYR B 51 11.62 -4.65 30.68
CA TYR B 51 12.66 -3.61 30.81
C TYR B 51 14.12 -4.08 31.09
N ASN B 52 14.83 -4.47 30.02
CA ASN B 52 16.27 -4.65 30.08
C ASN B 52 16.89 -3.33 30.52
N GLU B 53 17.71 -3.35 31.56
CA GLU B 53 18.21 -2.09 32.13
C GLU B 53 19.67 -1.82 31.77
N ALA B 54 20.01 -0.53 31.67
CA ALA B 54 21.35 -0.07 31.28
C ALA B 54 21.89 1.03 32.21
N THR B 55 22.95 1.69 31.76
CA THR B 55 23.76 2.68 32.51
C THR B 55 23.15 3.34 33.76
N GLY B 56 23.87 3.25 34.88
CA GLY B 56 23.53 3.93 36.13
C GLY B 56 22.20 3.54 36.75
N ASN B 57 21.29 4.51 36.82
CA ASN B 57 19.90 4.22 37.15
C ASN B 57 19.18 3.75 35.86
N LYS B 58 18.41 4.64 35.23
CA LYS B 58 17.79 4.46 33.90
C LYS B 58 17.12 3.09 33.69
N TYR B 59 16.10 3.04 32.85
CA TYR B 59 15.33 1.80 32.74
C TYR B 59 15.00 1.13 31.37
N VAL B 60 15.22 1.83 30.25
CA VAL B 60 15.02 1.35 28.84
C VAL B 60 14.28 0.04 28.48
N PRO B 61 13.10 0.19 27.89
CA PRO B 61 12.31 -0.92 27.34
C PRO B 61 13.01 -1.78 26.28
N ARG B 62 13.03 -3.08 26.50
CA ARG B 62 13.39 -4.04 25.48
C ARG B 62 12.46 -3.84 24.30
N ALA B 63 12.86 -2.99 23.38
CA ALA B 63 11.98 -2.67 22.28
C ALA B 63 12.71 -2.45 20.96
N ILE B 64 12.18 -3.03 19.90
CA ILE B 64 12.75 -2.86 18.59
C ILE B 64 11.72 -2.14 17.74
N LEU B 65 12.06 -0.95 17.27
CA LEU B 65 11.11 -0.16 16.49
C LEU B 65 11.41 -0.34 15.03
N VAL B 66 10.50 -0.96 14.28
CA VAL B 66 10.77 -1.24 12.88
C VAL B 66 9.83 -0.47 12.00
N ASP B 67 10.30 0.02 10.87
CA ASP B 67 9.44 0.68 9.88
C ASP B 67 10.20 0.95 8.57
N LEU B 68 9.51 1.08 7.44
CA LEU B 68 10.20 1.28 6.17
C LEU B 68 10.34 2.71 5.71
N GLU B 69 10.06 3.66 6.60
CA GLU B 69 10.15 5.10 6.31
C GLU B 69 10.27 5.93 7.56
N PRO B 70 11.15 6.95 7.54
CA PRO B 70 11.42 7.79 8.70
C PRO B 70 10.16 8.19 9.43
N GLY B 71 9.67 9.39 9.15
CA GLY B 71 8.50 9.94 9.82
C GLY B 71 8.10 9.32 11.15
N THR B 72 7.23 8.30 11.08
CA THR B 72 6.47 7.79 12.22
C THR B 72 7.28 7.33 13.44
N MET B 73 8.57 7.16 13.26
CA MET B 73 9.46 6.87 14.38
C MET B 73 9.82 8.17 15.10
N ASP B 74 10.17 9.16 14.29
CA ASP B 74 10.54 10.49 14.77
C ASP B 74 9.30 11.21 15.30
N SER B 75 8.14 10.59 15.02
CA SER B 75 6.87 10.98 15.59
C SER B 75 6.93 10.57 17.06
N VAL B 76 7.50 9.40 17.33
CA VAL B 76 7.64 8.99 18.71
C VAL B 76 8.81 9.69 19.32
N ARG B 77 9.98 9.59 18.68
CA ARG B 77 11.20 10.19 19.20
C ARG B 77 10.95 11.61 19.68
N SER B 78 10.20 12.36 18.87
CA SER B 78 9.82 13.74 19.19
C SER B 78 8.37 13.82 19.69
N GLY B 79 8.13 13.43 20.95
CA GLY B 79 6.76 13.43 21.46
C GLY B 79 6.61 12.92 22.87
N PRO B 80 5.85 11.81 23.04
CA PRO B 80 5.44 11.30 24.38
C PRO B 80 6.62 10.89 25.31
N PHE B 81 6.94 9.59 25.33
CA PHE B 81 8.17 9.05 25.92
C PHE B 81 9.18 8.73 24.82
N GLY B 82 9.73 9.78 24.22
CA GLY B 82 10.54 9.64 23.01
C GLY B 82 11.96 9.39 23.38
N GLN B 83 12.37 10.02 24.46
CA GLN B 83 13.72 9.85 24.94
C GLN B 83 13.93 8.44 25.51
N ILE B 84 12.91 7.60 25.53
CA ILE B 84 13.07 6.37 26.28
C ILE B 84 13.83 5.28 25.52
N PHE B 85 13.50 5.07 24.27
CA PHE B 85 13.96 3.86 23.60
C PHE B 85 15.43 3.94 23.23
N ARG B 86 16.14 2.82 23.28
CA ARG B 86 17.57 2.84 23.01
C ARG B 86 17.83 3.21 21.58
N PRO B 87 18.62 4.27 21.38
CA PRO B 87 18.77 4.95 20.09
C PRO B 87 19.10 4.04 18.93
N ASP B 88 20.10 3.15 19.06
CA ASP B 88 20.34 2.21 17.95
C ASP B 88 19.39 1.00 18.04
N ASN B 89 18.23 1.23 18.63
CA ASN B 89 17.13 0.30 18.59
C ASN B 89 16.05 0.74 17.62
N PHE B 90 16.30 1.86 16.96
CA PHE B 90 15.44 2.35 15.89
C PHE B 90 15.96 1.83 14.55
N VAL B 91 15.22 0.91 13.94
CA VAL B 91 15.58 0.45 12.60
C VAL B 91 14.74 1.20 11.52
N PHE B 92 15.31 2.23 10.91
CA PHE B 92 14.66 3.00 9.84
C PHE B 92 14.43 2.19 8.60
N GLY B 93 13.50 2.62 7.77
CA GLY B 93 13.40 2.04 6.46
C GLY B 93 14.18 2.90 5.51
N GLN B 94 13.74 4.14 5.39
CA GLN B 94 14.20 5.04 4.35
C GLN B 94 13.29 4.88 3.15
N SER B 95 13.30 3.67 2.57
CA SER B 95 12.70 3.37 1.27
C SER B 95 11.20 3.70 1.17
N GLY B 96 10.60 3.40 0.02
CA GLY B 96 9.17 3.31 -0.04
C GLY B 96 8.73 2.34 1.04
N ALA B 97 7.53 2.60 1.56
CA ALA B 97 6.84 1.72 2.51
C ALA B 97 6.00 0.67 1.76
N GLY B 98 4.87 1.12 1.24
CA GLY B 98 4.08 0.30 0.37
C GLY B 98 2.63 0.70 0.50
N ASN B 99 2.06 0.26 1.62
CA ASN B 99 0.62 0.01 1.71
C ASN B 99 0.21 -1.12 0.81
N ASN B 100 0.99 -2.20 0.93
CA ASN B 100 1.12 -3.31 -0.01
C ASN B 100 2.00 -4.42 0.59
N TRP B 101 1.36 -5.50 0.99
CA TRP B 101 2.04 -6.57 1.69
C TRP B 101 3.37 -6.91 1.06
N ALA B 102 3.32 -7.18 -0.23
CA ALA B 102 4.42 -7.77 -0.96
C ALA B 102 5.64 -6.92 -0.83
N LYS B 103 5.46 -5.61 -0.94
CA LYS B 103 6.58 -4.72 -0.75
C LYS B 103 7.31 -5.04 0.58
N GLY B 104 6.53 -5.18 1.64
CA GLY B 104 7.07 -5.36 2.97
C GLY B 104 7.53 -6.77 3.26
N HIS B 105 6.93 -7.73 2.58
CA HIS B 105 7.24 -9.15 2.79
C HIS B 105 8.24 -9.68 1.74
N TYR B 106 8.61 -8.86 0.77
CA TYR B 106 9.51 -9.39 -0.22
C TYR B 106 10.60 -8.42 -0.63
N THR B 107 10.23 -7.39 -1.40
CA THR B 107 11.20 -6.52 -2.02
C THR B 107 11.76 -5.50 -1.04
N GLU B 108 10.95 -4.54 -0.62
CA GLU B 108 11.43 -3.46 0.25
C GLU B 108 11.69 -3.91 1.68
N GLY B 109 10.92 -4.91 2.11
CA GLY B 109 11.07 -5.53 3.41
C GLY B 109 12.33 -6.33 3.57
N ALA B 110 12.42 -7.47 2.88
CA ALA B 110 13.59 -8.34 3.03
C ALA B 110 14.90 -7.54 3.00
N GLU B 111 14.88 -6.37 2.33
CA GLU B 111 15.99 -5.39 2.36
C GLU B 111 16.47 -5.02 3.76
N LEU B 112 15.56 -5.08 4.72
CA LEU B 112 15.84 -4.67 6.09
C LEU B 112 15.95 -5.87 6.96
N VAL B 113 14.81 -6.48 7.24
CA VAL B 113 14.71 -7.68 8.05
C VAL B 113 15.95 -8.00 8.84
N ASP B 114 16.99 -8.37 8.11
CA ASP B 114 18.29 -8.72 8.70
C ASP B 114 18.71 -7.74 9.80
N SER B 115 18.79 -6.45 9.45
CA SER B 115 19.23 -5.39 10.36
C SER B 115 18.35 -5.20 11.58
N VAL B 116 17.08 -5.59 11.46
CA VAL B 116 16.18 -5.69 12.60
C VAL B 116 16.51 -6.96 13.36
N LEU B 117 16.51 -8.08 12.63
CA LEU B 117 16.81 -9.39 13.18
C LEU B 117 18.15 -9.41 13.94
N ASP B 118 19.11 -8.62 13.48
CA ASP B 118 20.42 -8.46 14.16
C ASP B 118 20.29 -7.71 15.49
N VAL B 119 19.15 -7.08 15.77
CA VAL B 119 19.01 -6.29 16.98
C VAL B 119 18.10 -6.98 17.96
N VAL B 120 17.15 -7.70 17.41
CA VAL B 120 16.33 -8.58 18.22
C VAL B 120 17.24 -9.63 18.81
N ARG B 121 18.13 -10.16 17.97
CA ARG B 121 19.17 -11.07 18.45
C ARG B 121 19.93 -10.47 19.63
N LYS B 122 20.21 -9.17 19.57
CA LYS B 122 21.06 -8.48 20.55
C LYS B 122 20.30 -8.09 21.79
N GLU B 123 19.00 -8.28 21.77
CA GLU B 123 18.22 -8.09 22.97
C GLU B 123 17.88 -9.43 23.59
N SER B 124 17.50 -10.39 22.74
CA SER B 124 17.07 -11.71 23.18
C SER B 124 18.25 -12.52 23.70
N GLU B 125 19.35 -12.51 22.95
CA GLU B 125 20.60 -13.14 23.36
C GLU B 125 21.22 -12.50 24.62
N SER B 126 20.70 -11.32 24.95
CA SER B 126 21.14 -10.53 26.10
C SER B 126 20.36 -10.92 27.36
N CYS B 127 19.03 -11.02 27.18
CA CYS B 127 18.05 -11.53 28.15
C CYS B 127 18.51 -12.70 28.99
N ASP B 128 18.23 -12.67 30.29
CA ASP B 128 18.60 -13.73 31.22
C ASP B 128 17.96 -15.09 30.83
N CYS B 129 16.65 -15.09 30.53
CA CYS B 129 15.95 -16.25 30.00
C CYS B 129 14.72 -15.81 29.20
N LEU B 130 14.93 -15.62 27.90
CA LEU B 130 13.90 -15.13 26.99
C LEU B 130 12.61 -15.93 27.01
N GLN B 131 11.52 -15.29 27.37
CA GLN B 131 10.24 -15.95 27.45
C GLN B 131 9.66 -16.09 26.09
N GLY B 132 9.79 -15.01 25.31
CA GLY B 132 9.26 -14.93 23.96
C GLY B 132 9.15 -13.51 23.44
N PHE B 133 8.70 -13.38 22.20
CA PHE B 133 8.49 -12.07 21.63
C PHE B 133 7.02 -11.74 21.48
N GLN B 134 6.72 -10.46 21.68
CA GLN B 134 5.43 -9.94 21.35
C GLN B 134 5.60 -8.78 20.39
N LEU B 135 4.73 -8.71 19.36
CA LEU B 135 4.83 -7.75 18.24
C LEU B 135 3.53 -7.04 17.94
N THR B 136 3.62 -5.77 17.56
CA THR B 136 2.44 -4.98 17.24
C THR B 136 2.57 -4.43 15.85
N HIS B 137 1.44 -4.41 15.14
CA HIS B 137 1.37 -4.06 13.71
C HIS B 137 -0.03 -4.06 13.17
N SER B 138 -0.20 -3.49 11.97
CA SER B 138 -1.47 -3.53 11.21
C SER B 138 -1.55 -4.76 10.29
N LEU B 139 -2.76 -5.19 9.91
CA LEU B 139 -2.87 -6.37 9.07
C LEU B 139 -3.21 -6.00 7.66
N GLY B 140 -3.84 -4.84 7.50
CA GLY B 140 -4.04 -4.19 6.21
C GLY B 140 -2.94 -3.16 6.11
N GLY B 141 -2.61 -2.71 4.91
CA GLY B 141 -1.35 -1.99 4.73
C GLY B 141 -0.09 -2.87 4.90
N GLY B 142 1.08 -2.37 4.50
CA GLY B 142 2.23 -3.21 4.23
C GLY B 142 3.42 -3.31 5.19
N THR B 143 4.06 -2.19 5.46
CA THR B 143 5.28 -2.20 6.25
C THR B 143 5.10 -2.75 7.65
N GLY B 144 3.86 -2.91 8.09
CA GLY B 144 3.63 -3.53 9.37
C GLY B 144 3.21 -4.97 9.14
N SER B 145 2.20 -5.11 8.32
CA SER B 145 1.64 -6.43 8.06
C SER B 145 2.60 -7.34 7.31
N GLY B 146 3.42 -6.74 6.48
CA GLY B 146 4.26 -7.48 5.54
C GLY B 146 5.59 -7.71 6.16
N MET B 147 6.25 -6.66 6.61
CA MET B 147 7.55 -6.86 7.21
C MET B 147 7.34 -7.69 8.44
N GLY B 148 6.24 -7.42 9.14
CA GLY B 148 5.90 -8.14 10.36
C GLY B 148 5.85 -9.63 10.15
N THR B 149 4.81 -10.08 9.46
CA THR B 149 4.62 -11.47 9.13
C THR B 149 5.91 -12.13 8.76
N LEU B 150 6.88 -11.33 8.33
CA LEU B 150 8.22 -11.79 7.94
C LEU B 150 9.19 -11.80 9.10
N LEU B 151 9.27 -10.69 9.81
CA LEU B 151 10.05 -10.73 11.00
C LEU B 151 9.72 -12.04 11.70
N ILE B 152 8.42 -12.31 11.97
CA ILE B 152 8.04 -13.49 12.79
C ILE B 152 8.39 -14.80 12.12
N SER B 153 8.06 -14.90 10.83
CA SER B 153 8.51 -16.04 10.07
C SER B 153 10.02 -16.20 10.19
N LYS B 154 10.73 -15.09 10.42
CA LYS B 154 12.17 -15.19 10.53
C LYS B 154 12.63 -15.26 11.98
N ILE B 155 11.70 -15.02 12.89
CA ILE B 155 11.99 -15.14 14.31
C ILE B 155 11.83 -16.60 14.71
N ARG B 156 10.67 -17.21 14.46
CA ARG B 156 10.56 -18.67 14.57
C ARG B 156 11.60 -19.10 13.58
N GLU B 157 12.11 -20.30 13.70
CA GLU B 157 13.26 -20.69 12.89
C GLU B 157 14.52 -20.29 13.64
N GLU B 158 14.58 -19.05 14.11
CA GLU B 158 15.75 -18.67 14.90
C GLU B 158 15.51 -18.88 16.36
N TYR B 159 14.23 -19.02 16.71
CA TYR B 159 13.83 -19.43 18.03
C TYR B 159 12.54 -20.19 17.83
N PRO B 160 12.61 -21.50 17.62
CA PRO B 160 11.40 -22.32 17.55
C PRO B 160 10.89 -22.58 19.00
N ASP B 161 11.81 -23.06 19.83
CA ASP B 161 11.94 -22.76 21.26
C ASP B 161 10.90 -21.86 21.90
N ARG B 162 10.96 -20.57 21.57
CA ARG B 162 10.17 -19.55 22.23
C ARG B 162 8.84 -19.24 21.51
N ILE B 163 7.93 -18.62 22.25
CA ILE B 163 6.62 -18.41 21.70
C ILE B 163 6.38 -17.03 21.20
N MET B 164 5.45 -17.01 20.27
CA MET B 164 5.08 -15.86 19.47
C MET B 164 3.76 -15.22 19.88
N ASN B 165 3.86 -13.93 20.08
CA ASN B 165 2.73 -13.23 20.56
C ASN B 165 2.50 -12.07 19.67
N THR B 166 1.26 -11.84 19.29
CA THR B 166 0.99 -10.58 18.61
C THR B 166 -0.32 -9.86 18.90
N PHE B 167 -0.20 -8.55 18.76
CA PHE B 167 -1.32 -7.68 18.70
C PHE B 167 -1.34 -7.24 17.27
N SER B 168 -2.43 -7.60 16.61
CA SER B 168 -2.64 -7.33 15.20
C SER B 168 -3.95 -6.60 14.99
N VAL B 169 -3.87 -5.45 14.36
CA VAL B 169 -5.05 -4.65 14.17
C VAL B 169 -5.69 -4.96 12.83
N VAL B 170 -6.70 -5.84 12.85
CA VAL B 170 -7.43 -6.23 11.65
C VAL B 170 -8.29 -5.04 11.17
N PRO B 171 -8.04 -4.55 9.95
CA PRO B 171 -8.55 -3.24 9.50
C PRO B 171 -9.93 -3.32 8.85
N SER B 172 -10.51 -2.15 8.58
CA SER B 172 -11.96 -2.06 8.32
C SER B 172 -12.26 -1.19 7.09
N PRO B 173 -13.53 -1.15 6.63
CA PRO B 173 -13.96 -0.22 5.55
C PRO B 173 -14.20 1.19 6.07
N LYS B 174 -14.56 1.28 7.35
CA LYS B 174 -14.69 2.53 8.08
C LYS B 174 -13.33 2.87 8.66
N VAL B 175 -12.99 4.14 8.70
CA VAL B 175 -11.74 4.58 9.31
C VAL B 175 -10.53 4.53 8.35
N SER B 176 -10.77 4.33 7.04
CA SER B 176 -9.73 4.28 5.97
C SER B 176 -10.25 3.66 4.66
N ASP B 177 -9.89 4.25 3.53
CA ASP B 177 -10.44 3.86 2.23
C ASP B 177 -9.51 2.82 1.65
N THR B 178 -8.47 3.22 0.91
CA THR B 178 -7.36 2.30 0.54
C THR B 178 -7.85 0.93 -0.03
N VAL B 179 -8.23 0.93 -1.30
CA VAL B 179 -8.87 -0.22 -1.93
C VAL B 179 -8.26 -1.60 -1.66
N VAL B 180 -7.08 -1.69 -1.03
CA VAL B 180 -6.34 -2.98 -1.04
C VAL B 180 -6.31 -3.81 0.23
N GLU B 181 -6.61 -3.24 1.39
CA GLU B 181 -6.25 -3.92 2.64
C GLU B 181 -6.73 -5.37 2.72
N PRO B 182 -7.99 -5.64 2.38
CA PRO B 182 -8.48 -7.02 2.38
C PRO B 182 -7.36 -7.95 1.95
N TYR B 183 -6.71 -7.56 0.86
CA TYR B 183 -5.60 -8.30 0.28
C TYR B 183 -4.53 -8.45 1.36
N ASN B 184 -3.95 -7.33 1.82
CA ASN B 184 -2.90 -7.38 2.86
C ASN B 184 -3.29 -8.20 4.10
N ALA B 185 -4.49 -7.97 4.62
CA ALA B 185 -5.04 -8.68 5.74
C ALA B 185 -5.03 -10.17 5.47
N THR B 186 -5.71 -10.58 4.41
CA THR B 186 -5.84 -12.00 4.05
C THR B 186 -4.47 -12.64 3.85
N LEU B 187 -3.48 -11.83 3.43
CA LEU B 187 -2.12 -12.32 3.16
C LEU B 187 -1.32 -12.55 4.43
N SER B 188 -1.79 -11.91 5.49
CA SER B 188 -1.16 -11.99 6.80
C SER B 188 -1.91 -13.04 7.63
N VAL B 189 -3.22 -12.90 7.70
CA VAL B 189 -3.98 -13.82 8.51
C VAL B 189 -3.43 -15.21 8.27
N HIS B 190 -3.18 -15.48 7.00
CA HIS B 190 -2.53 -16.70 6.59
C HIS B 190 -1.22 -16.85 7.35
N GLN B 191 -0.28 -15.93 7.10
CA GLN B 191 1.00 -15.92 7.83
C GLN B 191 0.82 -16.13 9.34
N LEU B 192 -0.11 -15.37 9.94
CA LEU B 192 -0.33 -15.40 11.38
C LEU B 192 -0.66 -16.79 11.84
N VAL B 193 -1.69 -17.38 11.25
CA VAL B 193 -2.14 -18.73 11.61
C VAL B 193 -1.04 -19.83 11.65
N GLU B 194 0.12 -19.54 11.07
CA GLU B 194 1.13 -20.58 10.97
C GLU B 194 2.29 -20.40 11.92
N ASN B 195 2.69 -19.15 12.09
CA ASN B 195 3.88 -18.87 12.87
C ASN B 195 3.69 -18.12 14.20
N THR B 196 2.47 -17.90 14.65
CA THR B 196 2.32 -17.36 16.00
C THR B 196 1.60 -18.34 16.91
N ASP B 197 1.62 -18.09 18.21
CA ASP B 197 1.09 -19.05 19.14
C ASP B 197 -0.17 -18.53 19.74
N GLU B 198 -0.17 -17.21 20.00
CA GLU B 198 -1.38 -16.42 20.21
C GLU B 198 -1.34 -15.05 19.55
N THR B 199 -2.51 -14.65 19.09
CA THR B 199 -2.71 -13.31 18.58
C THR B 199 -4.00 -12.69 19.08
N TYR B 200 -3.89 -11.46 19.56
CA TYR B 200 -5.04 -10.72 19.98
C TYR B 200 -5.51 -9.95 18.77
N SER B 201 -6.77 -10.10 18.41
CA SER B 201 -7.30 -9.38 17.28
C SER B 201 -7.94 -8.10 17.75
N ILE B 202 -7.27 -6.99 17.50
CA ILE B 202 -7.88 -5.68 17.69
C ILE B 202 -8.48 -5.27 16.36
N ASP B 203 -9.79 -5.33 16.31
CA ASP B 203 -10.50 -5.02 15.10
C ASP B 203 -10.72 -3.53 15.13
N ASN B 204 -10.15 -2.83 14.16
CA ASN B 204 -10.39 -1.41 14.08
C ASN B 204 -11.89 -1.13 13.98
N GLU B 205 -12.61 -1.93 13.20
CA GLU B 205 -14.07 -1.79 13.08
C GLU B 205 -14.78 -1.70 14.45
N ALA B 206 -14.34 -2.52 15.40
CA ALA B 206 -14.94 -2.51 16.73
C ALA B 206 -14.55 -1.20 17.37
N LEU B 207 -13.24 -0.96 17.39
CA LEU B 207 -12.67 0.23 17.99
C LEU B 207 -13.48 1.44 17.60
N TYR B 208 -13.70 1.63 16.31
CA TYR B 208 -14.57 2.71 15.81
C TYR B 208 -15.85 2.74 16.63
N ASP B 209 -16.54 1.61 16.59
CA ASP B 209 -17.90 1.53 17.08
C ASP B 209 -17.92 1.79 18.56
N ILE B 210 -16.88 1.36 19.22
CA ILE B 210 -16.75 1.63 20.63
C ILE B 210 -16.69 3.15 20.85
N CYS B 211 -16.22 3.91 19.87
CA CYS B 211 -16.05 5.36 20.03
C CYS B 211 -17.27 6.14 19.57
N PHE B 212 -18.09 5.53 18.72
CA PHE B 212 -19.24 6.17 18.06
C PHE B 212 -20.63 5.53 18.41
N ARG B 213 -20.74 4.20 18.32
CA ARG B 213 -21.94 3.46 18.78
C ARG B 213 -22.16 3.69 20.31
N THR B 214 -21.08 3.57 21.10
CA THR B 214 -21.08 3.77 22.55
C THR B 214 -20.04 4.76 23.03
N LEU B 215 -20.13 6.05 22.68
CA LEU B 215 -19.19 7.04 23.22
C LEU B 215 -19.42 8.50 22.88
N LYS B 216 -20.15 8.76 21.81
CA LYS B 216 -20.44 10.12 21.31
C LYS B 216 -19.22 10.89 20.74
N LEU B 217 -18.04 10.25 20.64
CA LEU B 217 -16.85 10.89 20.10
C LEU B 217 -16.99 11.16 18.59
N THR B 218 -17.47 12.36 18.21
CA THR B 218 -17.82 12.68 16.80
C THR B 218 -16.65 12.54 15.82
N THR B 219 -15.59 13.33 15.99
CA THR B 219 -14.41 13.26 15.11
C THR B 219 -13.37 12.26 15.65
N PRO B 220 -13.48 10.97 15.33
CA PRO B 220 -12.63 9.98 15.98
C PRO B 220 -11.22 10.00 15.42
N THR B 221 -10.22 10.24 16.28
CA THR B 221 -8.81 10.24 15.86
C THR B 221 -8.43 8.82 15.68
N TYR B 222 -7.27 8.63 15.06
CA TYR B 222 -6.54 7.43 15.40
C TYR B 222 -6.19 7.52 16.89
N GLY B 223 -5.70 8.69 17.31
CA GLY B 223 -5.55 9.03 18.73
C GLY B 223 -6.53 8.39 19.71
N ASP B 224 -7.56 9.10 20.14
CA ASP B 224 -8.59 8.43 20.94
C ASP B 224 -9.21 7.29 20.08
N LEU B 225 -9.03 6.05 20.51
CA LEU B 225 -9.27 4.85 19.69
C LEU B 225 -8.01 3.99 19.73
N ASN B 226 -6.87 4.64 19.59
CA ASN B 226 -5.62 4.03 19.98
C ASN B 226 -5.59 4.00 21.50
N HIS B 227 -6.15 5.03 22.13
CA HIS B 227 -6.20 5.08 23.56
C HIS B 227 -6.94 3.84 24.10
N LEU B 228 -7.81 3.25 23.29
CA LEU B 228 -8.54 2.03 23.67
C LEU B 228 -7.65 0.80 23.67
N VAL B 229 -6.84 0.64 22.64
CA VAL B 229 -5.86 -0.46 22.54
C VAL B 229 -4.84 -0.42 23.66
N SER B 230 -4.21 0.73 23.78
CA SER B 230 -3.24 1.01 24.82
C SER B 230 -3.80 0.51 26.13
N ALA B 231 -5.07 0.79 26.40
CA ALA B 231 -5.62 0.33 27.66
C ALA B 231 -5.82 -1.18 27.67
N THR B 232 -6.21 -1.74 26.53
CA THR B 232 -6.56 -3.16 26.46
C THR B 232 -5.31 -3.98 26.60
N MET B 233 -4.22 -3.41 26.12
CA MET B 233 -2.97 -4.11 26.17
C MET B 233 -2.37 -4.15 27.55
N SER B 234 -2.43 -3.05 28.27
CA SER B 234 -1.94 -3.04 29.65
C SER B 234 -2.67 -4.09 30.44
N GLY B 235 -3.97 -4.19 30.21
CA GLY B 235 -4.80 -5.18 30.87
C GLY B 235 -4.43 -6.61 30.52
N VAL B 236 -4.27 -6.90 29.23
CA VAL B 236 -3.99 -8.25 28.80
C VAL B 236 -2.71 -8.76 29.45
N THR B 237 -1.72 -7.87 29.53
CA THR B 237 -0.39 -8.23 30.02
C THR B 237 -0.25 -8.29 31.54
N THR B 238 -1.18 -7.63 32.22
CA THR B 238 -0.99 -7.25 33.62
C THR B 238 -0.23 -8.28 34.46
N CYS B 239 -0.76 -9.50 34.54
CA CYS B 239 -0.12 -10.46 35.44
C CYS B 239 1.08 -11.19 34.86
N LEU B 240 1.65 -10.70 33.75
CA LEU B 240 3.06 -11.05 33.47
C LEU B 240 3.98 -10.07 34.19
N ARG B 241 3.58 -8.79 34.14
CA ARG B 241 4.42 -7.67 34.58
C ARG B 241 4.17 -7.11 35.99
N PHE B 242 3.49 -7.86 36.85
CA PHE B 242 3.12 -7.24 38.10
C PHE B 242 3.34 -7.94 39.42
N PRO B 243 2.46 -8.88 39.78
CA PRO B 243 2.22 -9.20 41.21
C PRO B 243 2.99 -10.42 41.80
N GLY B 244 2.38 -11.59 41.66
CA GLY B 244 2.65 -12.76 42.48
C GLY B 244 1.29 -13.35 42.86
N GLN B 245 0.30 -13.10 42.00
CA GLN B 245 -1.00 -13.80 42.04
C GLN B 245 -0.77 -15.22 41.43
N LEU B 246 -0.29 -15.21 40.16
CA LEU B 246 -0.05 -16.38 39.29
C LEU B 246 1.46 -16.51 39.04
N ASN B 247 1.86 -16.14 37.80
CA ASN B 247 3.25 -15.83 37.32
C ASN B 247 3.36 -15.84 35.77
N ALA B 248 2.54 -16.68 35.16
CA ALA B 248 2.11 -16.46 33.79
C ALA B 248 3.25 -16.51 32.81
N ASP B 249 3.79 -17.70 32.63
CA ASP B 249 4.84 -17.92 31.64
C ASP B 249 4.52 -17.39 30.25
N LEU B 250 3.25 -17.05 30.01
CA LEU B 250 2.78 -16.62 28.71
C LEU B 250 2.77 -17.84 27.82
N ARG B 251 3.60 -18.82 28.19
CA ARG B 251 3.51 -20.12 27.60
C ARG B 251 2.38 -20.74 28.33
N LYS B 252 2.35 -20.49 29.63
CA LYS B 252 1.30 -21.00 30.46
C LYS B 252 0.02 -20.44 29.90
N LEU B 253 0.01 -19.14 29.63
CA LEU B 253 -1.19 -18.47 29.07
C LEU B 253 -1.63 -19.10 27.77
N ALA B 254 -0.66 -19.40 26.92
CA ALA B 254 -0.96 -20.06 25.69
C ALA B 254 -1.46 -21.50 25.92
N VAL B 255 -0.67 -22.36 26.54
CA VAL B 255 -1.07 -23.74 26.71
C VAL B 255 -2.37 -23.91 27.50
N ASN B 256 -2.93 -22.81 27.99
CA ASN B 256 -4.19 -22.87 28.70
C ASN B 256 -5.33 -22.30 27.88
N MET B 257 -5.01 -21.42 26.96
CA MET B 257 -6.03 -20.70 26.18
C MET B 257 -6.32 -21.33 24.85
N VAL B 258 -5.41 -22.16 24.37
CA VAL B 258 -5.53 -22.66 23.01
C VAL B 258 -5.57 -24.16 22.92
N PRO B 259 -6.79 -24.64 22.76
CA PRO B 259 -7.05 -26.05 22.58
C PRO B 259 -6.51 -26.53 21.26
N PHE B 260 -6.58 -25.69 20.25
CA PHE B 260 -6.28 -26.19 18.93
C PHE B 260 -5.20 -25.47 18.10
N PRO B 261 -4.15 -26.24 17.75
CA PRO B 261 -2.87 -25.69 17.32
C PRO B 261 -3.08 -24.50 16.46
N ARG B 262 -4.18 -24.50 15.70
CA ARG B 262 -4.39 -23.41 14.76
C ARG B 262 -4.63 -22.07 15.50
N LEU B 263 -3.48 -21.52 15.93
CA LEU B 263 -3.22 -20.44 16.92
C LEU B 263 -4.36 -19.55 17.52
N HIS B 264 -5.57 -20.02 17.34
CA HIS B 264 -6.76 -19.30 17.72
C HIS B 264 -6.56 -17.88 18.34
N PHE B 265 -7.26 -16.94 17.72
CA PHE B 265 -7.13 -15.53 17.98
C PHE B 265 -8.15 -15.10 19.02
N PHE B 266 -7.65 -14.40 20.02
CA PHE B 266 -8.47 -14.00 21.13
C PHE B 266 -9.12 -12.69 20.82
N MET B 267 -10.41 -12.55 21.02
CA MET B 267 -10.89 -11.20 20.98
C MET B 267 -10.87 -10.63 22.40
N PRO B 268 -10.16 -9.52 22.59
CA PRO B 268 -10.04 -8.87 23.90
C PRO B 268 -11.26 -8.03 24.22
N GLY B 269 -11.31 -7.47 25.43
CA GLY B 269 -12.43 -6.65 25.86
C GLY B 269 -12.03 -5.78 27.03
N PHE B 270 -12.77 -4.69 27.23
CA PHE B 270 -12.43 -3.83 28.35
C PHE B 270 -13.60 -3.54 29.28
N ALA B 271 -13.32 -2.87 30.39
CA ALA B 271 -14.35 -2.49 31.37
C ALA B 271 -14.87 -1.05 31.19
N PRO B 272 -14.31 -0.05 31.89
CA PRO B 272 -14.69 1.35 31.67
C PRO B 272 -13.83 2.02 30.58
N LEU B 273 -14.35 3.06 29.92
CA LEU B 273 -13.67 3.62 28.74
C LEU B 273 -13.84 5.13 28.49
N THR B 274 -13.15 5.61 27.44
CA THR B 274 -13.14 7.00 26.87
C THR B 274 -11.89 7.86 27.25
N SER B 275 -11.74 9.03 26.60
CA SER B 275 -10.75 10.07 27.00
C SER B 275 -11.28 11.52 26.82
N LEU B 284 -18.66 2.18 38.77
CA LEU B 284 -18.10 0.90 38.39
C LEU B 284 -18.27 -0.01 39.60
N THR B 285 -19.17 -0.97 39.51
CA THR B 285 -19.58 -1.69 40.70
C THR B 285 -19.07 -3.12 40.89
N VAL B 286 -18.61 -3.78 39.82
CA VAL B 286 -18.15 -5.17 39.83
C VAL B 286 -19.16 -6.05 39.09
N PRO B 287 -20.40 -6.19 39.57
CA PRO B 287 -21.48 -6.71 38.72
C PRO B 287 -21.53 -5.89 37.46
N GLU B 288 -21.61 -4.57 37.63
CA GLU B 288 -21.70 -3.63 36.54
C GLU B 288 -20.41 -3.62 35.73
N LEU B 289 -19.40 -4.30 36.25
CA LEU B 289 -18.14 -4.44 35.56
C LEU B 289 -18.13 -5.65 34.65
N THR B 290 -18.48 -6.82 35.18
CA THR B 290 -18.54 -8.06 34.38
C THR B 290 -19.57 -7.97 33.26
N GLN B 291 -20.82 -7.66 33.61
CA GLN B 291 -21.93 -7.57 32.64
C GLN B 291 -21.58 -6.65 31.48
N GLN B 292 -20.57 -5.79 31.71
CA GLN B 292 -20.03 -4.87 30.69
C GLN B 292 -18.82 -5.43 29.90
N MET B 293 -17.95 -6.17 30.61
CA MET B 293 -16.75 -6.81 30.06
C MET B 293 -17.06 -8.03 29.17
N PHE B 294 -18.28 -8.55 29.34
CA PHE B 294 -18.80 -9.67 28.56
C PHE B 294 -19.91 -9.26 27.63
N ASP B 295 -20.05 -7.95 27.44
CA ASP B 295 -20.96 -7.40 26.45
C ASP B 295 -20.26 -7.29 25.11
N SER B 296 -21.01 -7.61 24.05
CA SER B 296 -20.52 -7.57 22.69
C SER B 296 -20.12 -6.15 22.29
N LYS B 297 -21.02 -5.21 22.63
CA LYS B 297 -20.89 -3.76 22.40
C LYS B 297 -19.64 -3.13 23.04
N ASN B 298 -18.76 -4.01 23.55
CA ASN B 298 -17.59 -3.73 24.41
C ASN B 298 -16.33 -4.60 24.08
N MET B 299 -16.51 -5.45 23.08
CA MET B 299 -15.46 -6.32 22.55
C MET B 299 -14.47 -5.53 21.68
N MET B 300 -13.19 -5.91 21.75
CA MET B 300 -12.15 -5.25 20.96
C MET B 300 -12.15 -5.75 19.52
N ALA B 301 -12.78 -6.90 19.26
CA ALA B 301 -13.00 -7.40 17.90
C ALA B 301 -14.49 -7.29 17.46
N ALA B 302 -14.71 -6.91 16.20
CA ALA B 302 -16.08 -6.68 15.68
C ALA B 302 -16.90 -7.97 15.52
N CYS B 303 -17.43 -8.47 16.64
CA CYS B 303 -18.24 -9.67 16.62
C CYS B 303 -19.38 -9.38 17.50
N ASP B 304 -20.15 -10.42 17.79
CA ASP B 304 -21.15 -10.45 18.85
C ASP B 304 -21.00 -11.86 19.41
N PRO B 305 -20.12 -12.07 20.41
CA PRO B 305 -19.90 -13.42 20.97
C PRO B 305 -21.21 -14.00 21.52
N ARG B 306 -22.05 -14.41 20.57
CA ARG B 306 -23.46 -14.76 20.76
C ARG B 306 -23.74 -15.74 19.60
N HIS B 307 -23.50 -15.29 18.36
CA HIS B 307 -23.34 -16.17 17.19
C HIS B 307 -22.00 -16.85 17.39
N GLY B 308 -22.00 -17.90 18.21
CA GLY B 308 -20.77 -18.60 18.49
C GLY B 308 -20.39 -18.50 19.94
N ARG B 309 -19.70 -19.54 20.36
CA ARG B 309 -19.47 -19.76 21.77
C ARG B 309 -18.03 -19.43 22.16
N TYR B 310 -17.76 -19.55 23.46
CA TYR B 310 -16.42 -19.42 23.99
C TYR B 310 -15.74 -20.77 24.14
N LEU B 311 -14.57 -20.87 23.55
CA LEU B 311 -13.74 -22.03 23.68
C LEU B 311 -13.06 -21.99 25.03
N THR B 312 -12.32 -20.90 25.28
CA THR B 312 -11.77 -20.57 26.62
C THR B 312 -11.82 -19.07 26.84
N VAL B 313 -12.01 -18.67 28.09
CA VAL B 313 -12.08 -17.27 28.48
C VAL B 313 -11.09 -16.97 29.58
N ALA B 314 -10.55 -15.75 29.59
CA ALA B 314 -9.69 -15.33 30.68
C ALA B 314 -9.93 -13.85 31.03
N ALA B 315 -10.26 -13.56 32.29
CA ALA B 315 -10.54 -12.20 32.75
C ALA B 315 -9.63 -11.81 33.89
N VAL B 316 -9.09 -10.60 33.81
CA VAL B 316 -8.18 -10.07 34.83
C VAL B 316 -8.58 -8.66 35.33
N PHE B 317 -8.85 -8.57 36.64
CA PHE B 317 -9.43 -7.41 37.32
C PHE B 317 -8.40 -6.52 38.00
N ARG B 318 -8.76 -5.26 38.24
CA ARG B 318 -7.80 -4.25 38.65
C ARG B 318 -8.33 -3.18 39.62
N GLY B 319 -7.77 -3.17 40.84
CA GLY B 319 -8.19 -2.25 41.88
C GLY B 319 -8.63 -2.91 43.18
N ARG B 320 -8.42 -2.23 44.31
CA ARG B 320 -8.71 -2.84 45.61
C ARG B 320 -10.19 -3.15 45.80
N MET B 321 -10.62 -4.28 45.22
CA MET B 321 -11.98 -4.76 45.36
C MET B 321 -11.98 -6.23 45.78
N SER B 322 -12.98 -6.62 46.58
CA SER B 322 -13.08 -7.99 47.11
C SER B 322 -13.39 -9.03 46.03
N MET B 323 -12.52 -10.03 45.92
CA MET B 323 -12.72 -11.12 44.95
C MET B 323 -13.71 -12.17 45.50
N LYS B 324 -14.10 -12.02 46.76
CA LYS B 324 -15.34 -12.62 47.21
C LYS B 324 -16.44 -12.33 46.16
N GLU B 325 -16.60 -11.06 45.75
CA GLU B 325 -17.64 -10.66 44.79
C GLU B 325 -17.37 -11.03 43.33
N VAL B 326 -16.10 -11.26 43.01
CA VAL B 326 -15.69 -11.60 41.63
C VAL B 326 -15.93 -13.07 41.24
N ASP B 327 -15.44 -14.03 42.04
CA ASP B 327 -15.67 -15.47 41.80
C ASP B 327 -17.12 -15.71 41.52
N GLU B 328 -17.93 -14.95 42.26
CA GLU B 328 -19.37 -15.03 42.37
C GLU B 328 -20.11 -14.36 41.20
N GLN B 329 -19.62 -13.20 40.77
CA GLN B 329 -20.09 -12.54 39.57
C GLN B 329 -19.74 -13.36 38.34
N MET B 330 -18.53 -13.93 38.36
CA MET B 330 -17.96 -14.67 37.23
C MET B 330 -18.70 -15.96 36.96
N LEU B 331 -18.76 -16.83 37.98
CA LEU B 331 -19.56 -18.04 37.88
C LEU B 331 -21.00 -17.70 37.50
N ASN B 332 -21.48 -16.52 37.89
CA ASN B 332 -22.82 -16.02 37.55
C ASN B 332 -23.02 -15.54 36.10
N VAL B 333 -21.95 -15.22 35.38
CA VAL B 333 -22.12 -14.94 33.96
C VAL B 333 -22.32 -16.24 33.21
N GLN B 334 -21.45 -17.21 33.52
CA GLN B 334 -21.51 -18.53 32.90
C GLN B 334 -22.65 -19.35 33.46
N ASN B 335 -23.76 -18.66 33.70
CA ASN B 335 -25.01 -19.24 34.23
C ASN B 335 -26.25 -18.61 33.57
N LYS B 336 -26.25 -17.26 33.45
CA LYS B 336 -27.31 -16.52 32.75
C LYS B 336 -26.93 -16.45 31.28
N ASN B 337 -25.78 -17.05 30.97
CA ASN B 337 -25.30 -17.23 29.63
C ASN B 337 -24.79 -18.67 29.42
N SER B 338 -25.20 -19.57 30.31
CA SER B 338 -24.62 -20.93 30.47
C SER B 338 -24.30 -21.75 29.20
N SER B 339 -25.10 -21.55 28.15
CA SER B 339 -24.98 -22.30 26.89
C SER B 339 -23.75 -21.93 26.05
N TYR B 340 -23.30 -20.69 26.17
CA TYR B 340 -22.28 -20.14 25.27
C TYR B 340 -20.87 -20.31 25.80
N PHE B 341 -20.72 -21.21 26.74
CA PHE B 341 -19.41 -21.72 27.09
C PHE B 341 -19.42 -23.21 26.79
N VAL B 342 -18.71 -23.59 25.73
CA VAL B 342 -18.50 -24.98 25.39
C VAL B 342 -18.40 -25.87 26.65
N GLU B 343 -19.06 -27.01 26.66
CA GLU B 343 -18.99 -27.83 27.86
C GLU B 343 -18.07 -29.01 27.70
N TRP B 344 -17.26 -29.04 26.65
CA TRP B 344 -16.29 -30.12 26.55
C TRP B 344 -14.91 -29.75 27.10
N ILE B 345 -14.76 -28.51 27.54
CA ILE B 345 -13.56 -28.04 28.21
C ILE B 345 -14.00 -27.52 29.57
N PRO B 346 -13.79 -28.27 30.64
CA PRO B 346 -14.27 -27.93 31.97
C PRO B 346 -14.00 -26.49 32.39
N ASN B 347 -13.23 -26.21 33.43
CA ASN B 347 -13.23 -24.85 33.93
C ASN B 347 -12.46 -23.98 33.00
N ASN B 348 -13.16 -23.53 31.97
CA ASN B 348 -12.59 -22.87 30.81
C ASN B 348 -12.73 -21.35 30.87
N VAL B 349 -12.97 -20.86 32.07
CA VAL B 349 -12.96 -19.44 32.31
C VAL B 349 -12.33 -19.26 33.69
N LYS B 350 -11.18 -18.61 33.72
CA LYS B 350 -10.45 -18.41 34.96
C LYS B 350 -10.26 -16.93 35.19
N THR B 351 -10.09 -16.53 36.45
CA THR B 351 -9.95 -15.12 36.78
C THR B 351 -8.76 -14.87 37.64
N ALA B 352 -8.27 -13.64 37.54
CA ALA B 352 -7.12 -13.16 38.29
C ALA B 352 -7.36 -11.75 38.78
N VAL B 353 -6.77 -11.40 39.92
CA VAL B 353 -7.01 -10.12 40.53
C VAL B 353 -5.69 -9.45 40.91
N CYS B 354 -5.34 -8.36 40.22
CA CYS B 354 -4.29 -7.42 40.68
C CYS B 354 -4.91 -6.07 41.08
N ASP B 355 -4.42 -5.52 42.19
CA ASP B 355 -5.11 -4.43 42.88
C ASP B 355 -4.39 -3.10 42.77
N ILE B 356 -3.61 -2.95 41.71
CA ILE B 356 -2.95 -1.68 41.38
C ILE B 356 -3.60 -0.99 40.12
N PRO B 357 -4.54 -0.05 40.37
CA PRO B 357 -5.34 0.63 39.33
C PRO B 357 -4.61 1.07 38.03
N PRO B 358 -5.31 1.18 36.88
CA PRO B 358 -4.67 1.65 35.63
C PRO B 358 -4.38 3.20 35.59
N ARG B 359 -4.54 3.88 34.42
CA ARG B 359 -4.65 5.36 34.40
C ARG B 359 -5.70 5.79 35.46
N GLY B 360 -6.41 6.90 35.27
CA GLY B 360 -7.44 7.32 36.23
C GLY B 360 -8.08 6.17 37.03
N LEU B 361 -9.30 5.80 36.66
CA LEU B 361 -9.89 4.46 36.87
C LEU B 361 -9.60 3.68 38.21
N LYS B 362 -10.57 3.78 39.15
CA LYS B 362 -10.55 3.08 40.47
C LYS B 362 -10.78 1.55 40.40
N MET B 363 -11.72 1.14 39.54
CA MET B 363 -11.95 -0.26 39.16
C MET B 363 -11.58 -0.43 37.69
N SER B 364 -11.63 -1.65 37.19
CA SER B 364 -11.38 -1.95 35.78
C SER B 364 -11.29 -3.45 35.62
N ALA B 365 -11.55 -3.94 34.42
CA ALA B 365 -11.23 -5.32 34.11
C ALA B 365 -10.92 -5.41 32.65
N THR B 366 -10.31 -6.50 32.26
CA THR B 366 -9.99 -6.72 30.86
C THR B 366 -10.27 -8.17 30.55
N PHE B 367 -10.50 -8.49 29.29
CA PHE B 367 -11.05 -9.79 28.95
C PHE B 367 -10.39 -10.39 27.73
N ILE B 368 -9.90 -11.61 27.85
CA ILE B 368 -9.31 -12.32 26.72
C ILE B 368 -10.20 -13.51 26.38
N GLY B 369 -10.63 -13.62 25.13
CA GLY B 369 -11.58 -14.64 24.74
C GLY B 369 -11.31 -15.38 23.46
N ASN B 370 -11.01 -16.66 23.59
CA ASN B 370 -10.92 -17.51 22.42
C ASN B 370 -12.33 -17.89 22.06
N SER B 371 -12.89 -17.18 21.08
CA SER B 371 -14.31 -17.35 20.72
C SER B 371 -14.52 -17.66 19.25
N THR B 372 -15.27 -18.73 19.00
CA THR B 372 -15.53 -19.17 17.64
C THR B 372 -16.24 -18.10 16.84
N ALA B 373 -16.78 -17.08 17.53
CA ALA B 373 -17.51 -15.96 16.91
C ALA B 373 -16.56 -15.04 16.16
N ILE B 374 -15.26 -15.23 16.44
CA ILE B 374 -14.17 -14.53 15.78
C ILE B 374 -14.17 -14.90 14.29
N GLN B 375 -14.74 -16.07 13.99
CA GLN B 375 -15.02 -16.49 12.63
C GLN B 375 -15.74 -15.39 11.84
N GLU B 376 -16.67 -14.66 12.49
CA GLU B 376 -17.50 -13.62 11.85
C GLU B 376 -16.67 -12.50 11.31
N LEU B 377 -15.59 -12.21 12.03
CA LEU B 377 -14.53 -11.30 11.62
C LEU B 377 -13.81 -11.81 10.37
N PHE B 378 -13.03 -12.91 10.47
CA PHE B 378 -12.36 -13.51 9.31
C PHE B 378 -13.25 -13.59 8.03
N LYS B 379 -14.48 -14.10 8.18
CA LYS B 379 -15.41 -14.25 7.04
C LYS B 379 -15.51 -12.91 6.36
N ARG B 380 -15.69 -11.87 7.16
CA ARG B 380 -15.91 -10.54 6.63
C ARG B 380 -14.67 -9.91 6.00
N ILE B 381 -13.49 -10.41 6.30
CA ILE B 381 -12.35 -9.95 5.51
C ILE B 381 -12.26 -10.75 4.23
N SER B 382 -12.55 -12.05 4.30
CA SER B 382 -12.52 -12.88 3.09
C SER B 382 -13.72 -12.56 2.20
N GLU B 383 -14.65 -11.80 2.76
CA GLU B 383 -15.84 -11.33 2.06
C GLU B 383 -15.51 -10.27 1.01
N GLN B 384 -14.89 -9.17 1.44
CA GLN B 384 -14.42 -8.15 0.51
C GLN B 384 -13.15 -8.64 -0.20
N PHE B 385 -12.53 -9.72 0.28
CA PHE B 385 -11.40 -10.32 -0.45
C PHE B 385 -11.88 -10.97 -1.74
N THR B 386 -12.66 -12.05 -1.63
CA THR B 386 -13.15 -12.76 -2.83
C THR B 386 -13.99 -11.85 -3.76
N ALA B 387 -14.49 -10.76 -3.21
CA ALA B 387 -15.22 -9.77 -4.01
C ALA B 387 -14.26 -9.02 -4.92
N MET B 388 -12.99 -8.98 -4.52
CA MET B 388 -11.96 -8.27 -5.26
C MET B 388 -11.21 -9.27 -6.10
N PHE B 389 -10.50 -10.17 -5.43
CA PHE B 389 -9.73 -11.22 -6.11
C PHE B 389 -10.62 -12.00 -7.07
N ARG B 390 -11.93 -11.86 -6.85
CA ARG B 390 -12.96 -12.21 -7.82
C ARG B 390 -12.33 -12.09 -9.19
N ARG B 391 -12.51 -10.91 -9.80
CA ARG B 391 -11.98 -10.58 -11.10
C ARG B 391 -10.60 -9.92 -10.96
N LYS B 392 -9.73 -10.57 -10.18
CA LYS B 392 -8.35 -10.17 -10.01
C LYS B 392 -8.14 -8.69 -10.08
N ALA B 393 -8.51 -8.02 -9.00
CA ALA B 393 -8.52 -6.57 -8.92
C ALA B 393 -7.15 -5.99 -8.90
N PHE B 394 -6.92 -5.18 -7.89
CA PHE B 394 -5.74 -4.41 -7.89
C PHE B 394 -4.52 -5.32 -7.81
N LEU B 395 -4.69 -6.58 -8.23
CA LEU B 395 -3.65 -7.60 -8.06
C LEU B 395 -2.31 -7.31 -8.75
N HIS B 396 -2.38 -6.75 -9.95
CA HIS B 396 -1.17 -6.36 -10.64
C HIS B 396 -0.23 -5.46 -9.81
N TRP B 397 -0.66 -5.00 -8.63
CA TRP B 397 0.21 -4.23 -7.74
C TRP B 397 1.17 -5.18 -7.08
N TYR B 398 0.78 -6.44 -6.99
CA TYR B 398 1.63 -7.43 -6.38
C TYR B 398 2.33 -8.25 -7.45
N THR B 399 1.56 -8.73 -8.43
CA THR B 399 2.11 -9.46 -9.57
C THR B 399 3.48 -8.89 -9.91
N GLY B 400 3.50 -7.58 -10.15
CA GLY B 400 4.69 -6.87 -10.61
C GLY B 400 5.81 -6.87 -9.61
N GLU B 401 5.49 -6.89 -8.30
CA GLU B 401 6.51 -6.91 -7.25
C GLU B 401 7.11 -8.29 -7.01
N GLY B 402 6.59 -9.29 -7.72
CA GLY B 402 7.24 -10.58 -7.82
C GLY B 402 6.44 -11.74 -7.31
N MET B 403 5.15 -11.51 -7.09
CA MET B 403 4.32 -12.51 -6.46
C MET B 403 3.54 -13.31 -7.44
N ASP B 404 3.14 -14.50 -7.01
CA ASP B 404 2.33 -15.33 -7.86
C ASP B 404 0.83 -15.13 -7.62
N GLU B 405 0.11 -15.16 -8.74
CA GLU B 405 -1.34 -15.24 -8.83
C GLU B 405 -1.96 -16.14 -7.78
N MET B 406 -1.45 -17.36 -7.67
CA MET B 406 -2.04 -18.42 -6.85
C MET B 406 -1.66 -18.37 -5.35
N GLU B 407 -0.71 -17.53 -4.99
CA GLU B 407 -0.36 -17.32 -3.60
C GLU B 407 -1.49 -16.62 -2.87
N PHE B 408 -2.36 -15.98 -3.65
CA PHE B 408 -3.58 -15.36 -3.14
C PHE B 408 -4.65 -16.42 -2.94
N THR B 409 -4.94 -17.21 -3.97
CA THR B 409 -5.88 -18.34 -3.81
C THR B 409 -5.42 -19.23 -2.65
N GLU B 410 -4.14 -19.58 -2.66
CA GLU B 410 -3.53 -20.41 -1.63
C GLU B 410 -3.64 -19.89 -0.21
N ALA B 411 -3.68 -18.57 -0.06
CA ALA B 411 -3.95 -17.91 1.23
C ALA B 411 -5.44 -17.78 1.47
N GLU B 412 -6.19 -17.32 0.46
CA GLU B 412 -7.63 -17.25 0.54
C GLU B 412 -8.15 -18.58 1.03
N SER B 413 -7.62 -19.68 0.48
CA SER B 413 -8.10 -21.02 0.81
C SER B 413 -7.71 -21.53 2.20
N ASN B 414 -6.54 -21.14 2.71
CA ASN B 414 -6.14 -21.47 4.10
C ASN B 414 -7.08 -20.80 5.12
N MET B 415 -7.36 -19.54 4.85
CA MET B 415 -8.15 -18.70 5.71
C MET B 415 -9.55 -19.20 5.79
N ASN B 416 -10.07 -19.58 4.63
CA ASN B 416 -11.40 -20.17 4.49
C ASN B 416 -11.50 -21.42 5.35
N ASP B 417 -10.40 -22.15 5.45
CA ASP B 417 -10.33 -23.35 6.30
C ASP B 417 -10.51 -22.95 7.75
N LEU B 418 -9.66 -22.01 8.21
CA LEU B 418 -9.74 -21.49 9.56
C LEU B 418 -11.18 -21.16 9.95
N VAL B 419 -11.85 -20.43 9.09
CA VAL B 419 -13.27 -20.14 9.25
C VAL B 419 -14.03 -21.44 9.49
N SER B 420 -13.79 -22.45 8.65
CA SER B 420 -14.53 -23.71 8.71
C SER B 420 -14.02 -24.75 9.73
N GLU B 421 -13.04 -24.37 10.55
CA GLU B 421 -12.62 -25.21 11.67
C GLU B 421 -13.23 -24.62 12.92
N TYR B 422 -13.30 -23.29 12.95
CA TYR B 422 -14.09 -22.55 13.92
C TYR B 422 -15.55 -23.01 13.81
N GLN B 423 -16.12 -22.85 12.61
CA GLN B 423 -17.49 -23.26 12.31
C GLN B 423 -17.73 -24.72 12.72
N GLN B 424 -16.67 -25.52 12.70
CA GLN B 424 -16.74 -26.91 13.12
C GLN B 424 -16.87 -27.05 14.61
N TYR B 425 -16.09 -26.28 15.35
CA TYR B 425 -16.11 -26.30 16.81
C TYR B 425 -17.28 -25.51 17.39
N GLN B 426 -18.41 -25.67 16.73
CA GLN B 426 -19.69 -25.48 17.36
C GLN B 426 -20.37 -26.87 17.26
N ASP B 427 -19.73 -27.82 17.97
CA ASP B 427 -19.92 -29.28 17.86
C ASP B 427 -20.90 -29.89 18.88
N ALA B 428 -20.41 -30.74 19.80
CA ALA B 428 -21.25 -31.42 20.82
C ALA B 428 -20.46 -32.39 21.74
N ARG C 2 9.69 10.86 -2.01
CA ARG C 2 10.58 11.93 -1.52
C ARG C 2 10.63 13.18 -2.48
N GLU C 3 11.26 13.06 -3.65
CA GLU C 3 11.43 14.20 -4.56
C GLU C 3 10.60 13.94 -5.82
N CYS C 4 10.22 15.00 -6.54
CA CYS C 4 9.26 14.88 -7.67
C CYS C 4 9.44 15.83 -8.86
N ILE C 5 10.20 15.35 -9.84
CA ILE C 5 10.59 16.12 -11.02
C ILE C 5 9.45 16.41 -12.00
N SER C 6 9.41 17.64 -12.48
CA SER C 6 8.46 17.99 -13.49
C SER C 6 9.14 18.02 -14.86
N ILE C 7 8.56 17.35 -15.83
CA ILE C 7 8.95 17.49 -17.23
C ILE C 7 7.77 18.09 -18.00
N HIS C 8 7.96 19.24 -18.63
CA HIS C 8 6.91 19.77 -19.47
C HIS C 8 7.43 19.77 -20.88
N VAL C 9 6.85 18.92 -21.70
CA VAL C 9 7.27 18.89 -23.09
C VAL C 9 6.18 19.51 -23.91
N GLY C 10 6.57 20.40 -24.80
CA GLY C 10 5.69 20.82 -25.87
C GLY C 10 4.74 21.93 -25.49
N GLN C 11 4.59 22.87 -26.44
CA GLN C 11 3.94 24.17 -26.22
C GLN C 11 2.90 24.12 -25.10
N ALA C 12 1.89 23.27 -25.27
CA ALA C 12 0.80 23.15 -24.33
C ALA C 12 1.33 22.76 -23.00
N GLY C 13 2.06 21.65 -22.96
CA GLY C 13 2.68 21.21 -21.74
C GLY C 13 3.43 22.31 -20.99
N VAL C 14 4.26 23.03 -21.71
CA VAL C 14 5.01 24.10 -21.11
C VAL C 14 4.12 25.19 -20.57
N GLN C 15 3.24 25.74 -21.41
CA GLN C 15 2.37 26.88 -21.05
C GLN C 15 1.48 26.55 -19.87
N ILE C 16 0.99 25.29 -19.82
CA ILE C 16 0.30 24.72 -18.64
C ILE C 16 1.24 24.72 -17.45
N GLY C 17 2.44 24.22 -17.68
CA GLY C 17 3.44 24.12 -16.64
C GLY C 17 3.74 25.48 -16.06
N ASN C 18 3.96 26.42 -16.96
CA ASN C 18 4.31 27.77 -16.55
C ASN C 18 3.33 28.38 -15.55
N ALA C 19 2.04 28.22 -15.85
CA ALA C 19 0.99 28.85 -15.06
C ALA C 19 0.50 27.91 -13.96
N CYS C 20 1.21 26.82 -13.75
CA CYS C 20 0.98 26.14 -12.51
C CYS C 20 2.23 26.06 -11.66
N TRP C 21 3.39 26.42 -12.19
CA TRP C 21 4.52 26.65 -11.30
C TRP C 21 4.31 27.97 -10.62
N GLU C 22 3.71 28.89 -11.37
CA GLU C 22 3.24 30.15 -10.84
C GLU C 22 2.30 29.91 -9.65
N LEU C 23 1.36 28.99 -9.81
CA LEU C 23 0.39 28.74 -8.77
C LEU C 23 1.06 28.10 -7.58
N TYR C 24 2.02 27.22 -7.84
CA TYR C 24 2.75 26.53 -6.76
C TYR C 24 3.44 27.59 -5.98
N CYS C 25 3.99 28.55 -6.69
CA CYS C 25 4.78 29.60 -6.07
C CYS C 25 3.93 30.52 -5.19
N LEU C 26 2.71 30.81 -5.66
CA LEU C 26 1.79 31.64 -4.90
C LEU C 26 1.32 30.89 -3.63
N GLU C 27 1.19 29.56 -3.74
CA GLU C 27 0.77 28.69 -2.63
C GLU C 27 1.81 28.54 -1.51
N HIS C 28 3.08 28.46 -1.89
CA HIS C 28 4.18 28.22 -0.97
C HIS C 28 4.88 29.51 -0.56
N GLY C 29 4.53 30.60 -1.24
CA GLY C 29 5.08 31.90 -0.93
C GLY C 29 6.53 32.04 -1.36
N ILE C 30 6.74 31.94 -2.67
CA ILE C 30 8.05 32.19 -3.28
C ILE C 30 7.92 33.36 -4.25
N GLN C 31 8.38 34.54 -3.83
CA GLN C 31 8.44 35.68 -4.73
C GLN C 31 9.36 35.32 -5.88
N PRO C 32 8.89 35.50 -7.12
CA PRO C 32 9.67 35.22 -8.33
C PRO C 32 11.19 35.25 -8.12
N ASP C 33 11.69 36.32 -7.50
CA ASP C 33 13.11 36.49 -7.12
C ASP C 33 13.85 35.19 -6.75
N GLY C 34 13.12 34.24 -6.16
CA GLY C 34 13.62 32.93 -5.76
C GLY C 34 13.38 32.62 -4.30
N GLN C 35 13.70 33.57 -3.44
CA GLN C 35 13.72 33.39 -1.96
C GLN C 35 12.33 33.47 -1.28
N MET C 36 12.15 32.69 -0.19
CA MET C 36 10.88 32.63 0.58
C MET C 36 11.05 33.05 2.05
N PRO C 37 10.39 34.14 2.47
CA PRO C 37 10.49 34.62 3.85
C PRO C 37 10.01 33.58 4.85
N SER C 38 9.94 32.32 4.42
CA SER C 38 9.35 31.27 5.21
C SER C 38 10.34 30.43 6.04
N ASP C 39 11.34 31.11 6.66
CA ASP C 39 12.15 30.63 7.84
C ASP C 39 13.41 29.72 7.71
N LYS C 40 13.46 28.82 6.72
CA LYS C 40 14.64 27.98 6.40
C LYS C 40 14.45 27.14 5.10
N THR C 41 15.09 25.95 5.06
CA THR C 41 15.32 25.14 3.86
C THR C 41 16.83 24.87 3.74
N ILE C 42 17.50 24.91 4.91
CA ILE C 42 18.98 25.00 5.08
C ILE C 42 19.84 24.41 3.95
N ASP C 47 12.03 20.14 5.40
CA ASP C 47 11.65 19.53 4.14
C ASP C 47 10.23 19.91 3.63
N SER C 48 9.47 18.91 3.15
CA SER C 48 8.05 19.04 2.76
C SER C 48 7.72 19.91 1.53
N PHE C 49 7.84 21.24 1.67
CA PHE C 49 7.80 22.21 0.56
C PHE C 49 8.94 21.83 -0.39
N ASN C 50 9.70 20.82 0.07
CA ASN C 50 10.86 20.23 -0.60
C ASN C 50 10.54 19.21 -1.68
N THR C 51 9.36 18.62 -1.61
CA THR C 51 8.97 17.65 -2.63
C THR C 51 9.19 18.17 -4.04
N PHE C 52 8.84 19.43 -4.27
CA PHE C 52 8.88 20.00 -5.62
C PHE C 52 10.01 20.99 -5.88
N PHE C 53 10.59 21.56 -4.82
CA PHE C 53 11.64 22.56 -4.99
C PHE C 53 13.01 22.03 -4.46
N SER C 54 14.12 22.43 -5.10
CA SER C 54 15.49 22.10 -4.62
C SER C 54 16.26 23.33 -4.09
N GLU C 55 16.35 23.47 -2.76
CA GLU C 55 16.82 24.71 -2.14
C GLU C 55 18.23 25.06 -2.59
N THR C 56 18.33 25.60 -3.81
CA THR C 56 19.62 25.91 -4.43
C THR C 56 20.33 27.14 -3.82
N GLY C 57 21.66 27.08 -3.71
CA GLY C 57 22.44 28.20 -3.21
C GLY C 57 21.88 28.65 -1.90
N ALA C 58 22.34 29.79 -1.39
CA ALA C 58 21.88 30.27 -0.09
C ALA C 58 20.94 31.47 -0.22
N GLY C 59 19.90 31.34 -1.05
CA GLY C 59 18.90 32.37 -1.16
C GLY C 59 17.68 31.82 -1.84
N LYS C 60 17.93 31.17 -2.98
CA LYS C 60 16.94 30.75 -4.02
C LYS C 60 16.21 29.41 -3.77
N HIS C 61 15.22 29.09 -4.60
CA HIS C 61 14.40 27.90 -4.38
C HIS C 61 14.20 26.93 -5.58
N VAL C 62 14.70 27.29 -6.78
CA VAL C 62 14.54 26.57 -8.08
C VAL C 62 13.67 25.26 -8.15
N PRO C 63 12.65 25.26 -9.02
CA PRO C 63 11.83 24.06 -9.24
C PRO C 63 12.68 22.87 -9.60
N ARG C 64 12.07 21.71 -9.53
CA ARG C 64 12.69 20.51 -10.05
C ARG C 64 11.98 20.24 -11.36
N ALA C 65 12.30 21.12 -12.29
CA ALA C 65 11.59 21.14 -13.52
C ALA C 65 12.59 21.08 -14.66
N VAL C 66 12.16 20.55 -15.80
CA VAL C 66 12.85 20.71 -17.08
C VAL C 66 11.79 20.95 -18.15
N PHE C 67 12.06 21.89 -19.05
CA PHE C 67 11.11 22.26 -20.10
C PHE C 67 11.74 22.00 -21.45
N VAL C 68 11.11 21.18 -22.25
CA VAL C 68 11.60 20.96 -23.58
C VAL C 68 10.52 21.34 -24.54
N ASP C 69 10.91 21.90 -25.67
CA ASP C 69 9.98 22.13 -26.76
C ASP C 69 10.88 22.22 -27.98
N LEU C 70 10.35 21.94 -29.18
CA LEU C 70 11.23 21.96 -30.38
C LEU C 70 11.40 23.28 -31.17
N GLU C 71 10.54 24.25 -30.89
CA GLU C 71 10.79 25.65 -31.20
C GLU C 71 11.21 26.33 -29.92
N PRO C 72 11.96 27.41 -30.01
CA PRO C 72 12.16 28.28 -28.86
C PRO C 72 10.82 28.93 -28.53
N THR C 73 10.62 30.18 -28.97
CA THR C 73 9.36 30.91 -28.88
C THR C 73 8.65 30.92 -27.53
N VAL C 74 8.21 29.73 -27.06
CA VAL C 74 7.38 29.59 -25.87
C VAL C 74 8.20 29.44 -24.62
N ILE C 75 9.14 28.52 -24.72
CA ILE C 75 10.16 28.41 -23.72
C ILE C 75 10.81 29.78 -23.53
N ASP C 76 10.85 30.56 -24.62
CA ASP C 76 11.51 31.87 -24.63
C ASP C 76 10.78 32.86 -23.72
N GLU C 77 9.46 32.64 -23.57
CA GLU C 77 8.57 33.49 -22.80
C GLU C 77 8.89 33.43 -21.34
N VAL C 78 9.45 32.30 -20.95
CA VAL C 78 9.83 32.09 -19.57
C VAL C 78 11.08 32.91 -19.22
N ARG C 79 12.13 32.78 -20.03
CA ARG C 79 13.38 33.46 -19.75
C ARG C 79 13.25 34.92 -20.10
N THR C 80 12.01 35.37 -20.29
CA THR C 80 11.74 36.77 -20.58
C THR C 80 10.86 37.44 -19.52
N GLY C 81 9.71 36.82 -19.20
CA GLY C 81 8.83 37.31 -18.16
C GLY C 81 9.26 36.84 -16.80
N THR C 82 8.91 37.59 -15.75
CA THR C 82 9.37 37.29 -14.39
C THR C 82 9.06 35.87 -14.08
N TYR C 83 9.78 35.36 -13.08
CA TYR C 83 10.07 33.93 -12.91
C TYR C 83 11.31 33.63 -13.77
N ARG C 84 11.70 34.61 -14.58
CA ARG C 84 12.90 34.53 -15.39
C ARG C 84 14.04 34.15 -14.46
N GLN C 85 13.92 34.57 -13.20
CA GLN C 85 14.90 34.29 -12.15
C GLN C 85 14.58 33.01 -11.37
N LEU C 86 13.48 32.36 -11.73
CA LEU C 86 12.96 31.20 -10.99
C LEU C 86 13.74 29.91 -11.29
N PHE C 87 13.93 29.64 -12.58
CA PHE C 87 14.60 28.42 -13.03
C PHE C 87 16.09 28.60 -13.19
N HIS C 88 16.82 27.49 -13.22
CA HIS C 88 18.19 27.47 -13.73
C HIS C 88 18.16 27.62 -15.25
N PRO C 89 19.12 28.36 -15.83
CA PRO C 89 19.23 28.50 -17.30
C PRO C 89 19.22 27.18 -18.09
N GLU C 90 19.87 26.13 -17.54
CA GLU C 90 19.92 24.79 -18.17
C GLU C 90 18.57 24.07 -18.25
N GLN C 91 17.77 24.15 -17.20
CA GLN C 91 16.51 23.40 -17.15
C GLN C 91 15.50 23.83 -18.24
N LEU C 92 15.92 24.79 -19.06
CA LEU C 92 15.10 25.24 -20.17
C LEU C 92 15.77 24.91 -21.50
N ILE C 93 15.27 23.83 -22.12
CA ILE C 93 15.82 23.37 -23.40
C ILE C 93 14.88 23.66 -24.55
N THR C 94 15.47 24.07 -25.66
CA THR C 94 14.75 24.64 -26.81
C THR C 94 15.39 24.10 -28.10
N GLY C 95 14.61 23.90 -29.17
CA GLY C 95 15.05 23.06 -30.27
C GLY C 95 15.31 23.63 -31.64
N LYS C 96 15.08 24.94 -31.79
CA LYS C 96 15.34 25.65 -33.04
C LYS C 96 14.43 25.28 -34.22
N GLU C 97 14.47 24.02 -34.64
CA GLU C 97 13.60 23.65 -35.73
C GLU C 97 12.30 23.04 -35.19
N ASP C 98 11.18 23.51 -35.68
CA ASP C 98 9.94 23.06 -35.10
C ASP C 98 9.55 21.59 -35.38
N ALA C 99 8.48 21.20 -34.69
CA ALA C 99 7.89 19.87 -34.67
C ALA C 99 7.04 19.59 -35.85
N ALA C 100 6.45 20.66 -36.36
CA ALA C 100 5.65 20.56 -37.56
C ALA C 100 4.35 19.76 -37.39
N ASN C 101 3.91 19.57 -36.15
CA ASN C 101 2.57 19.08 -35.92
C ASN C 101 2.38 17.62 -36.35
N ASN C 102 3.43 16.81 -36.30
CA ASN C 102 3.27 15.37 -36.52
C ASN C 102 4.17 14.44 -35.73
N TYR C 103 3.53 13.49 -35.03
CA TYR C 103 4.21 12.53 -34.17
C TYR C 103 5.50 12.13 -34.83
N ALA C 104 5.40 11.69 -36.07
CA ALA C 104 6.55 11.17 -36.79
C ALA C 104 7.80 12.02 -36.58
N ARG C 105 7.60 13.32 -36.59
CA ARG C 105 8.70 14.25 -36.52
C ARG C 105 9.37 14.11 -35.17
N GLY C 106 8.60 14.40 -34.12
CA GLY C 106 9.12 14.47 -32.77
C GLY C 106 9.67 13.17 -32.22
N HIS C 107 9.08 12.07 -32.63
CA HIS C 107 9.51 10.79 -32.14
C HIS C 107 10.76 10.26 -32.82
N TYR C 108 10.98 10.65 -34.09
CA TYR C 108 12.10 10.11 -34.88
C TYR C 108 13.06 11.16 -35.41
N THR C 109 12.55 11.94 -36.38
CA THR C 109 13.34 12.87 -37.18
C THR C 109 13.97 13.98 -36.38
N ILE C 110 13.12 14.87 -35.92
CA ILE C 110 13.56 16.06 -35.25
C ILE C 110 13.88 15.86 -33.74
N GLY C 111 13.42 14.74 -33.17
CA GLY C 111 13.57 14.48 -31.74
C GLY C 111 14.90 13.85 -31.42
N LYS C 112 15.16 12.75 -32.10
CA LYS C 112 16.45 12.08 -32.10
C LYS C 112 17.50 13.04 -31.61
N GLU C 113 17.38 14.24 -32.19
CA GLU C 113 18.44 15.22 -32.16
C GLU C 113 18.62 15.76 -30.75
N ILE C 114 17.51 16.16 -30.13
CA ILE C 114 17.57 16.84 -28.84
C ILE C 114 17.49 15.86 -27.66
N ILE C 115 16.71 14.81 -27.86
CA ILE C 115 16.44 13.79 -26.85
C ILE C 115 17.57 13.44 -25.86
N ASP C 116 18.80 13.43 -26.37
CA ASP C 116 19.92 13.03 -25.54
C ASP C 116 20.26 14.14 -24.55
N LEU C 117 20.01 15.38 -24.99
CA LEU C 117 20.26 16.58 -24.18
C LEU C 117 19.37 16.56 -22.94
N VAL C 118 18.07 16.46 -23.20
CA VAL C 118 17.06 16.43 -22.16
C VAL C 118 17.43 15.35 -21.18
N LEU C 119 17.40 14.12 -21.68
CA LEU C 119 17.65 12.94 -20.86
C LEU C 119 18.82 13.10 -19.88
N ASP C 120 19.85 13.81 -20.37
CA ASP C 120 21.00 14.18 -19.57
C ASP C 120 20.58 15.13 -18.46
N ARG C 121 19.99 16.27 -18.85
CA ARG C 121 19.69 17.32 -17.88
C ARG C 121 18.69 16.96 -16.76
N ILE C 122 17.79 16.02 -17.05
CA ILE C 122 16.80 15.61 -16.07
C ILE C 122 17.54 14.80 -15.06
N ARG C 123 18.50 14.02 -15.54
CA ARG C 123 19.38 13.27 -14.65
C ARG C 123 20.25 14.13 -13.72
N LYS C 124 20.74 15.26 -14.22
CA LYS C 124 21.48 16.27 -13.43
C LYS C 124 20.65 16.68 -12.23
N LEU C 125 19.33 16.71 -12.46
CA LEU C 125 18.32 17.24 -11.55
C LEU C 125 17.90 16.21 -10.52
N ALA C 126 17.84 14.95 -10.95
CA ALA C 126 17.52 13.82 -10.09
C ALA C 126 18.78 13.29 -9.44
N ASP C 127 19.90 13.90 -9.80
CA ASP C 127 21.19 13.60 -9.17
C ASP C 127 21.28 14.18 -7.77
N GLN C 128 20.79 15.42 -7.59
CA GLN C 128 20.65 16.04 -6.26
C GLN C 128 19.25 15.71 -5.64
N CYS C 129 19.06 14.43 -5.31
CA CYS C 129 17.79 13.89 -4.86
C CYS C 129 18.00 12.55 -4.21
N THR C 130 18.00 12.53 -2.89
CA THR C 130 18.16 11.26 -2.20
C THR C 130 16.82 10.56 -2.05
N GLY C 131 16.56 9.67 -3.00
CA GLY C 131 15.34 8.88 -3.03
C GLY C 131 14.22 9.47 -3.87
N LEU C 132 14.56 9.91 -5.09
CA LEU C 132 13.58 10.48 -6.01
C LEU C 132 12.45 9.51 -6.24
N GLN C 133 11.25 10.07 -6.30
CA GLN C 133 10.04 9.30 -6.31
C GLN C 133 9.54 8.93 -7.72
N GLY C 134 9.13 9.92 -8.52
CA GLY C 134 8.59 9.69 -9.84
C GLY C 134 8.77 10.89 -10.73
N PHE C 135 8.05 10.89 -11.84
CA PHE C 135 8.02 12.07 -12.70
C PHE C 135 6.62 12.55 -13.01
N LEU C 136 6.45 13.86 -12.97
CA LEU C 136 5.28 14.44 -13.58
C LEU C 136 5.70 14.90 -14.94
N VAL C 137 4.91 14.49 -15.94
CA VAL C 137 5.16 14.81 -17.34
C VAL C 137 3.91 15.51 -17.85
N PHE C 138 4.06 16.73 -18.30
CA PHE C 138 2.91 17.43 -18.79
C PHE C 138 3.13 17.53 -20.28
N HIS C 139 2.13 17.12 -21.08
CA HIS C 139 2.20 17.17 -22.55
C HIS C 139 0.88 17.22 -23.25
N SER C 140 0.93 17.54 -24.52
CA SER C 140 -0.27 17.58 -25.36
C SER C 140 -0.56 16.22 -25.99
N PHE C 141 -1.84 15.92 -26.19
CA PHE C 141 -2.20 14.64 -26.77
C PHE C 141 -1.91 14.78 -28.22
N GLY C 142 -2.71 15.60 -28.91
CA GLY C 142 -2.44 15.96 -30.30
C GLY C 142 -1.38 17.03 -30.24
N GLY C 143 -0.58 17.15 -31.31
CA GLY C 143 0.43 18.20 -31.33
C GLY C 143 1.77 17.60 -31.52
N GLY C 144 2.65 18.37 -32.17
CA GLY C 144 3.86 17.84 -32.77
C GLY C 144 4.80 17.14 -31.83
N THR C 145 5.57 17.93 -31.11
CA THR C 145 6.51 17.35 -30.17
C THR C 145 5.69 16.67 -29.06
N GLY C 146 4.61 17.34 -28.67
CA GLY C 146 3.76 16.94 -27.56
C GLY C 146 3.39 15.48 -27.53
N SER C 147 3.08 14.92 -28.70
CA SER C 147 2.83 13.50 -28.79
C SER C 147 4.16 12.77 -28.98
N GLY C 148 4.92 13.26 -29.97
CA GLY C 148 6.09 12.57 -30.48
C GLY C 148 7.25 12.46 -29.52
N PHE C 149 7.75 13.63 -29.12
CA PHE C 149 8.84 13.70 -28.20
C PHE C 149 8.44 13.05 -26.90
N THR C 150 7.37 13.53 -26.29
CA THR C 150 6.86 12.87 -25.09
C THR C 150 7.01 11.38 -25.18
N SER C 151 6.37 10.77 -26.16
CA SER C 151 6.47 9.33 -26.32
C SER C 151 7.91 8.85 -26.21
N LEU C 152 8.79 9.36 -27.05
CA LEU C 152 10.19 8.98 -26.97
C LEU C 152 10.74 9.19 -25.58
N LEU C 153 10.64 10.40 -25.05
CA LEU C 153 11.14 10.67 -23.72
C LEU C 153 10.78 9.50 -22.85
N MET C 154 9.49 9.21 -22.75
CA MET C 154 8.97 8.23 -21.80
C MET C 154 9.51 6.82 -21.98
N GLU C 155 9.76 6.41 -23.23
CA GLU C 155 10.30 5.08 -23.46
C GLU C 155 11.59 5.10 -22.72
N ARG C 156 12.41 6.09 -23.03
CA ARG C 156 13.80 6.12 -22.56
C ARG C 156 13.89 6.32 -21.06
N LEU C 157 13.01 7.17 -20.54
CA LEU C 157 12.85 7.27 -19.11
C LEU C 157 12.71 5.87 -18.53
N SER C 158 11.71 5.12 -19.04
CA SER C 158 11.45 3.75 -18.60
C SER C 158 12.73 2.91 -18.49
N VAL C 159 13.69 3.20 -19.37
CA VAL C 159 14.95 2.46 -19.36
C VAL C 159 15.88 2.99 -18.30
N ASP C 160 16.09 4.31 -18.28
CA ASP C 160 17.07 4.95 -17.38
C ASP C 160 16.61 4.88 -15.89
N TYR C 161 15.29 4.81 -15.67
CA TYR C 161 14.66 4.76 -14.31
C TYR C 161 13.61 3.64 -14.15
N GLY C 162 14.09 2.48 -13.68
CA GLY C 162 13.35 1.24 -13.73
C GLY C 162 11.99 1.29 -13.08
N LYS C 163 12.00 1.42 -11.77
CA LYS C 163 10.78 1.48 -10.96
C LYS C 163 10.12 2.85 -11.20
N LYS C 164 10.66 3.88 -10.56
CA LYS C 164 10.13 5.25 -10.57
C LYS C 164 8.95 5.47 -11.52
N SER C 165 7.81 5.76 -10.91
CA SER C 165 6.56 5.92 -11.62
C SER C 165 6.61 7.15 -12.47
N LYS C 166 5.84 7.09 -13.53
CA LYS C 166 5.63 8.22 -14.40
C LYS C 166 4.17 8.65 -14.31
N LEU C 167 3.93 9.94 -14.22
CA LEU C 167 2.60 10.43 -14.12
C LEU C 167 2.27 11.42 -15.19
N GLU C 168 1.53 10.99 -16.20
CA GLU C 168 1.28 11.89 -17.31
C GLU C 168 0.00 12.72 -17.10
N PHE C 169 0.01 13.97 -17.60
CA PHE C 169 -1.13 14.89 -17.59
C PHE C 169 -1.44 15.24 -19.00
N SER C 170 -2.25 14.46 -19.71
CA SER C 170 -2.41 14.73 -21.13
C SER C 170 -3.42 15.85 -21.39
N ILE C 171 -3.22 16.66 -22.41
CA ILE C 171 -4.29 17.57 -22.80
C ILE C 171 -4.96 17.09 -24.08
N TYR C 172 -5.93 16.20 -23.85
CA TYR C 172 -6.81 15.68 -24.87
C TYR C 172 -7.52 16.85 -25.61
N PRO C 173 -7.57 16.80 -26.95
CA PRO C 173 -7.86 17.99 -27.77
C PRO C 173 -9.29 18.07 -28.29
N ALA C 174 -9.79 19.29 -28.49
CA ALA C 174 -11.16 19.46 -28.93
C ALA C 174 -11.29 20.46 -30.05
N PRO C 175 -12.16 20.12 -30.98
CA PRO C 175 -12.37 20.84 -32.25
C PRO C 175 -12.17 22.39 -32.33
N GLN C 176 -12.79 23.10 -31.37
CA GLN C 176 -12.84 24.57 -31.30
C GLN C 176 -11.51 25.23 -30.84
N VAL C 177 -11.04 24.92 -29.63
CA VAL C 177 -9.76 25.47 -29.12
C VAL C 177 -8.63 24.81 -29.86
N SER C 178 -8.30 25.55 -30.91
CA SER C 178 -8.09 25.03 -32.24
C SER C 178 -7.16 23.84 -32.27
N THR C 179 -7.65 22.78 -32.87
CA THR C 179 -6.86 21.56 -33.05
C THR C 179 -5.89 21.68 -34.24
N ALA C 180 -5.82 20.61 -35.02
CA ALA C 180 -5.27 20.61 -36.37
C ALA C 180 -5.87 19.38 -36.98
N VAL C 181 -6.22 19.49 -38.24
CA VAL C 181 -6.64 18.33 -38.99
C VAL C 181 -6.03 17.04 -38.44
N VAL C 182 -4.71 17.00 -38.39
CA VAL C 182 -3.97 15.75 -38.22
C VAL C 182 -3.90 15.29 -36.76
N GLU C 183 -4.50 16.09 -35.87
CA GLU C 183 -4.51 15.84 -34.42
C GLU C 183 -4.81 14.36 -34.11
N PRO C 184 -6.02 13.92 -34.48
CA PRO C 184 -6.41 12.53 -34.31
C PRO C 184 -5.27 11.55 -34.47
N TYR C 185 -4.49 11.65 -35.53
CA TYR C 185 -3.40 10.70 -35.73
C TYR C 185 -2.45 10.76 -34.57
N ASN C 186 -1.94 11.95 -34.34
CA ASN C 186 -0.94 12.14 -33.33
C ASN C 186 -1.31 11.45 -32.02
N SER C 187 -2.55 11.64 -31.58
CA SER C 187 -3.02 11.18 -30.25
C SER C 187 -3.07 9.66 -30.19
N ILE C 188 -3.71 9.05 -31.18
CA ILE C 188 -3.77 7.58 -31.30
C ILE C 188 -2.38 6.99 -31.37
N LEU C 189 -1.49 7.69 -32.01
CA LEU C 189 -0.17 7.20 -32.16
C LEU C 189 0.58 7.14 -30.83
N THR C 190 0.72 8.27 -30.14
CA THR C 190 1.53 8.34 -28.90
C THR C 190 0.96 7.39 -27.85
N THR C 191 -0.30 7.65 -27.48
CA THR C 191 -1.04 6.93 -26.43
C THR C 191 -0.84 5.42 -26.49
N HIS C 192 -0.57 4.92 -27.70
CA HIS C 192 -0.23 3.53 -27.95
C HIS C 192 1.11 3.22 -27.32
N THR C 193 2.16 3.78 -27.92
CA THR C 193 3.55 3.54 -27.50
C THR C 193 3.77 3.87 -26.02
N THR C 194 3.19 4.99 -25.62
CA THR C 194 3.39 5.65 -24.35
C THR C 194 2.69 4.95 -23.17
N LEU C 195 1.61 4.25 -23.52
CA LEU C 195 0.75 3.56 -22.58
C LEU C 195 1.44 2.50 -21.74
N GLU C 196 2.29 1.66 -22.34
CA GLU C 196 2.93 0.61 -21.55
C GLU C 196 4.12 1.10 -20.73
N HIS C 197 4.36 2.38 -20.81
CA HIS C 197 5.50 2.98 -20.15
C HIS C 197 5.08 3.98 -19.05
N SER C 198 3.82 4.41 -19.08
CA SER C 198 3.26 5.42 -18.16
C SER C 198 2.35 4.77 -17.08
N ASP C 199 2.31 5.31 -15.86
CA ASP C 199 1.63 4.63 -14.72
C ASP C 199 0.14 5.00 -14.45
N CYS C 200 -0.18 6.26 -14.67
CA CYS C 200 -1.48 6.82 -14.36
C CYS C 200 -1.44 8.07 -15.17
N ALA C 201 -2.57 8.39 -15.77
CA ALA C 201 -2.64 9.53 -16.67
C ALA C 201 -3.89 10.39 -16.49
N PHE C 202 -3.64 11.62 -16.10
CA PHE C 202 -4.71 12.56 -15.90
C PHE C 202 -5.02 13.22 -17.21
N MET C 203 -6.08 12.74 -17.81
CA MET C 203 -6.49 13.36 -18.99
C MET C 203 -7.15 14.70 -18.62
N VAL C 204 -7.01 15.70 -19.50
CA VAL C 204 -7.73 16.97 -19.40
C VAL C 204 -8.32 17.29 -20.77
N ASP C 205 -9.63 17.30 -20.86
CA ASP C 205 -10.24 17.63 -22.12
C ASP C 205 -10.28 19.14 -22.24
N ASN C 206 -9.60 19.66 -23.25
CA ASN C 206 -9.62 21.09 -23.52
C ASN C 206 -11.04 21.60 -23.66
N GLU C 207 -11.89 20.85 -24.37
CA GLU C 207 -13.31 21.17 -24.52
C GLU C 207 -13.92 21.49 -23.16
N ALA C 208 -13.76 20.54 -22.25
CA ALA C 208 -14.31 20.70 -20.92
C ALA C 208 -13.95 22.06 -20.37
N ILE C 209 -12.67 22.36 -20.35
CA ILE C 209 -12.14 23.54 -19.71
C ILE C 209 -12.76 24.77 -20.30
N TYR C 210 -12.58 24.90 -21.62
CA TYR C 210 -13.15 26.00 -22.42
C TYR C 210 -14.61 26.10 -22.04
N ASP C 211 -15.26 24.94 -21.95
CA ASP C 211 -16.67 24.87 -21.61
C ASP C 211 -16.97 25.46 -20.24
N ILE C 212 -16.11 25.15 -19.28
CA ILE C 212 -16.29 25.68 -17.95
C ILE C 212 -16.04 27.18 -17.91
N CYS C 213 -15.13 27.67 -18.75
CA CYS C 213 -14.82 29.11 -18.82
C CYS C 213 -15.95 29.94 -19.45
N ARG C 214 -16.91 29.26 -20.08
CA ARG C 214 -18.03 29.94 -20.74
C ARG C 214 -19.25 29.92 -19.86
N ARG C 215 -19.54 28.74 -19.30
CA ARG C 215 -20.66 28.58 -18.37
C ARG C 215 -20.41 29.42 -17.12
N ASN C 216 -19.25 29.22 -16.50
CA ASN C 216 -18.99 29.72 -15.15
C ASN C 216 -18.27 31.06 -15.12
N LEU C 217 -17.20 31.19 -15.89
CA LEU C 217 -16.41 32.41 -15.85
C LEU C 217 -17.06 33.52 -16.66
N ASP C 218 -17.88 33.12 -17.62
CA ASP C 218 -18.60 34.06 -18.49
C ASP C 218 -17.67 34.79 -19.50
N ILE C 219 -16.57 34.14 -19.86
CA ILE C 219 -15.64 34.70 -20.85
C ILE C 219 -16.05 34.21 -22.21
N GLU C 220 -16.46 35.15 -23.05
CA GLU C 220 -16.91 34.81 -24.38
C GLU C 220 -15.84 34.15 -25.27
N ARG C 221 -14.57 34.50 -25.09
CA ARG C 221 -13.52 34.04 -26.02
C ARG C 221 -12.28 33.44 -25.38
N PRO C 222 -12.44 32.42 -24.53
CA PRO C 222 -11.41 32.01 -23.56
C PRO C 222 -10.00 31.66 -24.12
N THR C 223 -8.96 32.37 -23.65
CA THR C 223 -7.56 32.18 -24.10
C THR C 223 -7.00 30.89 -23.61
N TYR C 224 -5.81 30.54 -24.12
CA TYR C 224 -5.00 29.49 -23.48
C TYR C 224 -4.69 29.95 -22.06
N THR C 225 -4.07 31.12 -21.99
CA THR C 225 -3.78 31.76 -20.73
C THR C 225 -5.05 31.74 -19.83
N ASN C 226 -6.22 31.76 -20.46
CA ASN C 226 -7.51 31.64 -19.76
C ASN C 226 -7.74 30.22 -19.24
N LEU C 227 -7.48 29.25 -20.12
CA LEU C 227 -7.64 27.85 -19.82
C LEU C 227 -6.62 27.47 -18.81
N ASN C 228 -5.36 27.55 -19.20
CA ASN C 228 -4.24 27.16 -18.36
C ASN C 228 -4.47 27.47 -16.90
N ARG C 229 -4.93 28.69 -16.60
CA ARG C 229 -5.20 29.11 -15.22
C ARG C 229 -6.10 28.09 -14.47
N LEU C 230 -7.15 27.65 -15.16
CA LEU C 230 -8.11 26.69 -14.60
C LEU C 230 -7.50 25.32 -14.49
N ILE C 231 -6.63 24.96 -15.42
CA ILE C 231 -5.91 23.70 -15.31
C ILE C 231 -4.82 23.82 -14.21
N GLY C 232 -4.19 24.99 -14.14
CA GLY C 232 -3.21 25.28 -13.11
C GLY C 232 -3.70 24.80 -11.78
N GLN C 233 -4.96 25.08 -11.48
CA GLN C 233 -5.57 24.71 -10.21
C GLN C 233 -5.76 23.20 -10.05
N ILE C 234 -6.35 22.55 -11.05
CA ILE C 234 -6.64 21.12 -10.97
C ILE C 234 -5.35 20.38 -10.63
N VAL C 235 -4.26 20.76 -11.30
CA VAL C 235 -2.93 20.19 -11.10
C VAL C 235 -2.45 20.39 -9.69
N SER C 236 -2.52 21.64 -9.24
CA SER C 236 -2.12 22.00 -7.89
C SER C 236 -2.82 21.13 -6.88
N SER C 237 -4.12 20.93 -7.07
CA SER C 237 -4.93 20.17 -6.11
C SER C 237 -4.67 18.68 -6.13
N ILE C 238 -4.08 18.18 -7.23
CA ILE C 238 -3.74 16.76 -7.39
C ILE C 238 -2.39 16.45 -6.81
N THR C 239 -1.45 17.33 -7.08
CA THR C 239 -0.17 17.27 -6.44
C THR C 239 -0.35 17.60 -4.99
N ALA C 240 -0.93 18.77 -4.73
CA ALA C 240 -1.09 19.32 -3.37
C ALA C 240 -0.63 18.37 -2.26
N SER C 241 -1.50 17.39 -1.98
CA SER C 241 -1.30 16.32 -0.99
C SER C 241 0.16 16.13 -0.53
N LEU C 242 1.07 15.83 -1.46
CA LEU C 242 2.49 15.70 -1.14
C LEU C 242 3.30 17.01 -1.28
N ARG C 243 2.71 18.08 -1.83
CA ARG C 243 3.38 19.40 -1.90
C ARG C 243 3.53 20.15 -0.53
N PHE C 244 2.43 20.67 0.01
CA PHE C 244 2.39 21.03 1.42
C PHE C 244 2.58 19.71 2.15
N ASP C 245 2.90 19.78 3.43
CA ASP C 245 2.98 18.55 4.20
C ASP C 245 1.69 17.72 4.05
N GLY C 246 0.60 18.25 4.59
CA GLY C 246 -0.55 17.43 4.94
C GLY C 246 -0.24 16.79 6.30
N ALA C 247 -1.28 16.21 6.94
CA ALA C 247 -1.16 15.47 8.21
C ALA C 247 -2.48 14.72 8.37
N LEU C 248 -3.50 15.49 8.76
CA LEU C 248 -4.87 15.08 8.57
C LEU C 248 -5.19 14.97 7.08
N ASN C 249 -4.17 14.63 6.26
CA ASN C 249 -4.34 13.80 5.04
C ASN C 249 -3.39 13.76 3.80
N VAL C 250 -2.95 12.51 3.58
CA VAL C 250 -2.77 11.72 2.32
C VAL C 250 -2.10 12.14 1.02
N ASP C 251 -1.17 11.26 0.59
CA ASP C 251 -0.42 11.30 -0.71
C ASP C 251 -1.08 10.47 -1.89
N LEU C 252 -0.75 10.81 -3.15
CA LEU C 252 -0.97 9.91 -4.29
C LEU C 252 -0.16 8.67 -3.93
N THR C 253 0.02 7.70 -4.80
CA THR C 253 0.64 6.45 -4.29
C THR C 253 -0.44 5.64 -3.53
N GLU C 254 -1.27 6.27 -2.67
CA GLU C 254 -2.45 5.57 -2.11
C GLU C 254 -3.60 5.86 -3.02
N PHE C 255 -3.67 7.14 -3.43
CA PHE C 255 -4.68 7.57 -4.35
C PHE C 255 -4.35 6.86 -5.68
N GLN C 256 -3.05 6.74 -5.99
CA GLN C 256 -2.60 5.94 -7.14
C GLN C 256 -3.07 4.44 -7.09
N THR C 257 -2.81 3.73 -5.98
CA THR C 257 -3.30 2.36 -5.83
C THR C 257 -4.79 2.30 -5.99
N ASN C 258 -5.52 3.28 -5.46
CA ASN C 258 -6.98 3.29 -5.62
C ASN C 258 -7.49 3.48 -7.07
N LEU C 259 -6.87 4.37 -7.84
CA LEU C 259 -7.40 4.73 -9.15
C LEU C 259 -7.23 3.66 -10.22
N VAL C 260 -6.20 2.83 -10.11
CA VAL C 260 -5.85 2.01 -11.26
C VAL C 260 -5.71 0.54 -11.00
N PRO C 261 -6.81 -0.15 -11.17
CA PRO C 261 -6.92 -1.52 -10.72
C PRO C 261 -6.21 -2.40 -11.70
N TYR C 262 -5.85 -1.84 -12.84
CA TYR C 262 -5.39 -2.68 -13.91
C TYR C 262 -4.18 -2.21 -14.72
N PRO C 263 -3.42 -3.15 -15.25
CA PRO C 263 -2.28 -2.82 -16.07
C PRO C 263 -2.56 -1.53 -16.80
N ARG C 264 -3.70 -1.44 -17.45
CA ARG C 264 -3.90 -0.43 -18.48
C ARG C 264 -4.08 1.00 -17.98
N ILE C 265 -2.93 1.53 -17.47
CA ILE C 265 -2.49 2.95 -17.19
C ILE C 265 -3.57 3.91 -16.76
N HIS C 266 -4.70 3.29 -16.45
CA HIS C 266 -6.00 3.91 -16.46
C HIS C 266 -6.03 5.41 -16.26
N PHE C 267 -6.98 6.02 -16.94
CA PHE C 267 -6.99 7.44 -17.13
C PHE C 267 -8.13 7.93 -16.28
N PRO C 268 -7.74 8.46 -15.15
CA PRO C 268 -8.68 9.02 -14.19
C PRO C 268 -9.36 10.30 -14.72
N LEU C 269 -10.64 10.47 -14.36
CA LEU C 269 -11.32 11.72 -14.64
C LEU C 269 -10.88 12.79 -13.63
N ALA C 270 -10.61 14.00 -14.16
CA ALA C 270 -10.47 15.22 -13.35
C ALA C 270 -11.74 16.14 -13.28
N THR C 271 -12.18 16.50 -12.07
CA THR C 271 -13.33 17.38 -11.87
C THR C 271 -12.84 18.45 -10.88
N TYR C 272 -13.04 19.74 -11.15
CA TYR C 272 -12.78 20.73 -10.09
C TYR C 272 -14.05 21.19 -9.38
N ALA C 273 -13.87 21.73 -8.18
CA ALA C 273 -14.99 22.00 -7.28
C ALA C 273 -15.73 23.32 -7.50
N PRO C 274 -15.26 24.42 -6.92
CA PRO C 274 -15.88 25.72 -7.13
C PRO C 274 -14.99 26.60 -8.01
N VAL C 275 -15.43 26.74 -9.25
CA VAL C 275 -14.90 27.74 -10.14
C VAL C 275 -15.93 28.85 -10.13
N ILE C 276 -15.65 29.90 -9.36
CA ILE C 276 -16.52 31.07 -9.39
C ILE C 276 -15.74 32.36 -9.64
N SER C 277 -16.21 33.10 -10.64
CA SER C 277 -15.60 34.33 -11.15
C SER C 277 -15.61 35.49 -10.15
N ALA C 278 -14.45 36.08 -9.89
CA ALA C 278 -14.35 37.26 -9.01
C ALA C 278 -15.19 38.45 -9.54
N GLU C 279 -15.49 39.43 -8.69
CA GLU C 279 -16.33 40.59 -9.06
C GLU C 279 -17.73 40.15 -9.49
N GLN C 285 -19.60 32.06 0.62
CA GLN C 285 -18.78 30.86 0.61
C GLN C 285 -19.68 29.65 0.46
N LEU C 286 -19.38 28.77 -0.48
CA LEU C 286 -20.26 27.64 -0.75
C LEU C 286 -20.13 26.56 0.30
N SER C 287 -21.19 25.76 0.46
CA SER C 287 -21.22 24.75 1.52
C SER C 287 -20.39 23.53 1.22
N VAL C 288 -19.80 23.00 2.28
CA VAL C 288 -19.08 21.75 2.25
C VAL C 288 -19.85 20.70 1.46
N ALA C 289 -21.16 20.67 1.69
CA ALA C 289 -22.05 19.78 0.96
C ALA C 289 -22.01 20.12 -0.53
N GLU C 290 -22.27 21.38 -0.84
CA GLU C 290 -22.58 21.81 -2.20
C GLU C 290 -21.46 21.63 -3.19
N ILE C 291 -20.26 22.03 -2.82
CA ILE C 291 -19.12 21.94 -3.74
C ILE C 291 -18.98 20.52 -4.28
N THR C 292 -19.18 19.56 -3.37
CA THR C 292 -19.19 18.12 -3.65
C THR C 292 -20.24 17.85 -4.71
N ASN C 293 -21.45 18.32 -4.44
CA ASN C 293 -22.55 18.12 -5.34
C ASN C 293 -22.23 18.60 -6.75
N ALA C 294 -21.26 19.50 -6.86
CA ALA C 294 -20.89 20.07 -8.14
C ALA C 294 -20.10 19.06 -8.90
N CYS C 295 -19.32 18.29 -8.16
CA CYS C 295 -18.38 17.33 -8.75
C CYS C 295 -19.03 16.23 -9.54
N PHE C 296 -20.19 15.82 -9.04
CA PHE C 296 -21.03 14.83 -9.67
C PHE C 296 -22.02 15.55 -10.55
N GLU C 297 -21.46 16.12 -11.60
CA GLU C 297 -22.17 16.95 -12.51
C GLU C 297 -21.35 16.81 -13.78
N PRO C 298 -22.02 16.51 -14.90
CA PRO C 298 -21.37 16.55 -16.22
C PRO C 298 -20.77 17.94 -16.46
N ALA C 299 -21.59 18.97 -16.25
CA ALA C 299 -21.23 20.38 -16.49
C ALA C 299 -19.89 20.87 -15.89
N ASN C 300 -19.34 20.12 -14.93
CA ASN C 300 -18.14 20.53 -14.20
C ASN C 300 -16.97 19.58 -14.33
N GLN C 301 -16.96 18.75 -15.36
CA GLN C 301 -15.99 17.65 -15.45
C GLN C 301 -14.64 17.99 -16.10
N MET C 302 -13.70 17.30 -16.61
CA MET C 302 -12.39 17.66 -17.24
C MET C 302 -12.15 17.04 -18.62
N VAL C 303 -13.07 16.10 -18.97
CA VAL C 303 -13.22 15.40 -20.27
C VAL C 303 -14.71 15.37 -20.57
N LYS C 304 -15.12 16.08 -21.61
CA LYS C 304 -16.52 16.05 -22.03
C LYS C 304 -16.97 14.60 -22.21
N CYS C 305 -17.97 14.19 -21.43
CA CYS C 305 -18.59 12.84 -21.44
C CYS C 305 -19.62 12.76 -20.31
N ASP C 306 -20.06 11.55 -19.93
CA ASP C 306 -20.90 11.35 -18.72
C ASP C 306 -20.90 9.93 -18.07
N PRO C 307 -20.89 9.87 -16.85
CA PRO C 307 -20.67 8.65 -16.05
C PRO C 307 -21.92 8.26 -15.25
N ARG C 308 -23.06 8.84 -15.67
CA ARG C 308 -24.43 8.35 -15.35
C ARG C 308 -24.87 7.36 -16.45
N HIS C 309 -23.93 7.15 -17.39
CA HIS C 309 -23.97 6.17 -18.47
C HIS C 309 -22.89 5.02 -18.30
N GLY C 310 -21.62 5.39 -18.00
CA GLY C 310 -20.65 4.40 -17.54
C GLY C 310 -20.83 3.91 -16.09
N LYS C 311 -19.85 3.15 -15.59
CA LYS C 311 -19.83 2.71 -14.19
C LYS C 311 -18.56 3.22 -13.53
N TYR C 312 -18.57 3.37 -12.19
CA TYR C 312 -17.38 3.81 -11.47
C TYR C 312 -16.52 2.63 -11.03
N MET C 313 -15.19 2.80 -11.10
CA MET C 313 -14.29 1.77 -10.57
C MET C 313 -13.32 2.24 -9.50
N ALA C 314 -13.21 3.56 -9.35
CA ALA C 314 -12.74 4.15 -8.09
C ALA C 314 -12.93 5.67 -8.06
N CYS C 315 -13.43 6.16 -6.93
CA CYS C 315 -13.64 7.58 -6.71
C CYS C 315 -12.67 8.08 -5.66
N CYS C 316 -12.21 9.30 -5.87
CA CYS C 316 -11.28 9.96 -4.94
C CYS C 316 -11.77 11.40 -4.78
N LEU C 317 -12.02 11.84 -3.55
CA LEU C 317 -12.38 13.24 -3.37
C LEU C 317 -11.26 13.96 -2.63
N LEU C 318 -10.77 15.02 -3.25
CA LEU C 318 -9.71 15.82 -2.66
C LEU C 318 -10.20 17.21 -2.23
N TYR C 319 -10.58 17.34 -0.96
CA TYR C 319 -11.02 18.63 -0.44
C TYR C 319 -9.83 19.48 -0.04
N ARG C 320 -9.93 20.80 -0.21
CA ARG C 320 -8.88 21.74 0.20
C ARG C 320 -9.45 22.97 0.90
N GLY C 321 -8.99 23.31 2.11
CA GLY C 321 -9.47 24.51 2.81
C GLY C 321 -10.43 24.30 3.98
N ASP C 322 -11.30 25.29 4.21
CA ASP C 322 -12.16 25.29 5.39
C ASP C 322 -13.20 24.18 5.41
N VAL C 323 -12.74 22.94 5.57
CA VAL C 323 -13.64 21.80 5.60
C VAL C 323 -13.47 21.02 6.89
N VAL C 324 -14.54 20.32 7.28
CA VAL C 324 -14.47 19.30 8.32
C VAL C 324 -15.10 18.03 7.76
N PRO C 325 -14.57 16.89 8.18
CA PRO C 325 -15.09 15.59 7.75
C PRO C 325 -16.56 15.40 8.10
N LYS C 326 -16.98 15.80 9.29
CA LYS C 326 -18.38 15.71 9.70
C LYS C 326 -19.31 16.14 8.57
N ASP C 327 -18.79 17.07 7.74
CA ASP C 327 -19.49 17.68 6.60
C ASP C 327 -19.35 16.87 5.31
N VAL C 328 -18.12 16.46 5.00
CA VAL C 328 -17.84 15.64 3.84
C VAL C 328 -18.63 14.35 3.94
N ASN C 329 -18.64 13.80 5.14
CA ASN C 329 -19.47 12.66 5.49
C ASN C 329 -20.87 12.74 4.89
N ALA C 330 -21.57 13.85 5.16
CA ALA C 330 -22.95 14.06 4.70
C ALA C 330 -23.02 14.55 3.27
N ALA C 331 -22.03 15.32 2.87
CA ALA C 331 -21.89 15.69 1.48
C ALA C 331 -21.95 14.41 0.64
N ILE C 332 -21.05 13.47 0.92
CA ILE C 332 -20.98 12.22 0.16
C ILE C 332 -22.27 11.42 0.32
N ALA C 333 -22.57 11.00 1.55
CA ALA C 333 -23.68 10.10 1.82
C ALA C 333 -24.90 10.49 0.99
N THR C 334 -25.13 11.79 0.88
CA THR C 334 -26.25 12.29 0.10
C THR C 334 -25.96 12.29 -1.40
N ILE C 335 -24.68 12.49 -1.78
CA ILE C 335 -24.26 12.31 -3.18
C ILE C 335 -24.33 10.82 -3.56
N LYS C 336 -25.25 10.11 -2.90
CA LYS C 336 -25.58 8.69 -3.14
C LYS C 336 -27.09 8.40 -2.91
N THR C 337 -27.63 8.92 -1.81
CA THR C 337 -29.04 8.74 -1.44
C THR C 337 -30.06 9.08 -2.57
N LYS C 338 -29.71 10.03 -3.43
CA LYS C 338 -30.61 10.42 -4.50
C LYS C 338 -29.84 10.94 -5.70
N ARG C 339 -28.75 10.26 -6.06
CA ARG C 339 -27.97 10.66 -7.24
C ARG C 339 -27.45 9.50 -8.08
N SER C 340 -26.50 9.83 -8.95
CA SER C 340 -25.99 8.91 -9.95
C SER C 340 -25.01 7.90 -9.36
N ILE C 341 -25.59 6.87 -8.72
CA ILE C 341 -24.87 5.87 -7.91
C ILE C 341 -23.75 5.10 -8.67
N GLN C 342 -24.07 3.88 -9.10
CA GLN C 342 -23.25 3.09 -10.01
C GLN C 342 -21.80 2.83 -9.55
N PHE C 343 -21.62 1.83 -8.70
CA PHE C 343 -20.30 1.30 -8.37
C PHE C 343 -20.17 -0.19 -8.64
N VAL C 344 -19.08 -0.55 -9.30
CA VAL C 344 -19.06 -1.74 -10.12
C VAL C 344 -18.70 -3.05 -9.41
N ASP C 345 -19.43 -4.13 -9.76
CA ASP C 345 -19.23 -5.59 -9.43
C ASP C 345 -18.13 -6.09 -8.42
N TRP C 346 -17.10 -5.26 -8.17
CA TRP C 346 -15.89 -5.73 -7.49
C TRP C 346 -14.93 -4.70 -6.80
N CYS C 347 -15.13 -3.39 -6.94
CA CYS C 347 -14.34 -2.44 -6.16
C CYS C 347 -15.20 -1.87 -5.00
N PRO C 348 -15.34 -2.61 -3.88
CA PRO C 348 -16.26 -2.22 -2.79
C PRO C 348 -16.06 -0.78 -2.32
N THR C 349 -14.80 -0.35 -2.34
CA THR C 349 -14.37 1.01 -2.00
C THR C 349 -14.64 1.95 -3.19
N GLY C 350 -13.73 2.91 -3.44
CA GLY C 350 -14.13 4.13 -4.15
C GLY C 350 -14.74 5.16 -3.19
N PHE C 351 -14.29 6.40 -3.34
CA PHE C 351 -14.51 7.46 -2.37
C PHE C 351 -13.42 7.42 -1.28
N LYS C 352 -12.17 7.66 -1.69
CA LYS C 352 -11.10 7.98 -0.76
C LYS C 352 -11.17 9.48 -0.52
N VAL C 353 -10.67 9.96 0.60
CA VAL C 353 -10.96 11.33 0.94
C VAL C 353 -9.99 11.89 1.90
N GLY C 354 -9.38 12.98 1.49
CA GLY C 354 -8.39 13.66 2.32
C GLY C 354 -8.66 15.13 2.33
N ILE C 355 -8.07 15.84 3.28
CA ILE C 355 -8.30 17.28 3.38
C ILE C 355 -6.97 17.95 3.54
N ASN C 356 -6.62 18.80 2.58
CA ASN C 356 -5.35 19.51 2.65
C ASN C 356 -5.55 20.95 3.08
N TYR C 357 -5.79 21.10 4.39
CA TYR C 357 -6.30 22.33 5.00
C TYR C 357 -5.88 23.65 4.38
N GLN C 358 -4.77 23.66 3.65
CA GLN C 358 -4.22 24.92 3.10
C GLN C 358 -5.12 25.62 2.06
N PRO C 359 -5.50 26.89 2.31
CA PRO C 359 -6.54 27.59 1.54
C PRO C 359 -6.22 27.63 0.05
N PRO C 360 -7.26 27.70 -0.80
CA PRO C 360 -7.11 27.44 -2.24
C PRO C 360 -6.68 28.70 -2.99
N THR C 361 -5.41 29.07 -2.81
CA THR C 361 -4.85 30.35 -3.27
C THR C 361 -4.88 30.48 -4.80
N VAL C 362 -5.56 31.52 -5.28
CA VAL C 362 -5.74 31.75 -6.72
C VAL C 362 -4.96 32.99 -7.20
N VAL C 363 -4.52 32.93 -8.46
CA VAL C 363 -3.74 33.99 -9.10
C VAL C 363 -4.40 35.35 -8.88
N PRO C 364 -3.60 36.41 -8.67
CA PRO C 364 -4.12 37.68 -8.13
C PRO C 364 -4.96 38.51 -9.13
N GLY C 365 -4.45 38.67 -10.36
CA GLY C 365 -5.21 39.31 -11.43
C GLY C 365 -6.03 38.30 -12.22
N GLY C 366 -6.04 37.04 -11.73
CA GLY C 366 -6.81 35.94 -12.31
C GLY C 366 -8.31 36.20 -12.38
N ASP C 367 -9.07 35.21 -12.86
CA ASP C 367 -10.49 35.42 -13.12
C ASP C 367 -11.36 34.81 -12.02
N LEU C 368 -10.82 33.79 -11.37
CA LEU C 368 -11.48 33.09 -10.28
C LEU C 368 -11.20 33.86 -8.99
N ALA C 369 -11.99 33.61 -7.95
CA ALA C 369 -11.79 34.31 -6.69
C ALA C 369 -11.22 33.39 -5.62
N LYS C 370 -10.61 33.99 -4.61
CA LYS C 370 -10.23 33.29 -3.37
C LYS C 370 -11.46 32.59 -2.85
N VAL C 371 -11.33 31.30 -2.58
CA VAL C 371 -12.46 30.59 -2.04
C VAL C 371 -12.11 30.12 -0.63
N GLN C 372 -13.08 29.50 0.01
CA GLN C 372 -12.93 28.97 1.35
C GLN C 372 -12.48 27.52 1.33
N ARG C 373 -13.01 26.78 0.37
CA ARG C 373 -12.91 25.33 0.33
C ARG C 373 -13.24 24.79 -1.07
N ALA C 374 -12.44 23.85 -1.55
CA ALA C 374 -12.59 23.31 -2.90
C ALA C 374 -12.43 21.81 -2.93
N VAL C 375 -13.30 21.14 -3.69
CA VAL C 375 -13.22 19.70 -3.90
C VAL C 375 -12.44 19.40 -5.20
N CYS C 376 -12.08 18.14 -5.42
CA CYS C 376 -11.30 17.79 -6.60
C CYS C 376 -11.57 16.47 -7.31
N MET C 377 -12.16 15.49 -6.64
CA MET C 377 -12.71 14.33 -7.35
C MET C 377 -11.88 13.71 -8.51
N LEU C 378 -11.10 12.66 -8.18
CA LEU C 378 -10.35 11.85 -9.16
C LEU C 378 -10.93 10.44 -9.30
N SER C 379 -11.63 10.23 -10.42
CA SER C 379 -12.48 9.05 -10.59
C SER C 379 -12.13 8.25 -11.83
N ASN C 380 -11.95 6.95 -11.65
CA ASN C 380 -11.74 6.11 -12.80
C ASN C 380 -13.01 5.43 -13.16
N THR C 381 -13.54 5.89 -14.29
CA THR C 381 -14.83 5.45 -14.83
C THR C 381 -14.57 4.78 -16.16
N THR C 382 -15.46 3.85 -16.53
CA THR C 382 -15.39 3.17 -17.82
C THR C 382 -15.88 4.09 -18.94
N ALA C 383 -16.59 5.15 -18.57
CA ALA C 383 -17.13 6.07 -19.56
C ALA C 383 -16.07 7.05 -20.06
N ILE C 384 -14.97 7.14 -19.34
CA ILE C 384 -13.81 7.90 -19.79
C ILE C 384 -13.34 7.36 -21.17
N ALA C 385 -13.84 6.19 -21.52
CA ALA C 385 -13.54 5.56 -22.79
C ALA C 385 -14.45 6.05 -23.88
N GLU C 386 -15.39 6.94 -23.54
CA GLU C 386 -16.25 7.60 -24.53
C GLU C 386 -15.46 8.68 -25.27
N ALA C 387 -14.38 9.13 -24.60
CA ALA C 387 -13.37 9.99 -25.19
C ALA C 387 -12.46 9.15 -26.08
N TRP C 388 -12.00 8.02 -25.54
CA TRP C 388 -11.24 7.06 -26.32
C TRP C 388 -11.80 6.78 -27.71
N ALA C 389 -13.12 6.65 -27.80
CA ALA C 389 -13.79 6.33 -29.05
C ALA C 389 -13.89 7.53 -29.99
N ARG C 390 -14.23 8.70 -29.45
CA ARG C 390 -14.51 9.88 -30.25
C ARG C 390 -13.26 10.28 -31.02
N LEU C 391 -12.09 10.05 -30.42
CA LEU C 391 -10.82 10.14 -31.12
C LEU C 391 -10.76 9.13 -32.25
N ASP C 392 -10.93 7.87 -31.88
CA ASP C 392 -10.81 6.75 -32.81
C ASP C 392 -11.61 6.90 -34.09
N HIS C 393 -12.87 7.33 -33.98
CA HIS C 393 -13.71 7.51 -35.17
C HIS C 393 -13.09 8.53 -36.14
N LYS C 394 -12.75 9.72 -35.63
CA LYS C 394 -12.07 10.74 -36.42
C LYS C 394 -10.93 10.06 -37.15
N PHE C 395 -10.11 9.34 -36.40
CA PHE C 395 -8.99 8.61 -36.98
C PHE C 395 -9.44 7.60 -38.02
N ASP C 396 -10.24 6.62 -37.62
CA ASP C 396 -10.69 5.56 -38.53
C ASP C 396 -10.98 6.07 -39.93
N LEU C 397 -11.76 7.16 -39.97
CA LEU C 397 -12.42 7.65 -41.18
C LEU C 397 -11.49 8.47 -42.09
N MET C 398 -10.40 9.00 -41.52
CA MET C 398 -9.30 9.64 -42.26
C MET C 398 -8.41 8.54 -42.82
N TYR C 399 -7.92 7.69 -41.94
CA TYR C 399 -6.99 6.63 -42.31
C TYR C 399 -7.59 5.73 -43.36
N ALA C 400 -8.91 5.72 -43.41
CA ALA C 400 -9.64 4.97 -44.43
C ALA C 400 -9.12 5.33 -45.84
N LYS C 401 -8.51 6.50 -45.97
CA LYS C 401 -8.12 6.97 -47.30
C LYS C 401 -6.66 7.35 -47.34
N ARG C 402 -5.94 6.98 -46.27
CA ARG C 402 -4.54 7.39 -46.04
C ARG C 402 -4.35 8.93 -45.87
N ALA C 403 -5.48 9.60 -45.75
CA ALA C 403 -5.55 11.04 -45.50
C ALA C 403 -4.22 11.75 -45.54
N PHE C 404 -3.48 11.74 -44.45
CA PHE C 404 -2.30 12.55 -44.42
C PHE C 404 -1.11 11.66 -44.21
N VAL C 405 -1.41 10.37 -44.15
CA VAL C 405 -0.44 9.36 -43.79
C VAL C 405 0.94 9.77 -44.23
N HIS C 406 1.03 10.15 -45.50
CA HIS C 406 2.30 10.24 -46.16
C HIS C 406 3.31 11.10 -45.43
N TRP C 407 2.88 12.21 -44.83
CA TRP C 407 3.82 13.14 -44.16
C TRP C 407 4.63 12.47 -43.06
N TYR C 408 4.12 11.31 -42.64
CA TYR C 408 4.69 10.48 -41.59
C TYR C 408 5.60 9.40 -42.17
N VAL C 409 5.10 8.74 -43.23
CA VAL C 409 5.92 7.81 -44.01
C VAL C 409 7.13 8.59 -44.60
N GLY C 410 6.93 9.90 -44.67
CA GLY C 410 7.90 10.84 -45.20
C GLY C 410 8.98 11.14 -44.20
N GLU C 411 8.64 11.17 -42.92
CA GLU C 411 9.70 11.32 -41.95
C GLU C 411 10.36 10.00 -41.79
N GLY C 412 9.61 8.93 -42.00
CA GLY C 412 10.19 7.60 -42.11
C GLY C 412 9.50 6.52 -41.31
N MET C 413 8.21 6.69 -41.08
CA MET C 413 7.44 5.73 -40.32
C MET C 413 6.93 4.62 -41.21
N GLU C 414 6.39 3.61 -40.55
CA GLU C 414 5.73 2.52 -41.26
C GLU C 414 4.22 2.78 -41.35
N GLU C 415 3.68 2.39 -42.50
CA GLU C 415 2.24 2.37 -42.76
C GLU C 415 1.51 1.57 -41.67
N GLY C 416 2.10 0.44 -41.29
CA GLY C 416 1.56 -0.44 -40.27
C GLY C 416 1.75 -0.04 -38.81
N GLU C 417 2.51 1.02 -38.55
CA GLU C 417 2.63 1.54 -37.19
C GLU C 417 1.40 2.38 -36.90
N PHE C 418 0.70 2.77 -37.97
CA PHE C 418 -0.62 3.36 -37.89
C PHE C 418 -1.69 2.31 -37.59
N SER C 419 -1.57 1.16 -38.24
CA SER C 419 -2.44 0.00 -38.00
C SER C 419 -2.24 -0.59 -36.59
N GLU C 420 -1.00 -1.01 -36.33
CA GLU C 420 -0.59 -1.62 -35.06
C GLU C 420 -0.82 -0.70 -33.84
N ALA C 421 -1.18 0.57 -34.07
CA ALA C 421 -1.54 1.48 -32.98
C ALA C 421 -3.03 1.66 -32.85
N ARG C 422 -3.72 1.76 -33.98
CA ARG C 422 -5.18 1.71 -33.96
C ARG C 422 -5.56 0.41 -33.27
N GLU C 423 -4.94 -0.68 -33.73
CA GLU C 423 -5.15 -2.01 -33.16
C GLU C 423 -5.12 -2.05 -31.63
N ASP C 424 -4.36 -1.15 -31.03
CA ASP C 424 -4.30 -1.08 -29.59
C ASP C 424 -5.51 -0.34 -29.06
N MET C 425 -5.83 0.81 -29.63
CA MET C 425 -7.00 1.58 -29.17
C MET C 425 -8.26 0.73 -29.18
N ALA C 426 -8.44 -0.01 -30.27
CA ALA C 426 -9.54 -0.96 -30.39
C ALA C 426 -9.53 -1.90 -29.19
N ALA C 427 -8.34 -2.39 -28.84
CA ALA C 427 -8.20 -3.28 -27.70
C ALA C 427 -8.57 -2.57 -26.38
N LEU C 428 -8.01 -1.37 -26.19
CA LEU C 428 -8.20 -0.62 -24.95
C LEU C 428 -9.67 -0.19 -24.83
N GLU C 429 -10.21 0.33 -25.94
CA GLU C 429 -11.62 0.65 -26.08
C GLU C 429 -12.50 -0.54 -25.69
N LYS C 430 -11.96 -1.76 -25.84
CA LYS C 430 -12.66 -3.01 -25.49
C LYS C 430 -12.45 -3.45 -24.05
N ASP C 431 -11.20 -3.31 -23.58
CA ASP C 431 -10.85 -3.58 -22.19
C ASP C 431 -11.75 -2.78 -21.26
N TYR C 432 -11.69 -1.47 -21.41
CA TYR C 432 -12.55 -0.57 -20.68
C TYR C 432 -14.02 -1.03 -20.64
N GLU C 433 -14.58 -1.31 -21.81
CA GLU C 433 -15.98 -1.73 -21.94
C GLU C 433 -16.17 -3.09 -21.33
N GLU C 434 -15.09 -3.88 -21.29
CA GLU C 434 -15.13 -5.23 -20.72
C GLU C 434 -15.06 -5.27 -19.19
N VAL C 435 -14.88 -4.11 -18.57
CA VAL C 435 -14.92 -4.01 -17.12
C VAL C 435 -16.38 -3.93 -16.61
N GLY C 436 -17.35 -3.85 -17.53
CA GLY C 436 -18.77 -3.80 -17.20
C GLY C 436 -19.35 -5.02 -16.49
N ILE C 437 -20.05 -4.76 -15.37
CA ILE C 437 -20.64 -5.78 -14.51
C ILE C 437 -20.10 -7.19 -14.76
N ARG D 2 10.00 29.70 -39.05
CA ARG D 2 11.24 30.19 -38.35
C ARG D 2 12.10 31.23 -39.18
N GLU D 3 11.80 31.48 -40.47
CA GLU D 3 12.67 32.27 -41.40
C GLU D 3 12.59 31.84 -42.88
N ILE D 4 12.18 32.69 -43.81
CA ILE D 4 12.00 32.24 -45.20
C ILE D 4 12.60 33.15 -46.27
N VAL D 5 13.14 32.57 -47.34
CA VAL D 5 13.65 33.42 -48.42
C VAL D 5 12.71 33.45 -49.58
N HIS D 6 12.74 34.57 -50.27
CA HIS D 6 11.82 34.88 -51.32
C HIS D 6 12.53 35.04 -52.64
N ILE D 7 12.23 34.12 -53.54
CA ILE D 7 12.66 34.20 -54.91
C ILE D 7 11.52 34.80 -55.68
N GLN D 8 11.85 35.67 -56.64
CA GLN D 8 10.86 36.47 -57.39
C GLN D 8 11.37 36.74 -58.81
N ALA D 9 10.91 35.94 -59.75
CA ALA D 9 11.55 35.87 -61.05
C ALA D 9 10.56 36.02 -62.16
N GLY D 10 10.98 36.68 -63.24
CA GLY D 10 10.15 36.80 -64.43
C GLY D 10 9.16 37.95 -64.40
N GLN D 11 9.12 38.75 -65.47
CA GLN D 11 8.31 39.99 -65.58
C GLN D 11 7.09 40.04 -64.66
N CYS D 12 6.23 39.03 -64.79
CA CYS D 12 5.03 38.94 -63.98
C CYS D 12 5.39 38.71 -62.54
N GLY D 13 6.13 37.64 -62.28
CA GLY D 13 6.62 37.39 -60.94
C GLY D 13 7.12 38.66 -60.26
N ASN D 14 7.95 39.42 -60.97
CA ASN D 14 8.63 40.57 -60.39
C ASN D 14 7.67 41.66 -60.03
N GLN D 15 6.76 41.92 -60.96
CA GLN D 15 5.67 42.84 -60.74
C GLN D 15 4.94 42.56 -59.45
N ILE D 16 4.32 41.38 -59.39
CA ILE D 16 3.57 40.91 -58.22
C ILE D 16 4.37 41.14 -56.94
N GLY D 17 5.62 40.67 -56.94
CA GLY D 17 6.45 40.61 -55.76
C GLY D 17 6.77 42.01 -55.29
N ALA D 18 7.02 42.89 -56.24
CA ALA D 18 7.31 44.25 -55.88
C ALA D 18 6.09 44.93 -55.29
N LYS D 19 4.89 44.40 -55.55
CA LYS D 19 3.71 44.95 -54.92
C LYS D 19 3.53 44.25 -53.59
N PHE D 20 3.70 42.94 -53.59
CA PHE D 20 3.77 42.23 -52.34
C PHE D 20 4.63 43.00 -51.34
N TRP D 21 5.92 43.14 -51.67
CA TRP D 21 6.90 43.79 -50.81
C TRP D 21 6.44 45.14 -50.25
N GLU D 22 5.96 46.03 -51.12
CA GLU D 22 5.64 47.36 -50.66
C GLU D 22 4.31 47.40 -49.95
N VAL D 23 3.57 46.30 -49.95
CA VAL D 23 2.40 46.26 -49.10
C VAL D 23 2.79 45.90 -47.69
N ILE D 24 3.51 44.79 -47.54
CA ILE D 24 3.88 44.28 -46.21
C ILE D 24 4.89 45.20 -45.55
N SER D 25 5.76 45.79 -46.36
CA SER D 25 6.82 46.67 -45.88
C SER D 25 6.21 47.82 -45.15
N ASP D 26 5.11 48.32 -45.70
CA ASP D 26 4.45 49.46 -45.12
C ASP D 26 3.48 49.03 -43.99
N GLU D 27 3.19 47.73 -43.91
CA GLU D 27 2.39 47.14 -42.82
C GLU D 27 3.22 47.03 -41.57
N HIS D 28 4.45 46.56 -41.74
CA HIS D 28 5.44 46.48 -40.68
C HIS D 28 6.02 47.84 -40.40
N GLY D 29 5.77 48.78 -41.30
CA GLY D 29 6.29 50.14 -41.20
C GLY D 29 7.76 50.25 -41.57
N ILE D 30 8.05 50.21 -42.86
CA ILE D 30 9.43 50.27 -43.34
C ILE D 30 9.56 51.34 -44.46
N ASP D 31 10.60 52.15 -44.36
CA ASP D 31 10.89 53.22 -45.31
C ASP D 31 11.28 52.61 -46.63
N PRO D 32 11.45 53.43 -47.66
CA PRO D 32 12.16 52.98 -48.86
C PRO D 32 13.42 52.18 -48.50
N THR D 33 14.31 52.71 -47.65
CA THR D 33 15.39 51.90 -47.09
C THR D 33 15.16 51.80 -45.61
N GLY D 34 15.19 52.97 -44.97
CA GLY D 34 15.07 53.10 -43.53
C GLY D 34 14.31 52.01 -42.81
N SER D 35 14.30 52.09 -41.49
CA SER D 35 13.71 51.04 -40.69
C SER D 35 12.31 51.40 -40.26
N TYR D 36 12.03 51.20 -38.99
CA TYR D 36 10.69 51.32 -38.43
C TYR D 36 10.21 52.78 -38.32
N HIS D 37 8.94 52.98 -38.66
CA HIS D 37 8.19 54.20 -38.39
C HIS D 37 6.69 53.86 -38.37
N GLY D 38 6.18 53.62 -37.18
CA GLY D 38 4.79 53.23 -36.96
C GLY D 38 4.56 53.03 -35.48
N ASP D 39 3.56 53.71 -34.92
CA ASP D 39 3.28 53.71 -33.48
C ASP D 39 2.71 52.39 -32.94
N SER D 40 2.62 51.40 -33.83
CA SER D 40 2.40 50.01 -33.46
C SER D 40 3.73 49.46 -32.92
N ASP D 41 3.73 48.22 -32.44
CA ASP D 41 4.94 47.59 -31.91
C ASP D 41 5.08 46.18 -32.45
N LEU D 42 3.97 45.44 -32.43
CA LEU D 42 3.96 44.04 -32.87
C LEU D 42 4.88 43.82 -34.07
N GLN D 43 4.41 44.17 -35.26
CA GLN D 43 5.23 44.21 -36.48
C GLN D 43 6.56 43.49 -36.39
N LEU D 44 7.45 44.03 -35.57
CA LEU D 44 8.83 43.56 -35.45
C LEU D 44 9.04 42.15 -34.83
N GLU D 45 8.01 41.57 -34.21
CA GLU D 45 8.07 40.21 -33.67
C GLU D 45 8.56 39.22 -34.71
N ARG D 46 7.85 39.16 -35.82
CA ARG D 46 8.13 38.15 -36.80
C ARG D 46 8.68 38.76 -38.09
N ILE D 47 9.08 40.03 -38.02
CA ILE D 47 9.73 40.73 -39.16
C ILE D 47 10.91 39.92 -39.68
N ASN D 48 11.44 39.15 -38.75
CA ASN D 48 12.49 38.19 -38.98
C ASN D 48 12.28 37.35 -40.20
N VAL D 49 11.04 36.93 -40.39
CA VAL D 49 10.71 35.91 -41.37
C VAL D 49 10.80 36.40 -42.80
N TYR D 50 10.55 37.66 -43.02
CA TYR D 50 10.75 38.12 -44.36
C TYR D 50 11.97 39.01 -44.54
N TYR D 51 12.61 39.42 -43.42
CA TYR D 51 13.62 40.51 -43.43
C TYR D 51 15.02 40.25 -42.83
N ASN D 52 15.92 39.60 -43.57
CA ASN D 52 17.34 39.54 -43.18
C ASN D 52 17.81 40.98 -43.07
N GLU D 53 18.40 41.37 -41.94
CA GLU D 53 18.79 42.77 -41.73
C GLU D 53 20.28 43.00 -41.83
N ALA D 54 20.66 44.18 -42.32
CA ALA D 54 22.04 44.57 -42.58
C ALA D 54 22.37 45.94 -41.99
N THR D 55 23.54 46.46 -42.36
CA THR D 55 24.21 47.63 -41.75
C THR D 55 23.35 48.59 -40.92
N GLY D 56 23.81 48.88 -39.71
CA GLY D 56 23.20 49.91 -38.85
C GLY D 56 21.76 49.68 -38.44
N ASN D 57 20.85 50.57 -38.85
CA ASN D 57 19.43 50.31 -38.71
C ASN D 57 19.04 49.44 -39.86
N LYS D 58 18.41 50.05 -40.87
CA LYS D 58 18.10 49.41 -42.15
C LYS D 58 17.48 48.00 -42.06
N TYR D 59 16.65 47.61 -43.03
CA TYR D 59 15.94 46.34 -42.85
C TYR D 59 15.91 45.26 -43.97
N VAL D 60 16.27 45.62 -45.21
CA VAL D 60 16.33 44.72 -46.41
C VAL D 60 15.71 43.31 -46.47
N PRO D 61 14.67 43.18 -47.29
CA PRO D 61 14.00 41.90 -47.60
C PRO D 61 14.88 40.80 -48.21
N ARG D 62 14.83 39.62 -47.58
CA ARG D 62 15.37 38.40 -48.15
C ARG D 62 14.74 38.21 -49.53
N ALA D 63 15.37 38.76 -50.55
CA ALA D 63 14.73 38.66 -51.83
C ALA D 63 15.71 38.53 -52.96
N ILE D 64 15.45 37.56 -53.81
CA ILE D 64 16.24 37.35 -54.99
C ILE D 64 15.41 37.65 -56.21
N LEU D 65 15.84 38.64 -56.99
CA LEU D 65 15.12 39.08 -58.16
C LEU D 65 15.75 38.50 -59.43
N VAL D 66 15.03 37.59 -60.07
CA VAL D 66 15.56 36.94 -61.25
C VAL D 66 14.74 37.27 -62.48
N ASP D 67 15.44 37.47 -63.61
CA ASP D 67 14.83 37.75 -64.92
C ASP D 67 15.88 37.62 -66.01
N LEU D 68 15.45 37.32 -67.23
CA LEU D 68 16.37 37.17 -68.37
C LEU D 68 16.53 38.37 -69.31
N GLU D 69 16.08 39.54 -68.84
CA GLU D 69 16.23 40.80 -69.56
C GLU D 69 16.12 42.00 -68.59
N PRO D 70 16.98 43.02 -68.78
CA PRO D 70 17.00 44.21 -67.90
C PRO D 70 15.61 44.78 -67.55
N GLY D 71 15.15 45.76 -68.34
CA GLY D 71 13.89 46.46 -68.10
C GLY D 71 13.20 46.25 -66.74
N THR D 72 12.30 45.28 -66.71
CA THR D 72 11.35 45.04 -65.62
C THR D 72 11.92 45.01 -64.19
N MET D 73 13.24 44.94 -64.05
CA MET D 73 13.95 45.06 -62.76
C MET D 73 14.21 46.53 -62.40
N ASP D 74 14.64 47.26 -63.41
CA ASP D 74 14.88 48.71 -63.32
C ASP D 74 13.56 49.47 -63.37
N SER D 75 12.48 48.71 -63.57
CA SER D 75 11.12 49.17 -63.37
C SER D 75 10.85 49.24 -61.86
N VAL D 76 11.28 48.20 -61.15
CA VAL D 76 11.21 48.24 -59.71
C VAL D 76 12.26 49.22 -59.21
N ARG D 77 13.53 48.93 -59.47
CA ARG D 77 14.63 49.75 -58.95
C ARG D 77 14.30 51.22 -59.04
N SER D 78 13.67 51.61 -60.14
CA SER D 78 13.26 52.98 -60.36
C SER D 78 11.76 53.13 -60.19
N GLY D 79 11.30 53.16 -58.94
CA GLY D 79 9.87 53.27 -58.69
C GLY D 79 9.43 53.20 -57.24
N PRO D 80 8.67 52.16 -56.89
CA PRO D 80 8.00 52.08 -55.58
C PRO D 80 8.99 52.04 -54.41
N PHE D 81 9.25 50.85 -53.89
CA PHE D 81 10.30 50.63 -52.94
C PHE D 81 11.45 50.00 -53.67
N GLY D 82 12.10 50.81 -54.51
CA GLY D 82 13.17 50.31 -55.36
C GLY D 82 14.53 50.33 -54.70
N GLN D 83 14.72 51.32 -53.84
CA GLN D 83 15.93 51.40 -53.06
C GLN D 83 16.04 50.28 -52.01
N ILE D 84 15.02 49.43 -51.89
CA ILE D 84 15.02 48.50 -50.77
C ILE D 84 15.87 47.26 -50.96
N PHE D 85 15.78 46.60 -52.11
CA PHE D 85 16.40 45.30 -52.28
C PHE D 85 17.89 45.40 -52.39
N ARG D 86 18.58 44.40 -51.85
CA ARG D 86 20.03 44.44 -51.83
C ARG D 86 20.59 44.37 -53.25
N PRO D 87 21.41 45.35 -53.59
CA PRO D 87 21.85 45.57 -54.97
C PRO D 87 22.45 44.36 -55.69
N ASP D 88 23.37 43.63 -55.10
CA ASP D 88 23.81 42.43 -55.79
C ASP D 88 22.85 41.27 -55.53
N ASN D 89 21.61 41.60 -55.22
CA ASN D 89 20.57 40.61 -55.16
C ASN D 89 19.72 40.63 -56.42
N PHE D 90 20.11 41.45 -57.38
CA PHE D 90 19.45 41.54 -58.68
C PHE D 90 20.24 40.70 -59.66
N VAL D 91 19.64 39.61 -60.12
CA VAL D 91 20.28 38.75 -61.12
C VAL D 91 19.68 39.03 -62.48
N PHE D 92 20.40 39.84 -63.28
CA PHE D 92 20.00 40.22 -64.65
C PHE D 92 20.07 39.07 -65.60
N GLY D 93 19.26 39.11 -66.63
CA GLY D 93 19.43 38.16 -67.69
C GLY D 93 20.43 38.75 -68.65
N GLN D 94 19.99 39.80 -69.34
CA GLN D 94 20.65 40.35 -70.53
C GLN D 94 20.03 39.79 -71.85
N SER D 95 20.13 38.48 -71.98
CA SER D 95 19.82 37.75 -73.21
C SER D 95 18.36 37.91 -73.62
N GLY D 96 17.98 37.20 -74.67
CA GLY D 96 16.58 36.95 -74.95
C GLY D 96 15.90 36.39 -73.71
N ALA D 97 14.63 36.76 -73.55
CA ALA D 97 13.75 36.25 -72.50
C ALA D 97 13.11 34.96 -73.00
N GLY D 98 12.11 35.08 -73.86
CA GLY D 98 11.53 33.93 -74.52
C GLY D 98 10.09 34.20 -74.79
N ASN D 99 9.31 34.19 -73.72
CA ASN D 99 7.89 33.96 -73.80
C ASN D 99 7.70 32.59 -74.39
N ASN D 100 8.49 31.67 -73.83
CA ASN D 100 8.69 30.31 -74.33
C ASN D 100 9.42 29.52 -73.24
N TRP D 101 8.74 28.52 -72.70
CA TRP D 101 9.22 27.80 -71.53
C TRP D 101 10.66 27.34 -71.68
N ALA D 102 10.85 26.55 -72.71
CA ALA D 102 12.11 25.90 -72.96
C ALA D 102 13.27 26.86 -72.88
N LYS D 103 13.13 28.02 -73.50
CA LYS D 103 14.22 28.98 -73.50
C LYS D 103 14.63 29.16 -72.03
N GLY D 104 13.62 29.31 -71.18
CA GLY D 104 13.83 29.66 -69.79
C GLY D 104 14.22 28.45 -68.96
N HIS D 105 13.81 27.27 -69.40
CA HIS D 105 14.10 26.05 -68.65
C HIS D 105 15.31 25.24 -69.20
N TYR D 106 15.89 25.69 -70.30
CA TYR D 106 16.97 24.93 -70.87
C TYR D 106 18.08 25.79 -71.43
N THR D 107 17.79 26.50 -72.50
CA THR D 107 18.85 27.23 -73.19
C THR D 107 19.23 28.53 -72.46
N GLU D 108 18.39 29.55 -72.54
CA GLU D 108 18.76 30.87 -72.05
C GLU D 108 18.69 30.95 -70.54
N GLY D 109 17.85 30.10 -69.96
CA GLY D 109 17.72 29.96 -68.53
C GLY D 109 18.91 29.31 -67.83
N ALA D 110 19.10 28.00 -68.00
CA ALA D 110 20.22 27.31 -67.38
C ALA D 110 21.51 28.12 -67.45
N GLU D 111 21.66 28.92 -68.50
CA GLU D 111 22.71 29.92 -68.59
C GLU D 111 22.91 30.69 -67.29
N LEU D 112 21.81 31.01 -66.62
CA LEU D 112 21.84 31.86 -65.44
C LEU D 112 21.75 31.06 -64.17
N VAL D 113 20.58 30.46 -63.97
CA VAL D 113 20.27 29.59 -62.85
C VAL D 113 21.34 29.60 -61.81
N ASP D 114 22.51 29.07 -62.17
CA ASP D 114 23.64 29.03 -61.25
C ASP D 114 23.81 30.34 -60.47
N SER D 115 23.94 31.44 -61.20
CA SER D 115 24.19 32.76 -60.62
C SER D 115 23.11 33.24 -59.65
N VAL D 116 21.88 32.81 -59.91
CA VAL D 116 20.74 32.95 -58.98
C VAL D 116 20.94 32.04 -57.76
N LEU D 117 21.12 30.77 -58.06
CA LEU D 117 21.30 29.73 -57.09
C LEU D 117 22.48 30.02 -56.17
N ASP D 118 23.48 30.73 -56.68
CA ASP D 118 24.63 31.12 -55.85
C ASP D 118 24.27 32.28 -54.89
N VAL D 119 23.09 32.86 -55.04
CA VAL D 119 22.72 33.96 -54.18
C VAL D 119 21.59 33.55 -53.25
N VAL D 120 20.74 32.62 -53.72
CA VAL D 120 19.76 31.94 -52.86
C VAL D 120 20.52 31.16 -51.80
N ARG D 121 21.56 30.47 -52.23
CA ARG D 121 22.48 29.82 -51.33
C ARG D 121 22.94 30.84 -50.28
N LYS D 122 23.34 32.04 -50.72
CA LYS D 122 23.88 33.08 -49.81
C LYS D 122 22.89 33.56 -48.73
N GLU D 123 21.61 33.69 -49.10
CA GLU D 123 20.56 34.15 -48.16
C GLU D 123 20.09 33.03 -47.24
N SER D 124 19.90 31.86 -47.83
CA SER D 124 19.47 30.67 -47.10
C SER D 124 20.57 30.18 -46.17
N GLU D 125 21.79 30.03 -46.67
CA GLU D 125 22.93 29.64 -45.83
C GLU D 125 23.20 30.71 -44.77
N SER D 126 22.63 31.90 -44.95
CA SER D 126 22.79 32.99 -43.99
C SER D 126 21.79 32.94 -42.86
N CYS D 127 20.52 32.79 -43.23
CA CYS D 127 19.39 32.50 -42.32
C CYS D 127 19.70 31.66 -41.10
N ASP D 128 19.08 32.05 -39.98
CA ASP D 128 19.30 31.35 -38.71
C ASP D 128 18.70 29.93 -38.71
N CYS D 129 17.48 29.78 -39.25
CA CYS D 129 16.90 28.46 -39.49
C CYS D 129 15.89 28.59 -40.62
N LEU D 130 16.37 28.45 -41.86
CA LEU D 130 15.53 28.54 -43.08
C LEU D 130 14.31 27.64 -43.06
N GLN D 131 13.15 28.26 -43.20
CA GLN D 131 11.87 27.58 -43.12
C GLN D 131 11.53 26.99 -44.48
N GLY D 132 11.91 27.73 -45.51
CA GLY D 132 11.59 27.35 -46.87
C GLY D 132 11.59 28.55 -47.81
N PHE D 133 11.43 28.29 -49.10
CA PHE D 133 11.40 29.36 -50.05
C PHE D 133 9.97 29.50 -50.55
N GLN D 134 9.61 30.75 -50.87
CA GLN D 134 8.42 31.05 -51.65
C GLN D 134 8.78 31.84 -52.90
N LEU D 135 8.11 31.54 -54.00
CA LEU D 135 8.48 32.08 -55.30
C LEU D 135 7.29 32.60 -56.05
N THR D 136 7.51 33.67 -56.80
CA THR D 136 6.45 34.27 -57.56
C THR D 136 6.85 34.37 -58.99
N HIS D 137 5.87 34.14 -59.88
CA HIS D 137 6.07 33.98 -61.33
C HIS D 137 4.78 33.72 -62.08
N SER D 138 4.88 33.85 -63.40
CA SER D 138 3.83 33.48 -64.37
C SER D 138 3.91 32.01 -64.86
N LEU D 139 2.79 31.43 -65.29
CA LEU D 139 2.81 30.04 -65.71
C LEU D 139 2.87 29.98 -67.20
N GLY D 140 2.25 30.96 -67.85
CA GLY D 140 2.32 31.17 -69.28
C GLY D 140 3.47 32.14 -69.51
N GLY D 141 3.97 32.22 -70.73
CA GLY D 141 5.25 32.88 -70.94
C GLY D 141 6.43 32.20 -70.21
N GLY D 142 7.66 32.60 -70.55
CA GLY D 142 8.86 31.80 -70.32
C GLY D 142 9.79 32.08 -69.16
N THR D 143 10.39 33.27 -69.11
CA THR D 143 11.44 33.60 -68.11
C THR D 143 11.00 33.51 -66.63
N GLY D 144 9.71 33.39 -66.35
CA GLY D 144 9.25 33.18 -64.99
C GLY D 144 8.83 31.74 -64.85
N SER D 145 8.08 31.26 -65.82
CA SER D 145 7.52 29.92 -65.76
C SER D 145 8.60 28.86 -65.97
N GLY D 146 9.55 29.17 -66.83
CA GLY D 146 10.54 28.22 -67.26
C GLY D 146 11.72 28.28 -66.35
N MET D 147 12.26 29.47 -66.10
CA MET D 147 13.41 29.60 -65.23
C MET D 147 12.96 29.20 -63.85
N GLY D 148 11.74 29.54 -63.50
CA GLY D 148 11.24 29.25 -62.17
C GLY D 148 11.22 27.78 -61.84
N THR D 149 10.29 27.09 -62.48
CA THR D 149 10.20 25.65 -62.44
C THR D 149 11.53 24.98 -62.33
N LEU D 150 12.57 25.64 -62.86
CA LEU D 150 13.95 25.18 -62.78
C LEU D 150 14.61 25.63 -61.51
N LEU D 151 14.53 26.91 -61.20
CA LEU D 151 15.05 27.33 -59.92
C LEU D 151 14.59 26.29 -58.90
N ILE D 152 13.29 26.01 -58.84
CA ILE D 152 12.78 25.11 -57.79
C ILE D 152 13.30 23.70 -57.96
N SER D 153 13.26 23.18 -59.17
CA SER D 153 13.79 21.86 -59.41
C SER D 153 15.22 21.82 -58.99
N LYS D 154 15.89 22.96 -59.01
CA LYS D 154 17.28 23.00 -58.60
C LYS D 154 17.42 23.47 -57.15
N ILE D 155 16.30 23.93 -56.56
CA ILE D 155 16.25 24.33 -55.15
C ILE D 155 16.06 23.10 -54.26
N ARG D 156 14.97 22.34 -54.49
CA ARG D 156 14.88 20.98 -54.01
C ARG D 156 16.08 20.28 -54.64
N GLU D 157 16.56 19.19 -54.05
CA GLU D 157 17.84 18.66 -54.45
C GLU D 157 18.87 19.39 -53.64
N GLU D 158 18.85 20.72 -53.66
CA GLU D 158 19.80 21.46 -52.81
C GLU D 158 19.24 21.68 -51.41
N TYR D 159 17.92 21.58 -51.29
CA TYR D 159 17.27 21.61 -49.99
C TYR D 159 16.03 20.78 -50.09
N PRO D 160 16.15 19.48 -49.89
CA PRO D 160 14.97 18.60 -49.93
C PRO D 160 14.22 18.71 -48.59
N ASP D 161 15.00 18.64 -47.53
CA ASP D 161 14.80 19.33 -46.28
C ASP D 161 13.65 20.31 -46.19
N ARG D 162 13.80 21.45 -46.85
CA ARG D 162 12.93 22.60 -46.64
C ARG D 162 11.77 22.59 -47.60
N ILE D 163 10.69 23.32 -47.29
CA ILE D 163 9.53 23.19 -48.18
C ILE D 163 9.38 24.30 -49.18
N MET D 164 8.67 23.95 -50.25
CA MET D 164 8.48 24.80 -51.42
C MET D 164 7.14 25.50 -51.50
N ASN D 165 7.20 26.78 -51.72
CA ASN D 165 6.00 27.54 -51.75
C ASN D 165 5.95 28.42 -52.98
N THR D 166 4.85 28.37 -53.75
CA THR D 166 4.74 29.30 -54.88
C THR D 166 3.39 29.94 -55.13
N PHE D 167 3.50 31.18 -55.59
CA PHE D 167 2.40 31.92 -56.14
C PHE D 167 2.68 31.87 -57.60
N SER D 168 1.75 31.26 -58.31
CA SER D 168 1.90 31.07 -59.72
C SER D 168 0.65 31.62 -60.42
N VAL D 169 0.85 32.60 -61.31
CA VAL D 169 -0.26 33.21 -62.04
C VAL D 169 -0.61 32.44 -63.30
N VAL D 170 -1.60 31.58 -63.11
CA VAL D 170 -2.12 30.72 -64.15
C VAL D 170 -2.91 31.58 -65.21
N PRO D 171 -2.40 31.73 -66.46
CA PRO D 171 -2.98 32.66 -67.46
C PRO D 171 -4.09 32.15 -68.38
N SER D 172 -4.58 33.05 -69.23
CA SER D 172 -5.81 32.83 -70.00
C SER D 172 -5.76 33.52 -71.37
N PRO D 173 -6.76 33.25 -72.24
CA PRO D 173 -6.88 34.00 -73.50
C PRO D 173 -7.19 35.49 -73.27
N LYS D 174 -8.19 35.84 -72.45
CA LYS D 174 -8.42 37.24 -72.09
C LYS D 174 -7.30 37.63 -71.16
N VAL D 175 -6.66 38.76 -71.44
CA VAL D 175 -5.42 39.16 -70.77
C VAL D 175 -4.20 38.19 -70.87
N SER D 176 -3.50 38.35 -72.01
CA SER D 176 -2.26 37.64 -72.38
C SER D 176 -1.21 38.51 -73.16
N ASP D 177 0.07 38.14 -73.02
CA ASP D 177 1.10 38.66 -73.92
C ASP D 177 1.01 37.82 -75.22
N THR D 178 0.45 36.59 -75.14
CA THR D 178 0.74 35.52 -76.13
C THR D 178 -0.37 34.58 -76.67
N VAL D 179 -0.02 33.88 -77.75
CA VAL D 179 -0.70 32.68 -78.18
C VAL D 179 -0.35 31.49 -77.33
N VAL D 180 0.96 31.25 -77.17
CA VAL D 180 1.57 29.97 -76.76
C VAL D 180 1.39 29.50 -75.31
N GLU D 181 0.91 30.37 -74.43
CA GLU D 181 0.93 30.07 -72.98
C GLU D 181 0.43 28.69 -72.58
N PRO D 182 -0.77 28.26 -72.99
CA PRO D 182 -1.23 26.92 -72.64
C PRO D 182 -0.03 26.01 -72.63
N TYR D 183 0.76 26.03 -73.70
CA TYR D 183 1.98 25.24 -73.79
C TYR D 183 2.82 25.50 -72.53
N ASN D 184 3.20 26.76 -72.34
CA ASN D 184 4.04 27.10 -71.20
C ASN D 184 3.43 26.66 -69.87
N ALA D 185 2.13 26.91 -69.71
CA ALA D 185 1.40 26.58 -68.49
C ALA D 185 1.46 25.09 -68.20
N THR D 186 1.09 24.31 -69.20
CA THR D 186 1.02 22.86 -69.07
C THR D 186 2.39 22.28 -68.79
N LEU D 187 3.42 22.96 -69.28
CA LEU D 187 4.78 22.50 -69.09
C LEU D 187 5.31 22.77 -67.69
N SER D 188 4.67 23.71 -67.03
CA SER D 188 5.01 24.10 -65.68
C SER D 188 4.14 23.33 -64.72
N VAL D 189 2.82 23.47 -64.86
CA VAL D 189 1.87 22.73 -64.04
C VAL D 189 2.43 21.34 -63.74
N HIS D 190 2.94 20.69 -64.79
CA HIS D 190 3.69 19.46 -64.64
C HIS D 190 4.84 19.65 -63.65
N GLN D 191 5.78 20.56 -63.95
CA GLN D 191 6.89 20.82 -63.04
C GLN D 191 6.46 21.14 -61.62
N LEU D 192 5.38 21.92 -61.47
CA LEU D 192 4.88 22.33 -60.14
C LEU D 192 4.45 21.12 -59.32
N VAL D 193 3.56 20.30 -59.89
CA VAL D 193 3.02 19.13 -59.19
C VAL D 193 4.07 18.16 -58.65
N GLU D 194 5.33 18.34 -59.04
CA GLU D 194 6.37 17.40 -58.61
C GLU D 194 7.31 17.97 -57.58
N ASN D 195 7.66 19.24 -57.73
CA ASN D 195 8.66 19.81 -56.84
C ASN D 195 8.19 20.91 -55.94
N THR D 196 6.90 21.16 -55.78
CA THR D 196 6.52 22.07 -54.70
C THR D 196 5.61 21.40 -53.69
N ASP D 197 5.37 22.05 -52.57
CA ASP D 197 4.62 21.41 -51.50
C ASP D 197 3.24 22.00 -51.39
N GLU D 198 3.17 23.32 -51.61
CA GLU D 198 1.93 24.04 -51.91
C GLU D 198 2.12 25.14 -52.93
N THR D 199 1.12 25.29 -53.80
CA THR D 199 1.04 26.44 -54.70
C THR D 199 -0.31 27.10 -54.59
N TYR D 200 -0.26 28.43 -54.57
CA TYR D 200 -1.43 29.26 -54.68
C TYR D 200 -1.62 29.56 -56.16
N SER D 201 -2.82 29.22 -56.66
CA SER D 201 -3.23 29.47 -58.01
C SER D 201 -3.96 30.80 -58.04
N ILE D 202 -3.25 31.79 -58.54
CA ILE D 202 -3.83 33.05 -58.92
C ILE D 202 -4.08 32.91 -60.41
N ASP D 203 -5.36 32.76 -60.71
CA ASP D 203 -5.83 32.67 -62.06
C ASP D 203 -6.10 34.10 -62.55
N ASN D 204 -5.36 34.50 -63.59
CA ASN D 204 -5.55 35.83 -64.20
C ASN D 204 -6.97 36.00 -64.69
N GLU D 205 -7.53 34.94 -65.27
CA GLU D 205 -8.95 34.88 -65.67
C GLU D 205 -9.93 35.32 -64.56
N ALA D 206 -9.69 34.86 -63.33
CA ALA D 206 -10.51 35.23 -62.19
C ALA D 206 -10.28 36.69 -61.95
N LEU D 207 -9.01 37.02 -61.71
CA LEU D 207 -8.60 38.40 -61.55
C LEU D 207 -9.26 39.36 -62.53
N TYR D 208 -9.30 39.00 -63.82
CA TYR D 208 -9.99 39.84 -64.81
C TYR D 208 -11.50 39.95 -64.55
N ASP D 209 -12.18 38.79 -64.55
CA ASP D 209 -13.62 38.71 -64.23
C ASP D 209 -13.94 39.46 -62.93
N ILE D 210 -12.91 39.54 -62.08
CA ILE D 210 -12.97 40.13 -60.76
C ILE D 210 -12.81 41.67 -60.84
N CYS D 211 -12.48 42.18 -62.02
CA CYS D 211 -12.32 43.62 -62.22
C CYS D 211 -13.30 44.23 -63.21
N PHE D 212 -14.14 43.38 -63.80
CA PHE D 212 -15.07 43.80 -64.86
C PHE D 212 -16.50 43.33 -64.57
N ARG D 213 -16.61 42.12 -64.02
CA ARG D 213 -17.88 41.59 -63.53
C ARG D 213 -18.21 42.27 -62.21
N THR D 214 -17.14 42.63 -61.49
CA THR D 214 -17.22 43.18 -60.15
C THR D 214 -16.07 44.12 -59.82
N LEU D 215 -16.10 45.35 -60.35
CA LEU D 215 -15.15 46.42 -59.98
C LEU D 215 -15.15 47.68 -60.89
N LYS D 216 -16.19 47.87 -61.72
CA LYS D 216 -16.40 49.08 -62.54
C LYS D 216 -15.30 49.40 -63.55
N LEU D 217 -14.12 48.82 -63.38
CA LEU D 217 -12.94 49.10 -64.22
C LEU D 217 -13.09 48.54 -65.64
N THR D 218 -13.04 49.41 -66.65
CA THR D 218 -13.22 49.02 -68.06
C THR D 218 -12.11 48.11 -68.60
N THR D 219 -10.96 48.67 -68.95
CA THR D 219 -9.81 47.86 -69.37
C THR D 219 -8.79 47.85 -68.23
N PRO D 220 -8.62 46.70 -67.57
CA PRO D 220 -7.77 46.65 -66.39
C PRO D 220 -6.30 46.63 -66.81
N THR D 221 -5.45 47.44 -66.17
CA THR D 221 -4.00 47.40 -66.45
C THR D 221 -3.55 46.14 -65.86
N TYR D 222 -2.26 45.94 -65.98
CA TYR D 222 -1.58 45.02 -65.11
C TYR D 222 -1.57 45.57 -63.68
N GLY D 223 -2.13 46.76 -63.50
CA GLY D 223 -2.07 47.52 -62.26
C GLY D 223 -3.18 47.27 -61.26
N ASP D 224 -4.24 48.08 -61.31
CA ASP D 224 -5.47 47.62 -60.70
C ASP D 224 -5.69 46.24 -61.34
N LEU D 225 -5.51 45.20 -60.54
CA LEU D 225 -5.38 43.81 -61.01
C LEU D 225 -4.21 43.11 -60.30
N ASN D 226 -2.99 43.63 -60.46
CA ASN D 226 -1.87 43.19 -59.62
C ASN D 226 -2.23 43.49 -58.19
N HIS D 227 -2.65 44.74 -58.01
CA HIS D 227 -3.38 45.23 -56.82
C HIS D 227 -4.14 44.15 -56.02
N LEU D 228 -4.87 43.25 -56.70
CA LEU D 228 -5.62 42.16 -56.06
C LEU D 228 -4.71 41.08 -55.48
N VAL D 229 -3.73 40.66 -56.27
CA VAL D 229 -2.76 39.66 -55.82
C VAL D 229 -1.99 40.13 -54.60
N SER D 230 -1.41 41.32 -54.74
CA SER D 230 -0.72 41.95 -53.63
C SER D 230 -1.56 41.92 -52.34
N ALA D 231 -2.86 42.17 -52.43
CA ALA D 231 -3.67 42.11 -51.24
C ALA D 231 -3.85 40.69 -50.75
N THR D 232 -4.09 39.76 -51.68
CA THR D 232 -4.34 38.35 -51.35
C THR D 232 -3.12 37.70 -50.69
N MET D 233 -1.96 38.04 -51.22
CA MET D 233 -0.70 37.55 -50.70
C MET D 233 -0.36 38.03 -49.33
N SER D 234 -0.64 39.30 -49.03
CA SER D 234 -0.53 39.78 -47.64
C SER D 234 -1.42 38.91 -46.75
N GLY D 235 -2.65 38.67 -47.22
CA GLY D 235 -3.63 37.88 -46.54
C GLY D 235 -3.12 36.48 -46.22
N VAL D 236 -2.70 35.78 -47.24
CA VAL D 236 -2.26 34.40 -47.07
C VAL D 236 -1.17 34.22 -46.01
N THR D 237 -0.20 35.12 -46.05
CA THR D 237 1.01 35.06 -45.23
C THR D 237 0.82 35.50 -43.78
N THR D 238 -0.16 36.37 -43.57
CA THR D 238 -0.26 37.12 -42.33
C THR D 238 0.29 36.43 -41.06
N CYS D 239 -0.24 35.27 -40.73
CA CYS D 239 0.13 34.67 -39.47
C CYS D 239 1.44 33.87 -39.48
N LEU D 240 2.25 34.00 -40.55
CA LEU D 240 3.69 33.67 -40.40
C LEU D 240 4.42 34.89 -39.87
N ARG D 241 4.02 36.06 -40.38
CA ARG D 241 4.77 37.32 -40.22
C ARG D 241 4.23 38.24 -39.17
N PHE D 242 3.42 37.74 -38.26
CA PHE D 242 2.79 38.71 -37.39
C PHE D 242 2.71 38.50 -35.85
N PRO D 243 1.77 37.67 -35.38
CA PRO D 243 1.21 37.86 -34.03
C PRO D 243 1.85 37.00 -32.92
N GLY D 244 1.29 35.79 -32.76
CA GLY D 244 1.40 34.97 -31.55
C GLY D 244 0.02 34.36 -31.33
N GLN D 245 -0.75 34.27 -32.43
CA GLN D 245 -2.00 33.53 -32.46
C GLN D 245 -1.62 32.03 -32.52
N LEU D 246 -0.97 31.66 -33.64
CA LEU D 246 -0.64 30.27 -33.97
C LEU D 246 0.87 30.09 -33.84
N ASN D 247 1.51 30.17 -35.02
CA ASN D 247 2.97 30.36 -35.31
C ASN D 247 3.35 29.95 -36.76
N ALA D 248 2.66 28.92 -37.25
CA ALA D 248 2.56 28.63 -38.69
C ALA D 248 3.88 28.30 -39.41
N ASP D 249 4.51 27.20 -38.99
CA ASP D 249 5.75 26.72 -39.60
C ASP D 249 5.73 26.79 -41.09
N LEU D 250 4.54 26.97 -41.69
CA LEU D 250 4.36 26.89 -43.14
C LEU D 250 4.54 25.45 -43.54
N ARG D 251 5.21 24.69 -42.68
CA ARG D 251 5.28 23.28 -42.84
C ARG D 251 4.03 22.85 -42.17
N LYS D 252 3.75 23.45 -41.04
CA LYS D 252 2.51 23.15 -40.37
C LYS D 252 1.38 23.47 -41.32
N LEU D 253 1.44 24.63 -41.97
CA LEU D 253 0.41 25.01 -42.91
C LEU D 253 0.27 23.96 -43.99
N ALA D 254 1.38 23.46 -44.50
CA ALA D 254 1.29 22.41 -45.50
C ALA D 254 0.73 21.07 -44.96
N VAL D 255 1.38 20.47 -43.97
CA VAL D 255 0.95 19.19 -43.43
C VAL D 255 -0.45 19.24 -42.85
N ASN D 256 -1.11 20.39 -42.91
CA ASN D 256 -2.48 20.48 -42.48
C ASN D 256 -3.44 20.74 -43.61
N MET D 257 -2.93 21.24 -44.71
CA MET D 257 -3.79 21.59 -45.82
C MET D 257 -3.74 20.57 -46.90
N VAL D 258 -2.73 19.72 -46.92
CA VAL D 258 -2.60 18.82 -48.05
C VAL D 258 -2.66 17.37 -47.69
N PRO D 259 -3.83 16.79 -47.92
CA PRO D 259 -4.07 15.37 -47.68
C PRO D 259 -3.25 14.54 -48.64
N PHE D 260 -3.10 14.99 -49.87
CA PHE D 260 -2.50 14.10 -50.82
C PHE D 260 -1.29 14.63 -51.58
N PRO D 261 -0.19 13.87 -51.48
CA PRO D 261 1.15 14.33 -51.86
C PRO D 261 1.17 15.08 -53.17
N ARG D 262 0.21 14.86 -54.06
CA ARG D 262 0.22 15.56 -55.32
C ARG D 262 -0.19 17.04 -55.12
N LEU D 263 0.82 17.77 -54.64
CA LEU D 263 0.88 19.11 -53.97
C LEU D 263 -0.33 20.05 -53.97
N HIS D 264 -1.50 19.52 -54.33
CA HIS D 264 -2.76 20.25 -54.42
C HIS D 264 -2.70 21.80 -54.26
N PHE D 265 -3.36 22.41 -55.22
CA PHE D 265 -3.23 23.83 -55.43
C PHE D 265 -4.41 24.52 -54.79
N PHE D 266 -4.06 25.52 -53.99
CA PHE D 266 -5.07 26.25 -53.25
C PHE D 266 -5.68 27.32 -54.13
N MET D 267 -6.99 27.48 -54.09
CA MET D 267 -7.47 28.71 -54.66
C MET D 267 -7.76 29.69 -53.54
N PRO D 268 -7.08 30.82 -53.62
CA PRO D 268 -7.22 31.87 -52.61
C PRO D 268 -8.48 32.69 -52.82
N GLY D 269 -8.75 33.61 -51.91
CA GLY D 269 -9.94 34.44 -52.00
C GLY D 269 -9.77 35.65 -51.10
N PHE D 270 -10.60 36.65 -51.30
CA PHE D 270 -10.47 37.84 -50.49
C PHE D 270 -11.78 38.38 -49.99
N ALA D 271 -11.73 39.37 -49.10
CA ALA D 271 -12.92 39.95 -48.51
C ALA D 271 -13.38 41.23 -49.22
N PRO D 272 -12.95 42.43 -48.81
CA PRO D 272 -13.28 43.66 -49.55
C PRO D 272 -12.22 44.04 -50.63
N LEU D 273 -12.63 44.79 -51.66
CA LEU D 273 -11.76 45.00 -52.84
C LEU D 273 -11.88 46.35 -53.59
N THR D 274 -10.99 46.51 -54.59
CA THR D 274 -10.86 47.65 -55.56
C THR D 274 -9.72 48.68 -55.21
N SER D 275 -9.41 49.59 -56.16
CA SER D 275 -8.51 50.77 -55.95
C SER D 275 -8.98 52.04 -56.71
N LEU D 284 -18.60 46.39 -44.15
CA LEU D 284 -17.98 45.10 -43.94
C LEU D 284 -18.41 44.64 -42.57
N THR D 285 -19.33 43.67 -42.49
CA THR D 285 -20.00 43.34 -41.21
C THR D 285 -19.58 42.08 -40.43
N VAL D 286 -18.84 41.17 -41.08
CA VAL D 286 -18.41 39.85 -40.53
C VAL D 286 -19.23 38.69 -41.15
N PRO D 287 -20.56 38.64 -40.89
CA PRO D 287 -21.46 37.84 -41.75
C PRO D 287 -21.27 38.22 -43.20
N GLU D 288 -21.41 39.52 -43.48
CA GLU D 288 -21.22 40.08 -44.81
C GLU D 288 -19.78 39.92 -45.30
N LEU D 289 -18.91 39.46 -44.40
CA LEU D 289 -17.52 39.19 -44.75
C LEU D 289 -17.34 37.75 -45.21
N THR D 290 -17.87 36.79 -44.43
CA THR D 290 -17.74 35.38 -44.78
C THR D 290 -18.50 35.03 -46.04
N GLN D 291 -19.79 35.29 -46.04
CA GLN D 291 -20.61 35.01 -47.20
C GLN D 291 -19.97 35.54 -48.51
N GLN D 292 -19.06 36.52 -48.37
CA GLN D 292 -18.35 37.12 -49.52
C GLN D 292 -17.04 36.39 -49.80
N MET D 293 -16.35 36.00 -48.74
CA MET D 293 -15.04 35.32 -48.83
C MET D 293 -15.19 33.88 -49.35
N PHE D 294 -16.42 33.37 -49.24
CA PHE D 294 -16.76 32.03 -49.67
C PHE D 294 -17.65 32.04 -50.89
N ASP D 295 -17.75 33.20 -51.52
CA ASP D 295 -18.42 33.37 -52.81
C ASP D 295 -17.46 33.10 -53.98
N SER D 296 -17.93 32.30 -54.94
CA SER D 296 -17.14 31.98 -56.11
C SER D 296 -16.68 33.24 -56.87
N LYS D 297 -17.65 34.15 -57.13
CA LYS D 297 -17.46 35.44 -57.80
C LYS D 297 -16.35 36.31 -57.15
N ASN D 298 -15.66 35.72 -56.15
CA ASN D 298 -14.67 36.38 -55.29
C ASN D 298 -13.41 35.55 -55.07
N MET D 299 -13.35 34.38 -55.73
CA MET D 299 -12.20 33.49 -55.68
C MET D 299 -11.08 34.04 -56.53
N MET D 300 -9.86 33.82 -56.08
CA MET D 300 -8.70 34.25 -56.85
C MET D 300 -8.38 33.30 -58.04
N ALA D 301 -9.00 32.12 -58.06
CA ALA D 301 -8.94 31.21 -59.22
C ALA D 301 -10.30 31.03 -59.88
N ALA D 302 -10.28 31.02 -61.21
CA ALA D 302 -11.49 30.94 -62.03
C ALA D 302 -12.11 29.54 -61.91
N CYS D 303 -12.85 29.36 -60.82
CA CYS D 303 -13.69 28.20 -60.65
C CYS D 303 -15.01 28.68 -60.07
N ASP D 304 -15.79 27.73 -59.59
CA ASP D 304 -17.03 28.01 -58.89
C ASP D 304 -17.06 26.87 -57.90
N PRO D 305 -16.42 27.06 -56.75
CA PRO D 305 -16.30 26.00 -55.73
C PRO D 305 -17.69 25.55 -55.28
N ARG D 306 -18.28 24.79 -56.19
CA ARG D 306 -19.66 24.40 -56.18
C ARG D 306 -19.64 23.13 -56.99
N HIS D 307 -19.23 23.22 -58.27
CA HIS D 307 -18.85 22.04 -59.04
C HIS D 307 -17.60 21.53 -58.37
N GLY D 308 -17.75 20.78 -57.29
CA GLY D 308 -16.61 20.25 -56.59
C GLY D 308 -16.49 20.80 -55.20
N ARG D 309 -15.87 20.00 -54.35
CA ARG D 309 -15.91 20.21 -52.92
C ARG D 309 -14.60 20.72 -52.36
N TYR D 310 -14.63 21.08 -51.09
CA TYR D 310 -13.44 21.50 -50.39
C TYR D 310 -12.79 20.31 -49.71
N LEU D 311 -11.51 20.10 -49.99
CA LEU D 311 -10.70 19.11 -49.32
C LEU D 311 -10.35 19.62 -47.93
N THR D 312 -9.67 20.76 -47.89
CA THR D 312 -9.47 21.51 -46.64
C THR D 312 -9.54 23.03 -46.89
N VAL D 313 -10.00 23.77 -45.90
CA VAL D 313 -10.11 25.22 -45.99
C VAL D 313 -9.36 25.91 -44.88
N ALA D 314 -8.80 27.08 -45.15
CA ALA D 314 -8.22 27.92 -44.08
C ALA D 314 -8.50 29.41 -44.30
N ALA D 315 -9.09 30.06 -43.29
CA ALA D 315 -9.51 31.45 -43.38
C ALA D 315 -8.88 32.26 -42.28
N VAL D 316 -8.36 33.43 -42.65
CA VAL D 316 -7.67 34.32 -41.72
C VAL D 316 -8.15 35.78 -41.82
N PHE D 317 -8.71 36.25 -40.69
CA PHE D 317 -9.41 37.53 -40.58
C PHE D 317 -8.52 38.64 -40.04
N ARG D 318 -8.87 39.89 -40.37
CA ARG D 318 -8.00 41.03 -40.09
C ARG D 318 -8.69 42.31 -39.57
N GLY D 319 -8.38 42.69 -38.32
CA GLY D 319 -8.98 43.89 -37.69
C GLY D 319 -9.69 43.65 -36.36
N ARG D 320 -9.76 44.68 -35.51
CA ARG D 320 -10.30 44.54 -34.16
C ARG D 320 -11.80 44.19 -34.15
N MET D 321 -12.14 42.93 -34.44
CA MET D 321 -13.52 42.43 -34.41
C MET D 321 -13.64 41.21 -33.49
N SER D 322 -14.80 41.01 -32.86
CA SER D 322 -14.99 39.89 -31.93
C SER D 322 -15.07 38.52 -32.64
N MET D 323 -14.19 37.59 -32.23
CA MET D 323 -14.14 36.22 -32.79
C MET D 323 -15.22 35.31 -32.18
N LYS D 324 -15.88 35.82 -31.16
CA LYS D 324 -17.19 35.33 -30.78
C LYS D 324 -18.04 35.18 -32.05
N GLU D 325 -18.10 36.23 -32.87
CA GLU D 325 -18.91 36.24 -34.08
C GLU D 325 -18.33 35.39 -35.22
N VAL D 326 -17.02 35.24 -35.26
CA VAL D 326 -16.40 34.55 -36.38
C VAL D 326 -16.57 33.03 -36.33
N ASP D 327 -16.22 32.41 -35.19
CA ASP D 327 -16.35 30.97 -35.01
C ASP D 327 -17.72 30.57 -35.50
N GLU D 328 -18.66 31.46 -35.21
CA GLU D 328 -20.09 31.27 -35.32
C GLU D 328 -20.57 31.45 -36.74
N GLN D 329 -20.03 32.46 -37.42
CA GLN D 329 -20.27 32.67 -38.84
C GLN D 329 -19.65 31.52 -39.60
N MET D 330 -18.47 31.10 -39.17
CA MET D 330 -17.67 30.11 -39.87
C MET D 330 -18.34 28.75 -39.86
N LEU D 331 -18.68 28.29 -38.66
CA LEU D 331 -19.43 27.05 -38.53
C LEU D 331 -20.75 27.14 -39.26
N ASN D 332 -21.30 28.36 -39.35
CA ASN D 332 -22.53 28.61 -40.07
C ASN D 332 -22.42 28.54 -41.61
N VAL D 333 -21.24 28.74 -42.19
CA VAL D 333 -21.10 28.55 -43.64
C VAL D 333 -21.12 27.06 -43.96
N GLN D 334 -20.35 26.29 -43.19
CA GLN D 334 -20.29 24.82 -43.30
C GLN D 334 -21.55 24.17 -42.73
N ASN D 335 -22.68 24.83 -42.97
CA ASN D 335 -24.00 24.38 -42.55
C ASN D 335 -25.05 24.73 -43.59
N LYS D 336 -25.00 25.96 -44.11
CA LYS D 336 -25.83 26.41 -45.22
C LYS D 336 -25.18 25.99 -46.55
N ASN D 337 -24.03 25.32 -46.43
CA ASN D 337 -23.30 24.76 -47.55
C ASN D 337 -22.76 23.38 -47.17
N SER D 338 -23.43 22.73 -46.22
CA SER D 338 -22.89 21.56 -45.50
C SER D 338 -22.33 20.40 -46.32
N SER D 339 -22.89 20.20 -47.51
CA SER D 339 -22.51 19.10 -48.39
C SER D 339 -21.12 19.24 -49.07
N TYR D 340 -20.65 20.48 -49.25
CA TYR D 340 -19.46 20.79 -50.07
C TYR D 340 -18.16 20.88 -49.26
N PHE D 341 -18.22 20.37 -48.04
CA PHE D 341 -17.01 20.09 -47.27
C PHE D 341 -16.99 18.60 -47.03
N VAL D 342 -16.17 17.91 -47.80
CA VAL D 342 -15.88 16.50 -47.61
C VAL D 342 -16.05 16.10 -46.15
N GLU D 343 -16.70 14.98 -45.89
CA GLU D 343 -16.86 14.58 -44.52
C GLU D 343 -15.95 13.43 -44.12
N TRP D 344 -14.88 13.17 -44.88
CA TRP D 344 -13.86 12.18 -44.45
C TRP D 344 -12.59 12.79 -43.80
N ILE D 345 -12.54 14.11 -43.75
CA ILE D 345 -11.50 14.84 -43.04
C ILE D 345 -12.22 15.73 -42.06
N PRO D 346 -12.25 15.33 -40.81
CA PRO D 346 -13.00 16.03 -39.77
C PRO D 346 -12.82 17.55 -39.81
N ASN D 347 -12.29 18.19 -38.79
CA ASN D 347 -12.33 19.66 -38.77
C ASN D 347 -11.37 20.24 -39.77
N ASN D 348 -11.85 20.32 -41.01
CA ASN D 348 -11.05 20.64 -42.20
C ASN D 348 -11.26 22.06 -42.67
N VAL D 349 -11.74 22.87 -41.74
CA VAL D 349 -11.80 24.30 -41.91
C VAL D 349 -11.47 24.94 -40.54
N LYS D 350 -10.36 25.65 -40.52
CA LYS D 350 -9.85 26.32 -39.32
C LYS D 350 -9.66 27.83 -39.56
N THR D 351 -9.83 28.60 -38.49
CA THR D 351 -9.73 30.05 -38.59
C THR D 351 -8.84 30.66 -37.59
N ALA D 352 -8.32 31.81 -37.98
CA ALA D 352 -7.38 32.56 -37.18
C ALA D 352 -7.74 34.03 -37.26
N VAL D 353 -7.36 34.77 -36.23
CA VAL D 353 -7.69 36.17 -36.15
C VAL D 353 -6.45 36.97 -35.79
N CYS D 354 -5.96 37.79 -36.72
CA CYS D 354 -4.97 38.85 -36.43
C CYS D 354 -5.67 40.21 -36.56
N ASP D 355 -5.40 41.12 -35.63
CA ASP D 355 -6.21 42.33 -35.48
C ASP D 355 -5.50 43.63 -35.89
N ILE D 356 -4.53 43.51 -36.79
CA ILE D 356 -3.83 44.68 -37.31
C ILE D 356 -4.22 44.86 -38.82
N PRO D 357 -5.18 45.76 -39.11
CA PRO D 357 -5.74 46.01 -40.46
C PRO D 357 -4.77 46.05 -41.69
N PRO D 358 -5.19 45.71 -42.94
CA PRO D 358 -4.32 45.82 -44.14
C PRO D 358 -4.11 47.27 -44.65
N ARG D 359 -4.01 47.55 -45.96
CA ARG D 359 -4.07 48.96 -46.47
C ARG D 359 -5.32 49.61 -45.87
N GLY D 360 -5.92 50.63 -46.49
CA GLY D 360 -7.15 51.26 -45.97
C GLY D 360 -7.94 50.41 -44.95
N LEU D 361 -9.04 49.81 -45.41
CA LEU D 361 -9.63 48.56 -44.84
C LEU D 361 -9.63 48.27 -43.28
N LYS D 362 -10.77 48.61 -42.62
CA LYS D 362 -11.00 48.38 -41.17
C LYS D 362 -11.24 46.91 -40.79
N MET D 363 -11.98 46.19 -41.65
CA MET D 363 -12.15 44.74 -41.58
C MET D 363 -11.51 44.11 -42.81
N SER D 364 -11.53 42.79 -42.89
CA SER D 364 -10.96 42.08 -44.03
C SER D 364 -10.92 40.61 -43.67
N ALA D 365 -10.91 39.78 -44.69
CA ALA D 365 -10.53 38.37 -44.55
C ALA D 365 -9.84 37.88 -45.80
N THR D 366 -9.16 36.75 -45.67
CA THR D 366 -8.59 36.11 -46.84
C THR D 366 -8.86 34.62 -46.70
N PHE D 367 -8.79 33.89 -47.80
CA PHE D 367 -9.26 32.51 -47.81
C PHE D 367 -8.35 31.58 -48.61
N ILE D 368 -7.88 30.50 -48.00
CA ILE D 368 -7.09 29.51 -48.72
C ILE D 368 -7.86 28.20 -48.82
N GLY D 369 -8.03 27.71 -50.04
CA GLY D 369 -8.88 26.56 -50.29
C GLY D 369 -8.39 25.45 -51.21
N ASN D 370 -8.06 24.30 -50.62
CA ASN D 370 -7.76 23.11 -51.40
C ASN D 370 -9.09 22.57 -51.84
N SER D 371 -9.45 22.90 -53.08
CA SER D 371 -10.77 22.53 -53.64
C SER D 371 -10.67 21.74 -54.95
N THR D 372 -11.33 20.58 -54.99
CA THR D 372 -11.33 19.76 -56.19
C THR D 372 -11.92 20.50 -57.40
N ALA D 373 -12.53 21.66 -57.14
CA ALA D 373 -13.12 22.48 -58.19
C ALA D 373 -12.03 23.13 -59.00
N ILE D 374 -10.82 23.16 -58.43
CA ILE D 374 -9.59 23.67 -59.07
C ILE D 374 -9.27 22.85 -60.29
N GLN D 375 -9.87 21.66 -60.35
CA GLN D 375 -9.86 20.79 -61.51
C GLN D 375 -10.35 21.54 -62.75
N GLU D 376 -11.41 22.33 -62.60
CA GLU D 376 -12.05 23.12 -63.68
C GLU D 376 -11.08 24.06 -64.38
N LEU D 377 -10.19 24.64 -63.58
CA LEU D 377 -9.05 25.41 -64.04
C LEU D 377 -8.13 24.57 -64.93
N PHE D 378 -7.42 23.60 -64.33
CA PHE D 378 -6.54 22.70 -65.07
C PHE D 378 -7.12 22.14 -66.40
N LYS D 379 -8.35 21.60 -66.32
CA LYS D 379 -9.05 21.09 -67.50
C LYS D 379 -9.08 22.14 -68.58
N ARG D 380 -9.38 23.38 -68.20
CA ARG D 380 -9.48 24.45 -69.18
C ARG D 380 -8.14 24.93 -69.74
N ILE D 381 -7.00 24.67 -69.08
CA ILE D 381 -5.71 24.90 -69.76
C ILE D 381 -5.23 23.73 -70.62
N SER D 382 -5.51 22.49 -70.19
CA SER D 382 -5.28 21.35 -71.06
C SER D 382 -6.28 21.29 -72.23
N GLU D 383 -7.36 22.07 -72.10
CA GLU D 383 -8.40 22.23 -73.11
C GLU D 383 -7.84 22.91 -74.35
N GLN D 384 -7.34 24.14 -74.18
CA GLN D 384 -6.65 24.84 -75.26
C GLN D 384 -5.27 24.24 -75.54
N PHE D 385 -4.74 23.43 -74.63
CA PHE D 385 -3.50 22.75 -74.96
C PHE D 385 -3.74 21.69 -76.01
N THR D 386 -4.56 20.67 -75.71
CA THR D 386 -4.78 19.57 -76.67
C THR D 386 -5.38 20.06 -77.97
N ALA D 387 -5.99 21.24 -77.94
CA ALA D 387 -6.52 21.90 -79.13
C ALA D 387 -5.40 22.43 -80.02
N MET D 388 -4.25 22.66 -79.39
CA MET D 388 -3.07 23.14 -80.10
C MET D 388 -2.12 21.99 -80.42
N PHE D 389 -1.56 21.37 -79.38
CA PHE D 389 -0.68 20.23 -79.57
C PHE D 389 -1.39 19.13 -80.36
N ARG D 390 -2.73 19.23 -80.43
CA ARG D 390 -3.55 18.56 -81.45
C ARG D 390 -2.66 18.30 -82.63
N ARG D 391 -2.72 19.22 -83.60
CA ARG D 391 -1.96 19.19 -84.84
C ARG D 391 -0.66 19.98 -84.69
N LYS D 392 0.09 19.61 -83.65
CA LYS D 392 1.42 20.13 -83.34
C LYS D 392 1.61 21.53 -83.94
N ALA D 393 0.97 22.50 -83.30
CA ALA D 393 0.97 23.90 -83.72
C ALA D 393 2.35 24.55 -83.61
N PHE D 394 2.49 25.56 -82.77
CA PHE D 394 3.72 26.37 -82.67
C PHE D 394 4.88 25.61 -82.07
N LEU D 395 4.74 24.29 -82.01
CA LEU D 395 5.69 23.40 -81.35
C LEU D 395 7.12 23.55 -81.84
N HIS D 396 7.31 23.78 -83.14
CA HIS D 396 8.64 23.94 -83.69
C HIS D 396 9.40 25.10 -83.05
N TRP D 397 8.75 25.84 -82.15
CA TRP D 397 9.44 26.88 -81.38
C TRP D 397 10.25 26.29 -80.23
N TYR D 398 9.84 25.11 -79.79
CA TYR D 398 10.50 24.40 -78.72
C TYR D 398 11.36 23.30 -79.35
N THR D 399 10.77 22.48 -80.23
CA THR D 399 11.53 21.49 -81.01
C THR D 399 12.97 21.97 -81.20
N GLY D 400 13.11 23.14 -81.81
CA GLY D 400 14.39 23.69 -82.21
C GLY D 400 15.27 24.16 -81.08
N GLU D 401 14.68 24.56 -79.96
CA GLU D 401 15.48 25.02 -78.84
C GLU D 401 16.06 23.83 -78.12
N GLY D 402 15.63 22.64 -78.54
CA GLY D 402 16.23 21.39 -78.10
C GLY D 402 15.33 20.37 -77.38
N MET D 403 14.03 20.55 -77.51
CA MET D 403 13.09 19.75 -76.78
C MET D 403 12.53 18.60 -77.59
N ASP D 404 12.08 17.58 -76.90
CA ASP D 404 11.45 16.46 -77.58
C ASP D 404 9.93 16.62 -77.71
N GLU D 405 9.45 16.23 -78.89
CA GLU D 405 8.03 16.04 -79.19
C GLU D 405 7.22 15.49 -78.02
N MET D 406 7.67 14.36 -77.48
CA MET D 406 6.95 13.59 -76.47
C MET D 406 7.00 14.18 -75.03
N GLU D 407 7.84 15.19 -74.80
CA GLU D 407 7.90 15.85 -73.51
C GLU D 407 6.63 16.65 -73.27
N PHE D 408 5.90 16.89 -74.35
CA PHE D 408 4.61 17.57 -74.31
C PHE D 408 3.50 16.58 -73.96
N THR D 409 3.41 15.50 -74.72
CA THR D 409 2.47 14.45 -74.40
C THR D 409 2.69 14.01 -72.96
N GLU D 410 3.94 13.74 -72.60
CA GLU D 410 4.36 13.29 -71.27
C GLU D 410 3.96 14.26 -70.15
N ALA D 411 3.93 15.55 -70.49
CA ALA D 411 3.44 16.57 -69.59
C ALA D 411 1.91 16.62 -69.67
N GLU D 412 1.37 16.69 -70.89
CA GLU D 412 -0.07 16.68 -71.09
C GLU D 412 -0.73 15.56 -70.28
N SER D 413 -0.11 14.37 -70.32
CA SER D 413 -0.63 13.16 -69.68
C SER D 413 -0.51 13.15 -68.15
N ASN D 414 0.59 13.69 -67.61
CA ASN D 414 0.71 13.87 -66.16
C ASN D 414 -0.39 14.80 -65.60
N MET D 415 -0.62 15.89 -66.32
CA MET D 415 -1.60 16.91 -65.99
C MET D 415 -2.99 16.33 -66.01
N ASN D 416 -3.26 15.59 -67.08
CA ASN D 416 -4.52 14.87 -67.25
C ASN D 416 -4.83 14.01 -66.02
N ASP D 417 -3.78 13.38 -65.49
CA ASP D 417 -3.92 12.54 -64.31
C ASP D 417 -4.38 13.38 -63.14
N LEU D 418 -3.62 14.44 -62.85
CA LEU D 418 -3.94 15.36 -61.78
C LEU D 418 -5.44 15.69 -61.81
N VAL D 419 -5.95 16.04 -62.99
CA VAL D 419 -7.37 16.31 -63.19
C VAL D 419 -8.18 15.12 -62.68
N SER D 420 -7.73 13.92 -63.02
CA SER D 420 -8.51 12.73 -62.72
C SER D 420 -8.20 12.10 -61.37
N GLU D 421 -7.42 12.79 -60.55
CA GLU D 421 -7.29 12.33 -59.19
C GLU D 421 -8.22 13.20 -58.39
N TYR D 422 -8.24 14.47 -58.75
CA TYR D 422 -9.15 15.44 -58.17
C TYR D 422 -10.57 14.93 -58.39
N GLN D 423 -10.87 14.62 -59.66
CA GLN D 423 -12.16 14.06 -60.10
C GLN D 423 -12.50 12.77 -59.35
N GLN D 424 -11.46 12.11 -58.83
CA GLN D 424 -11.62 10.90 -58.03
C GLN D 424 -12.07 11.25 -56.63
N TYR D 425 -11.44 12.28 -56.08
CA TYR D 425 -11.72 12.71 -54.71
C TYR D 425 -13.01 13.55 -54.67
N GLN D 426 -13.98 13.10 -55.43
CA GLN D 426 -15.32 13.47 -55.12
C GLN D 426 -15.92 12.09 -54.88
N ASP D 427 -15.42 11.49 -53.79
CA ASP D 427 -15.57 10.06 -53.44
C ASP D 427 -16.77 9.70 -52.52
N ALA D 428 -16.48 9.23 -51.30
CA ALA D 428 -17.51 8.87 -50.30
C ALA D 428 -16.89 8.28 -49.04
N ALA E 1 -20.04 -50.65 71.09
CA ALA E 1 -20.60 -52.00 70.84
C ALA E 1 -20.31 -53.03 71.97
N ASP E 2 -19.48 -52.64 72.96
CA ASP E 2 -18.80 -53.53 73.95
C ASP E 2 -17.55 -54.24 73.32
N MET E 3 -16.35 -53.83 73.74
CA MET E 3 -15.19 -53.72 72.82
C MET E 3 -14.31 -54.93 72.45
N GLU E 4 -13.71 -55.59 73.44
CA GLU E 4 -12.59 -56.54 73.22
C GLU E 4 -11.43 -55.90 72.40
N VAL E 5 -10.38 -55.45 73.11
CA VAL E 5 -9.22 -54.72 72.53
C VAL E 5 -7.83 -55.33 72.88
N ILE E 6 -7.08 -55.79 71.88
CA ILE E 6 -5.75 -56.35 72.11
C ILE E 6 -4.69 -55.25 71.94
N GLU E 7 -3.80 -55.12 72.94
CA GLU E 7 -2.74 -54.08 72.94
C GLU E 7 -1.44 -54.54 72.28
N LEU E 8 -1.04 -53.85 71.22
CA LEU E 8 0.27 -54.05 70.61
C LEU E 8 1.17 -52.88 71.00
N ASN E 9 2.38 -53.18 71.48
CA ASN E 9 3.41 -52.17 71.79
C ASN E 9 2.99 -51.09 72.83
N LYS E 10 3.94 -50.66 73.68
CA LYS E 10 3.69 -49.61 74.70
C LYS E 10 4.92 -48.73 74.85
N CYS E 11 5.23 -47.97 73.81
CA CYS E 11 6.44 -47.18 73.71
C CYS E 11 6.74 -46.29 74.91
N THR E 12 7.60 -45.30 74.70
CA THR E 12 7.94 -44.39 75.78
C THR E 12 7.14 -43.13 75.67
N SER E 13 6.84 -42.77 74.43
CA SER E 13 6.16 -41.55 74.13
C SER E 13 4.78 -41.87 73.63
N GLY E 14 4.36 -43.12 73.83
CA GLY E 14 3.08 -43.57 73.31
C GLY E 14 2.60 -45.00 73.56
N GLN E 15 1.33 -45.23 73.26
CA GLN E 15 0.71 -46.53 73.34
C GLN E 15 0.00 -46.69 72.00
N SER E 16 0.00 -47.89 71.43
CA SER E 16 -0.88 -48.22 70.31
C SER E 16 -1.80 -49.32 70.81
N PHE E 17 -2.71 -49.75 69.95
CA PHE E 17 -3.44 -50.99 70.22
C PHE E 17 -4.50 -51.29 69.16
N GLU E 18 -4.75 -52.57 68.92
CA GLU E 18 -5.81 -53.01 68.01
C GLU E 18 -7.11 -53.08 68.81
N VAL E 19 -8.22 -52.74 68.17
CA VAL E 19 -9.55 -53.02 68.74
C VAL E 19 -10.54 -53.50 67.66
N ILE E 20 -10.69 -54.82 67.56
CA ILE E 20 -11.66 -55.41 66.65
C ILE E 20 -13.00 -55.30 67.31
N LEU E 21 -14.02 -55.10 66.50
CA LEU E 21 -15.32 -54.72 67.02
C LEU E 21 -16.31 -55.83 66.68
N LYS E 22 -16.06 -56.49 65.56
CA LYS E 22 -16.87 -57.60 65.08
C LYS E 22 -16.06 -58.45 64.07
N PRO E 23 -15.52 -59.59 64.54
CA PRO E 23 -14.76 -60.53 63.68
C PRO E 23 -15.19 -60.51 62.20
N PRO E 24 -14.22 -60.42 61.30
CA PRO E 24 -14.47 -60.18 59.86
C PRO E 24 -15.51 -61.06 59.11
N SER E 25 -15.59 -62.35 59.42
CA SER E 25 -16.45 -63.35 58.71
C SER E 25 -16.49 -63.32 57.16
N PHE E 26 -16.02 -64.43 56.57
CA PHE E 26 -15.88 -64.60 55.11
C PHE E 26 -15.17 -65.94 54.84
N ASP E 27 -14.14 -65.85 53.99
CA ASP E 27 -13.13 -66.89 53.83
C ASP E 27 -11.78 -66.22 53.55
N PRO E 42 8.70 -55.63 39.04
CA PRO E 42 9.70 -54.89 38.24
C PRO E 42 9.32 -53.44 37.76
N SER E 43 9.87 -52.42 38.44
CA SER E 43 9.88 -51.05 37.93
C SER E 43 10.88 -50.94 36.76
N LEU E 44 11.88 -51.83 36.77
CA LEU E 44 12.81 -52.17 35.66
C LEU E 44 13.37 -51.04 34.79
N GLU E 45 14.68 -50.79 34.92
CA GLU E 45 15.39 -49.63 34.32
C GLU E 45 15.37 -49.42 32.78
N GLU E 46 15.60 -50.50 32.03
CA GLU E 46 15.68 -50.46 30.56
C GLU E 46 14.90 -49.33 29.90
N ILE E 47 13.62 -49.17 30.26
CA ILE E 47 12.75 -48.10 29.76
C ILE E 47 13.07 -46.68 30.30
N GLN E 48 14.20 -46.17 29.81
CA GLN E 48 14.47 -44.73 29.71
C GLN E 48 14.74 -44.42 28.21
N LYS E 49 15.08 -45.46 27.43
CA LYS E 49 15.11 -45.38 25.97
C LYS E 49 13.73 -44.93 25.45
N LYS E 50 12.81 -44.76 26.40
CA LYS E 50 11.44 -44.29 26.16
C LYS E 50 11.31 -42.82 26.57
N LEU E 51 12.47 -42.17 26.66
CA LEU E 51 12.59 -40.80 27.14
C LEU E 51 13.55 -40.10 26.19
N GLU E 52 14.37 -40.93 25.55
CA GLU E 52 14.99 -40.58 24.28
C GLU E 52 14.16 -41.19 23.15
N ALA E 53 12.96 -41.66 23.49
CA ALA E 53 11.92 -41.98 22.51
C ALA E 53 11.05 -40.73 22.27
N ALA E 54 10.95 -39.88 23.27
CA ALA E 54 10.42 -38.54 23.07
C ALA E 54 11.50 -37.78 22.33
N GLU E 55 12.58 -37.47 23.05
CA GLU E 55 13.75 -36.77 22.54
C GLU E 55 14.02 -36.88 21.03
N GLU E 56 13.64 -38.00 20.43
CA GLU E 56 13.78 -38.21 18.98
C GLU E 56 12.41 -38.42 18.31
N ARG E 57 11.47 -37.56 18.64
CA ARG E 57 10.16 -37.54 18.03
C ARG E 57 9.85 -36.07 18.10
N ARG E 58 10.62 -35.40 18.95
CA ARG E 58 10.47 -33.98 19.23
C ARG E 58 11.54 -33.20 18.49
N LYS E 59 12.60 -33.88 18.09
CA LYS E 59 13.59 -33.23 17.23
C LYS E 59 13.15 -33.38 15.79
N TYR E 60 12.27 -34.35 15.54
CA TYR E 60 11.61 -34.53 14.25
C TYR E 60 10.60 -33.40 14.14
N GLN E 61 9.49 -33.51 14.88
CA GLN E 61 8.50 -32.44 15.01
C GLN E 61 9.08 -31.07 14.60
N GLU E 62 10.24 -30.73 15.17
CA GLU E 62 10.93 -29.44 14.95
C GLU E 62 11.78 -29.37 13.64
N ALA E 63 12.76 -30.25 13.48
CA ALA E 63 13.65 -30.19 12.32
C ALA E 63 12.88 -30.45 11.02
N GLU E 64 11.61 -30.77 11.17
CA GLU E 64 10.61 -30.72 10.08
C GLU E 64 10.13 -29.29 9.86
N LEU E 65 9.21 -28.80 10.70
CA LEU E 65 8.75 -27.41 10.66
C LEU E 65 9.89 -26.41 10.92
N LEU E 66 11.11 -26.80 10.55
CA LEU E 66 12.29 -25.94 10.54
C LEU E 66 12.88 -26.03 9.11
N LYS E 67 13.18 -27.24 8.65
CA LYS E 67 13.51 -27.50 7.25
C LYS E 67 12.22 -27.44 6.40
N HIS E 68 11.20 -26.80 6.97
CA HIS E 68 9.91 -26.55 6.33
C HIS E 68 9.60 -25.06 6.37
N LEU E 69 10.35 -24.35 7.21
CA LEU E 69 10.36 -22.91 7.17
C LEU E 69 11.60 -22.46 6.42
N ALA E 70 12.50 -23.42 6.20
CA ALA E 70 13.60 -23.27 5.25
C ALA E 70 13.07 -23.50 3.83
N GLU E 71 11.81 -23.93 3.75
CA GLU E 71 11.04 -24.05 2.50
C GLU E 71 10.63 -22.65 2.04
N LYS E 72 9.75 -22.00 2.81
CA LYS E 72 9.37 -20.61 2.57
C LYS E 72 10.61 -19.67 2.52
N ARG E 73 11.75 -20.10 3.06
CA ARG E 73 12.93 -19.23 3.16
C ARG E 73 13.48 -18.77 1.82
N GLU E 74 13.92 -19.72 1.00
CA GLU E 74 14.44 -19.44 -0.35
C GLU E 74 13.35 -19.71 -1.36
N HIS E 75 12.17 -19.23 -1.01
CA HIS E 75 11.13 -18.89 -1.94
C HIS E 75 11.13 -17.37 -1.83
N GLU E 76 11.82 -16.84 -0.83
CA GLU E 76 12.01 -15.39 -0.74
C GLU E 76 13.06 -14.98 -1.75
N ARG E 77 14.11 -15.80 -1.83
CA ARG E 77 15.13 -15.66 -2.84
C ARG E 77 14.49 -15.65 -4.25
N GLU E 78 13.19 -16.00 -4.32
CA GLU E 78 12.47 -16.23 -5.57
C GLU E 78 11.62 -15.07 -6.01
N VAL E 79 10.77 -14.58 -5.11
CA VAL E 79 9.99 -13.39 -5.39
C VAL E 79 10.97 -12.24 -5.49
N ILE E 80 11.96 -12.17 -4.59
CA ILE E 80 13.01 -11.16 -4.72
C ILE E 80 13.87 -11.39 -5.97
N GLN E 81 13.55 -12.41 -6.78
CA GLN E 81 14.23 -12.59 -8.06
C GLN E 81 13.32 -12.45 -9.27
N LYS E 82 12.19 -13.16 -9.27
CA LYS E 82 11.23 -13.12 -10.38
C LYS E 82 10.76 -11.70 -10.67
N ALA E 83 11.18 -10.78 -9.80
CA ALA E 83 10.92 -9.33 -9.94
C ALA E 83 12.07 -8.69 -10.65
N ILE E 84 13.22 -8.73 -9.99
CA ILE E 84 14.42 -8.17 -10.54
C ILE E 84 14.66 -8.75 -11.94
N GLU E 85 14.45 -10.05 -12.11
CA GLU E 85 14.64 -10.69 -13.41
C GLU E 85 13.55 -10.26 -14.34
N GLU E 86 12.36 -9.99 -13.78
CA GLU E 86 11.18 -9.55 -14.55
C GLU E 86 11.40 -8.16 -15.15
N ASN E 87 12.16 -7.35 -14.43
CA ASN E 87 12.50 -5.99 -14.82
C ASN E 87 13.51 -5.89 -15.97
N ASN E 88 14.64 -6.58 -15.84
CA ASN E 88 15.63 -6.59 -16.91
C ASN E 88 15.11 -7.24 -18.17
N ASN E 89 13.96 -7.89 -18.06
CA ASN E 89 13.32 -8.46 -19.22
C ASN E 89 12.51 -7.42 -19.95
N PHE E 90 12.23 -6.33 -19.26
CA PHE E 90 11.44 -5.26 -19.81
C PHE E 90 12.40 -4.19 -20.29
N ILE E 91 13.36 -3.84 -19.44
CA ILE E 91 14.40 -2.90 -19.81
C ILE E 91 15.16 -3.37 -21.07
N LYS E 92 15.91 -4.46 -20.90
CA LYS E 92 16.77 -5.05 -21.94
C LYS E 92 15.94 -5.93 -22.87
N MET E 93 14.88 -5.32 -23.40
CA MET E 93 13.96 -5.92 -24.34
C MET E 93 13.30 -4.77 -25.11
N ALA E 94 12.62 -3.88 -24.39
CA ALA E 94 12.19 -2.61 -24.98
C ALA E 94 13.26 -1.54 -24.70
N LYS E 95 14.50 -1.86 -25.09
CA LYS E 95 15.50 -0.87 -25.49
C LYS E 95 15.79 -1.02 -27.01
N GLU E 96 15.83 -2.29 -27.45
CA GLU E 96 15.93 -2.64 -28.87
C GLU E 96 14.55 -2.82 -29.52
N LYS E 97 13.51 -2.86 -28.69
CA LYS E 97 12.15 -2.67 -29.16
C LYS E 97 11.90 -1.17 -29.45
N LEU E 98 12.93 -0.35 -29.23
CA LEU E 98 12.92 1.09 -29.52
C LEU E 98 13.99 1.36 -30.56
N ALA E 99 15.23 1.15 -30.17
CA ALA E 99 16.35 1.48 -31.02
C ALA E 99 16.36 0.70 -32.34
N GLN E 100 15.73 -0.47 -32.39
CA GLN E 100 15.66 -1.29 -33.61
C GLN E 100 14.39 -1.01 -34.41
N LYS E 101 13.67 -0.01 -33.92
CA LYS E 101 12.58 0.63 -34.64
C LYS E 101 13.04 2.08 -34.92
N MET E 102 14.35 2.33 -34.89
CA MET E 102 14.90 3.68 -35.02
C MET E 102 16.25 3.63 -35.70
N GLU E 103 16.48 2.52 -36.37
CA GLU E 103 17.56 2.35 -37.31
C GLU E 103 16.73 1.81 -38.40
N SER E 104 15.57 1.34 -37.99
CA SER E 104 14.50 1.03 -38.91
C SER E 104 13.99 2.34 -39.50
N ASN E 105 14.02 3.39 -38.70
CA ASN E 105 13.54 4.69 -39.15
C ASN E 105 14.53 5.37 -40.10
N LYS E 106 15.76 5.60 -39.62
CA LYS E 106 16.86 6.13 -40.44
C LYS E 106 16.87 5.42 -41.81
N GLU E 107 17.09 4.10 -41.82
CA GLU E 107 17.18 3.33 -43.06
C GLU E 107 16.00 3.62 -44.00
N ASN E 108 14.88 4.12 -43.44
CA ASN E 108 13.64 4.36 -44.19
C ASN E 108 13.48 5.73 -44.86
N ARG E 109 14.06 6.75 -44.23
CA ARG E 109 14.01 8.08 -44.79
C ARG E 109 15.35 8.42 -45.40
N GLU E 110 16.40 8.29 -44.58
CA GLU E 110 17.80 8.52 -44.97
C GLU E 110 18.10 7.92 -46.36
N ALA E 111 17.27 6.97 -46.78
CA ALA E 111 17.29 6.41 -48.14
C ALA E 111 15.92 6.58 -48.87
N HIS E 112 15.15 7.53 -48.37
CA HIS E 112 14.03 8.06 -49.10
C HIS E 112 14.24 9.55 -49.47
N LEU E 113 14.98 10.29 -48.64
CA LEU E 113 15.41 11.64 -49.02
C LEU E 113 16.35 11.50 -50.19
N ALA E 114 16.94 10.30 -50.33
CA ALA E 114 17.78 9.93 -51.48
C ALA E 114 17.03 9.16 -52.59
N ALA E 115 15.73 8.94 -52.39
CA ALA E 115 14.87 8.29 -53.40
C ALA E 115 14.12 9.40 -54.01
N MET E 116 14.24 10.57 -53.37
CA MET E 116 13.78 11.85 -53.89
C MET E 116 14.85 12.48 -54.76
N LEU E 117 16.12 12.37 -54.33
CA LEU E 117 17.25 13.04 -54.98
C LEU E 117 17.60 12.45 -56.36
N GLU E 118 17.61 11.12 -56.46
CA GLU E 118 17.96 10.39 -57.68
C GLU E 118 16.86 10.43 -58.75
N ARG E 119 15.63 10.71 -58.32
CA ARG E 119 14.49 10.94 -59.24
C ARG E 119 14.52 12.40 -59.76
N LEU E 120 15.56 13.15 -59.39
CA LEU E 120 15.73 14.56 -59.75
C LEU E 120 16.95 14.79 -60.65
N GLN E 121 18.11 14.48 -60.08
CA GLN E 121 19.37 14.18 -60.80
C GLN E 121 19.18 13.31 -62.06
N GLU E 122 17.92 13.08 -62.40
CA GLU E 122 17.55 12.28 -63.56
C GLU E 122 16.75 13.19 -64.53
N LYS E 123 15.86 14.02 -64.01
CA LYS E 123 15.26 15.00 -64.89
C LYS E 123 16.26 16.18 -64.95
N ASP E 124 17.52 15.85 -64.69
CA ASP E 124 18.61 16.81 -64.57
C ASP E 124 19.71 16.44 -65.57
N LYS E 125 20.28 15.25 -65.39
CA LYS E 125 21.13 14.60 -66.40
C LYS E 125 20.34 14.43 -67.72
N HIS E 126 19.21 15.15 -67.80
CA HIS E 126 18.32 15.13 -68.97
C HIS E 126 18.22 16.55 -69.54
N ALA E 127 18.51 17.54 -68.70
CA ALA E 127 18.75 18.90 -69.22
C ALA E 127 19.96 18.83 -70.14
N GLU E 128 21.07 18.28 -69.65
CA GLU E 128 22.32 18.16 -70.40
C GLU E 128 22.16 17.35 -71.70
N GLU E 129 21.59 16.15 -71.60
CA GLU E 129 21.36 15.26 -72.77
C GLU E 129 20.18 15.66 -73.71
N VAL E 130 19.59 16.85 -73.48
CA VAL E 130 18.76 17.60 -74.48
C VAL E 130 19.02 19.11 -74.48
N ARG E 131 20.29 19.45 -74.30
CA ARG E 131 20.86 20.73 -74.67
C ARG E 131 22.14 20.38 -75.39
N LYS E 132 22.69 19.21 -75.10
CA LYS E 132 23.65 18.58 -76.00
C LYS E 132 22.85 17.79 -77.03
N ASN E 133 21.94 18.50 -77.69
CA ASN E 133 21.06 17.97 -78.73
C ASN E 133 20.40 19.19 -79.35
N LYS E 134 20.48 20.30 -78.61
CA LYS E 134 20.21 21.62 -79.16
C LYS E 134 21.47 22.23 -79.74
N GLU E 135 22.65 21.76 -79.32
CA GLU E 135 23.91 22.10 -79.99
C GLU E 135 24.22 21.02 -81.02
N LEU E 136 23.16 20.53 -81.66
CA LEU E 136 23.21 19.60 -82.78
C LEU E 136 22.08 19.86 -83.78
N LYS E 137 20.97 20.44 -83.28
CA LYS E 137 19.74 20.68 -84.06
C LYS E 137 19.82 21.84 -85.10
N GLU E 138 18.83 22.74 -85.13
CA GLU E 138 18.80 23.82 -86.13
C GLU E 138 19.83 24.93 -85.85
#